data_6UDV
# 
_entry.id   6UDV 
# 
_audit_conform.dict_name       mmcif_pdbx.dic 
_audit_conform.dict_version    5.387 
_audit_conform.dict_location   http://mmcif.pdb.org/dictionaries/ascii/mmcif_pdbx.dic 
# 
loop_
_database_2.database_id 
_database_2.database_code 
_database_2.pdbx_database_accession 
_database_2.pdbx_DOI 
PDB   6UDV         pdb_00006udv 10.2210/pdb6udv/pdb 
WWPDB D_1000244447 ?            ?                   
# 
loop_
_pdbx_audit_revision_history.ordinal 
_pdbx_audit_revision_history.data_content_type 
_pdbx_audit_revision_history.major_revision 
_pdbx_audit_revision_history.minor_revision 
_pdbx_audit_revision_history.revision_date 
1 'Structure model' 1 0 2019-12-04 
2 'Structure model' 1 1 2019-12-11 
3 'Structure model' 1 2 2024-03-13 
# 
_pdbx_audit_revision_details.ordinal             1 
_pdbx_audit_revision_details.revision_ordinal    1 
_pdbx_audit_revision_details.data_content_type   'Structure model' 
_pdbx_audit_revision_details.provider            repository 
_pdbx_audit_revision_details.type                'Initial release' 
_pdbx_audit_revision_details.description         ? 
_pdbx_audit_revision_details.details             ? 
# 
loop_
_pdbx_audit_revision_group.ordinal 
_pdbx_audit_revision_group.revision_ordinal 
_pdbx_audit_revision_group.data_content_type 
_pdbx_audit_revision_group.group 
1 2 'Structure model' 'Database references' 
2 3 'Structure model' 'Data collection'     
3 3 'Structure model' 'Database references' 
# 
loop_
_pdbx_audit_revision_category.ordinal 
_pdbx_audit_revision_category.revision_ordinal 
_pdbx_audit_revision_category.data_content_type 
_pdbx_audit_revision_category.category 
1 2 'Structure model' citation        
2 2 'Structure model' citation_author 
3 3 'Structure model' chem_comp_atom  
4 3 'Structure model' chem_comp_bond  
5 3 'Structure model' database_2      
# 
loop_
_pdbx_audit_revision_item.ordinal 
_pdbx_audit_revision_item.revision_ordinal 
_pdbx_audit_revision_item.data_content_type 
_pdbx_audit_revision_item.item 
1 2 'Structure model' '_citation.journal_volume'            
2 2 'Structure model' '_citation.page_first'                
3 2 'Structure model' '_citation.page_last'                 
4 2 'Structure model' '_citation_author.identifier_ORCID'   
5 3 'Structure model' '_database_2.pdbx_DOI'                
6 3 'Structure model' '_database_2.pdbx_database_accession' 
# 
_pdbx_database_status.status_code                     REL 
_pdbx_database_status.status_code_sf                  REL 
_pdbx_database_status.status_code_mr                  ? 
_pdbx_database_status.entry_id                        6UDV 
_pdbx_database_status.recvd_initial_deposition_date   2019-09-19 
_pdbx_database_status.SG_entry                        N 
_pdbx_database_status.deposit_site                    RCSB 
_pdbx_database_status.process_site                    RCSB 
_pdbx_database_status.status_code_cs                  ? 
_pdbx_database_status.methods_development_category    ? 
_pdbx_database_status.pdb_format_compatible           Y 
_pdbx_database_status.status_code_nmr_data            ? 
# 
loop_
_pdbx_database_related.db_name 
_pdbx_database_related.details 
_pdbx_database_related.db_id 
_pdbx_database_related.content_type 
PDB . 6UD2 unspecified 
PDB . 6UDI unspecified 
PDB . 6UDT unspecified 
PDB . 6UDU unspecified 
# 
loop_
_audit_author.name 
_audit_author.pdbx_ordinal 
_audit_author.identifier_ORCID 
'Huang, X.'       1 0000-0001-9350-4176 
'Whittington, D.' 2 0000-0002-5946-8543 
# 
_citation.abstract                  ? 
_citation.abstract_id_CAS           ? 
_citation.book_id_ISBN              ? 
_citation.book_publisher            ? 
_citation.book_publisher_city       ? 
_citation.book_title                ? 
_citation.coordinate_linkage        ? 
_citation.country                   US 
_citation.database_id_Medline       ? 
_citation.details                   ? 
_citation.id                        primary 
_citation.journal_abbrev            J.Med.Chem. 
_citation.journal_id_ASTM           JMCMAR 
_citation.journal_id_CSD            0151 
_citation.journal_id_ISSN           0022-2623 
_citation.journal_full              ? 
_citation.journal_issue             ? 
_citation.journal_volume            62 
_citation.language                  ? 
_citation.page_first                10258 
_citation.page_last                 10271 
_citation.title                     
;Discovery and in Vivo Evaluation of Macrocyclic Mcl-1 Inhibitors Featuring an alpha-Hydroxy Phenylacetic Acid Pharmacophore or Bioisostere.
;
_citation.year                      2019 
_citation.database_id_CSD           ? 
_citation.pdbx_database_id_DOI      10.1021/acs.jmedchem.9b01310 
_citation.pdbx_database_id_PubMed   31736296 
_citation.unpublished_flag          ? 
# 
loop_
_citation_author.citation_id 
_citation_author.name 
_citation_author.ordinal 
_citation_author.identifier_ORCID 
primary 'Rescourio, G.'   1  ? 
primary 'Gonzalez, A.Z.'  2  ? 
primary 'Jabri, S.'       3  ? 
primary 'Belmontes, B.'   4  ? 
primary 'Moody, G.'       5  ? 
primary 'Whittington, D.' 6  ? 
primary 'Huang, X.'       7  ? 
primary 'Caenepeel, S.'   8  ? 
primary 'Cardozo, M.'     9  ? 
primary 'Cheng, A.C.'     10 ? 
primary 'Chow, D.'        11 ? 
primary 'Dou, H.'         12 ? 
primary 'Jones, A.'       13 ? 
primary 'Kelly, R.C.'     14 ? 
primary 'Li, Y.'          15 ? 
primary 'Lizarzaburu, M.' 16 ? 
primary 'Lo, M.C.'        17 ? 
primary 'Mallari, R.'     18 ? 
primary 'Meleza, C.'      19 ? 
primary 'Rew, Y.'         20 ? 
primary 'Simonovich, S.'  21 ? 
primary 'Sun, D.'         22 ? 
primary 'Turcotte, S.'    23 ? 
primary 'Yan, X.'         24 ? 
primary 'Wong, S.G.'      25 ? 
primary 'Yanez, E.'       26 ? 
primary 'Zancanella, M.'  27 ? 
primary 'Houze, J.'       28 ? 
primary 'Medina, J.C.'    29 ? 
primary 'Hughes, P.E.'    30 ? 
primary 'Brown, S.P.'     31 ? 
# 
loop_
_entity.id 
_entity.type 
_entity.src_method 
_entity.pdbx_description 
_entity.formula_weight 
_entity.pdbx_number_of_molecules 
_entity.pdbx_ec 
_entity.pdbx_mutation 
_entity.pdbx_fragment 
_entity.details 
1 polymer     man 'Induced myeloid leukemia cell differentiation protein Mcl-1' 17922.344 1   ? ? ? ? 
2 non-polymer syn 
;(4S,7aR,9aR,10S,11E,14S,15R)-6'-chloro-10-hydroxy-14,15-dimethyl-3',4',7a,8,9,9a,10,13,14,15-decahydro-2'H,3H,5H-spiro[1,19-(ethanediylidene)-16lambda~6~-cyclobuta[i][1,4]oxazepino[3,4-f][1,2,7]thiadiazacyclohexadecine-4,1'-naphthalene]-16,16,18(7H,17H)-trione
;
599.180   1   ? ? ? ? 
3 water       nat water 18.015    156 ? ? ? ? 
# 
_entity_name_com.entity_id   1 
_entity_name_com.name        'Bcl-2-like protein 3,Bcl2-L-3,Bcl-2-related protein EAT/mcl1,mcl1/EAT' 
# 
_entity_poly.entity_id                      1 
_entity_poly.type                           'polypeptide(L)' 
_entity_poly.nstd_linkage                   no 
_entity_poly.nstd_monomer                   no 
_entity_poly.pdbx_seq_one_letter_code       
;EDELYRQSLEIISRYLREQATGAKDTKPMGRSGATSRKALETLRRVGDGVQRNHETAFQGMLRKLDIKNEDDVKSLSRVM
IHVFSDGVTNWGRIVTLISFGAFVAKHLKTINQESCIEPLAESITDVLVRTKRDWLVKQRGWDGFVEFFHVEDLEGG
;
_entity_poly.pdbx_seq_one_letter_code_can   
;EDELYRQSLEIISRYLREQATGAKDTKPMGRSGATSRKALETLRRVGDGVQRNHETAFQGMLRKLDIKNEDDVKSLSRVM
IHVFSDGVTNWGRIVTLISFGAFVAKHLKTINQESCIEPLAESITDVLVRTKRDWLVKQRGWDGFVEFFHVEDLEGG
;
_entity_poly.pdbx_strand_id                 A 
_entity_poly.pdbx_target_identifier         ? 
# 
loop_
_pdbx_entity_nonpoly.entity_id 
_pdbx_entity_nonpoly.name 
_pdbx_entity_nonpoly.comp_id 
2 
;(4S,7aR,9aR,10S,11E,14S,15R)-6'-chloro-10-hydroxy-14,15-dimethyl-3',4',7a,8,9,9a,10,13,14,15-decahydro-2'H,3H,5H-spiro[1,19-(ethanediylidene)-16lambda~6~-cyclobuta[i][1,4]oxazepino[3,4-f][1,2,7]thiadiazacyclohexadecine-4,1'-naphthalene]-16,16,18(7H,17H)-trione
;
Q51 
3 water HOH 
# 
loop_
_entity_poly_seq.entity_id 
_entity_poly_seq.num 
_entity_poly_seq.mon_id 
_entity_poly_seq.hetero 
1 1   GLU n 
1 2   ASP n 
1 3   GLU n 
1 4   LEU n 
1 5   TYR n 
1 6   ARG n 
1 7   GLN n 
1 8   SER n 
1 9   LEU n 
1 10  GLU n 
1 11  ILE n 
1 12  ILE n 
1 13  SER n 
1 14  ARG n 
1 15  TYR n 
1 16  LEU n 
1 17  ARG n 
1 18  GLU n 
1 19  GLN n 
1 20  ALA n 
1 21  THR n 
1 22  GLY n 
1 23  ALA n 
1 24  LYS n 
1 25  ASP n 
1 26  THR n 
1 27  LYS n 
1 28  PRO n 
1 29  MET n 
1 30  GLY n 
1 31  ARG n 
1 32  SER n 
1 33  GLY n 
1 34  ALA n 
1 35  THR n 
1 36  SER n 
1 37  ARG n 
1 38  LYS n 
1 39  ALA n 
1 40  LEU n 
1 41  GLU n 
1 42  THR n 
1 43  LEU n 
1 44  ARG n 
1 45  ARG n 
1 46  VAL n 
1 47  GLY n 
1 48  ASP n 
1 49  GLY n 
1 50  VAL n 
1 51  GLN n 
1 52  ARG n 
1 53  ASN n 
1 54  HIS n 
1 55  GLU n 
1 56  THR n 
1 57  ALA n 
1 58  PHE n 
1 59  GLN n 
1 60  GLY n 
1 61  MET n 
1 62  LEU n 
1 63  ARG n 
1 64  LYS n 
1 65  LEU n 
1 66  ASP n 
1 67  ILE n 
1 68  LYS n 
1 69  ASN n 
1 70  GLU n 
1 71  ASP n 
1 72  ASP n 
1 73  VAL n 
1 74  LYS n 
1 75  SER n 
1 76  LEU n 
1 77  SER n 
1 78  ARG n 
1 79  VAL n 
1 80  MET n 
1 81  ILE n 
1 82  HIS n 
1 83  VAL n 
1 84  PHE n 
1 85  SER n 
1 86  ASP n 
1 87  GLY n 
1 88  VAL n 
1 89  THR n 
1 90  ASN n 
1 91  TRP n 
1 92  GLY n 
1 93  ARG n 
1 94  ILE n 
1 95  VAL n 
1 96  THR n 
1 97  LEU n 
1 98  ILE n 
1 99  SER n 
1 100 PHE n 
1 101 GLY n 
1 102 ALA n 
1 103 PHE n 
1 104 VAL n 
1 105 ALA n 
1 106 LYS n 
1 107 HIS n 
1 108 LEU n 
1 109 LYS n 
1 110 THR n 
1 111 ILE n 
1 112 ASN n 
1 113 GLN n 
1 114 GLU n 
1 115 SER n 
1 116 CYS n 
1 117 ILE n 
1 118 GLU n 
1 119 PRO n 
1 120 LEU n 
1 121 ALA n 
1 122 GLU n 
1 123 SER n 
1 124 ILE n 
1 125 THR n 
1 126 ASP n 
1 127 VAL n 
1 128 LEU n 
1 129 VAL n 
1 130 ARG n 
1 131 THR n 
1 132 LYS n 
1 133 ARG n 
1 134 ASP n 
1 135 TRP n 
1 136 LEU n 
1 137 VAL n 
1 138 LYS n 
1 139 GLN n 
1 140 ARG n 
1 141 GLY n 
1 142 TRP n 
1 143 ASP n 
1 144 GLY n 
1 145 PHE n 
1 146 VAL n 
1 147 GLU n 
1 148 PHE n 
1 149 PHE n 
1 150 HIS n 
1 151 VAL n 
1 152 GLU n 
1 153 ASP n 
1 154 LEU n 
1 155 GLU n 
1 156 GLY n 
1 157 GLY n 
# 
_entity_src_gen.entity_id                          1 
_entity_src_gen.pdbx_src_id                        1 
_entity_src_gen.pdbx_alt_source_flag               sample 
_entity_src_gen.pdbx_seq_type                      'Biological sequence' 
_entity_src_gen.pdbx_beg_seq_num                   1 
_entity_src_gen.pdbx_end_seq_num                   157 
_entity_src_gen.gene_src_common_name               Human 
_entity_src_gen.gene_src_genus                     ? 
_entity_src_gen.pdbx_gene_src_gene                 'MCL1, BCL2L3' 
_entity_src_gen.gene_src_species                   ? 
_entity_src_gen.gene_src_strain                    ? 
_entity_src_gen.gene_src_tissue                    ? 
_entity_src_gen.gene_src_tissue_fraction           ? 
_entity_src_gen.gene_src_details                   ? 
_entity_src_gen.pdbx_gene_src_fragment             ? 
_entity_src_gen.pdbx_gene_src_scientific_name      'Homo sapiens' 
_entity_src_gen.pdbx_gene_src_ncbi_taxonomy_id     9606 
_entity_src_gen.pdbx_gene_src_variant              ? 
_entity_src_gen.pdbx_gene_src_cell_line            ? 
_entity_src_gen.pdbx_gene_src_atcc                 ? 
_entity_src_gen.pdbx_gene_src_organ                ? 
_entity_src_gen.pdbx_gene_src_organelle            ? 
_entity_src_gen.pdbx_gene_src_cell                 ? 
_entity_src_gen.pdbx_gene_src_cellular_location    ? 
_entity_src_gen.host_org_common_name               ? 
_entity_src_gen.pdbx_host_org_scientific_name      'Escherichia coli' 
_entity_src_gen.pdbx_host_org_ncbi_taxonomy_id     562 
_entity_src_gen.host_org_genus                     ? 
_entity_src_gen.pdbx_host_org_gene                 ? 
_entity_src_gen.pdbx_host_org_organ                ? 
_entity_src_gen.host_org_species                   ? 
_entity_src_gen.pdbx_host_org_tissue               ? 
_entity_src_gen.pdbx_host_org_tissue_fraction      ? 
_entity_src_gen.pdbx_host_org_strain               ? 
_entity_src_gen.pdbx_host_org_variant              ? 
_entity_src_gen.pdbx_host_org_cell_line            ? 
_entity_src_gen.pdbx_host_org_atcc                 ? 
_entity_src_gen.pdbx_host_org_culture_collection   ? 
_entity_src_gen.pdbx_host_org_cell                 ? 
_entity_src_gen.pdbx_host_org_organelle            ? 
_entity_src_gen.pdbx_host_org_cellular_location    ? 
_entity_src_gen.pdbx_host_org_vector_type          ? 
_entity_src_gen.pdbx_host_org_vector               ? 
_entity_src_gen.host_org_details                   ? 
_entity_src_gen.expression_system_id               ? 
_entity_src_gen.plasmid_name                       ? 
_entity_src_gen.plasmid_details                    ? 
_entity_src_gen.pdbx_description                   ? 
# 
loop_
_chem_comp.id 
_chem_comp.type 
_chem_comp.mon_nstd_flag 
_chem_comp.name 
_chem_comp.pdbx_synonyms 
_chem_comp.formula 
_chem_comp.formula_weight 
ALA 'L-peptide linking' y ALANINE ? 'C3 H7 N O2'         89.093  
ARG 'L-peptide linking' y ARGININE ? 'C6 H15 N4 O2 1'     175.209 
ASN 'L-peptide linking' y ASPARAGINE ? 'C4 H8 N2 O3'        132.118 
ASP 'L-peptide linking' y 'ASPARTIC ACID' ? 'C4 H7 N O4'         133.103 
CYS 'L-peptide linking' y CYSTEINE ? 'C3 H7 N O2 S'       121.158 
GLN 'L-peptide linking' y GLUTAMINE ? 'C5 H10 N2 O3'       146.144 
GLU 'L-peptide linking' y 'GLUTAMIC ACID' ? 'C5 H9 N O4'         147.129 
GLY 'peptide linking'   y GLYCINE ? 'C2 H5 N O2'         75.067  
HIS 'L-peptide linking' y HISTIDINE ? 'C6 H10 N3 O2 1'     156.162 
HOH non-polymer         . WATER ? 'H2 O'               18.015  
ILE 'L-peptide linking' y ISOLEUCINE ? 'C6 H13 N O2'        131.173 
LEU 'L-peptide linking' y LEUCINE ? 'C6 H13 N O2'        131.173 
LYS 'L-peptide linking' y LYSINE ? 'C6 H15 N2 O2 1'     147.195 
MET 'L-peptide linking' y METHIONINE ? 'C5 H11 N O2 S'      149.211 
PHE 'L-peptide linking' y PHENYLALANINE ? 'C9 H11 N O2'        165.189 
PRO 'L-peptide linking' y PROLINE ? 'C5 H9 N O2'         115.130 
Q51 non-polymer         . 
;(4S,7aR,9aR,10S,11E,14S,15R)-6'-chloro-10-hydroxy-14,15-dimethyl-3',4',7a,8,9,9a,10,13,14,15-decahydro-2'H,3H,5H-spiro[1,19-(ethanediylidene)-16lambda~6~-cyclobuta[i][1,4]oxazepino[3,4-f][1,2,7]thiadiazacyclohexadecine-4,1'-naphthalene]-16,16,18(7H,17H)-trione
;
? 'C32 H39 Cl N2 O5 S' 599.180 
SER 'L-peptide linking' y SERINE ? 'C3 H7 N O3'         105.093 
THR 'L-peptide linking' y THREONINE ? 'C4 H9 N O3'         119.119 
TRP 'L-peptide linking' y TRYPTOPHAN ? 'C11 H12 N2 O2'      204.225 
TYR 'L-peptide linking' y TYROSINE ? 'C9 H11 N O3'        181.189 
VAL 'L-peptide linking' y VALINE ? 'C5 H11 N O2'        117.146 
# 
loop_
_pdbx_poly_seq_scheme.asym_id 
_pdbx_poly_seq_scheme.entity_id 
_pdbx_poly_seq_scheme.seq_id 
_pdbx_poly_seq_scheme.mon_id 
_pdbx_poly_seq_scheme.ndb_seq_num 
_pdbx_poly_seq_scheme.pdb_seq_num 
_pdbx_poly_seq_scheme.auth_seq_num 
_pdbx_poly_seq_scheme.pdb_mon_id 
_pdbx_poly_seq_scheme.auth_mon_id 
_pdbx_poly_seq_scheme.pdb_strand_id 
_pdbx_poly_seq_scheme.pdb_ins_code 
_pdbx_poly_seq_scheme.hetero 
A 1 1   GLU 1   171 ?   ?   ?   A . n 
A 1 2   ASP 2   172 172 ASP ASP A . n 
A 1 3   GLU 3   173 173 GLU GLU A . n 
A 1 4   LEU 4   174 174 LEU LEU A . n 
A 1 5   TYR 5   175 175 TYR TYR A . n 
A 1 6   ARG 6   176 176 ARG ARG A . n 
A 1 7   GLN 7   177 177 GLN GLN A . n 
A 1 8   SER 8   178 178 SER SER A . n 
A 1 9   LEU 9   179 179 LEU LEU A . n 
A 1 10  GLU 10  180 180 GLU GLU A . n 
A 1 11  ILE 11  181 181 ILE ILE A . n 
A 1 12  ILE 12  182 182 ILE ILE A . n 
A 1 13  SER 13  183 183 SER SER A . n 
A 1 14  ARG 14  184 184 ARG ARG A . n 
A 1 15  TYR 15  185 185 TYR TYR A . n 
A 1 16  LEU 16  186 186 LEU LEU A . n 
A 1 17  ARG 17  187 187 ARG ARG A . n 
A 1 18  GLU 18  188 188 GLU GLU A . n 
A 1 19  GLN 19  189 189 GLN GLN A . n 
A 1 20  ALA 20  190 190 ALA ALA A . n 
A 1 21  THR 21  191 191 THR THR A . n 
A 1 22  GLY 22  192 192 GLY GLY A . n 
A 1 23  ALA 23  193 193 ALA ALA A . n 
A 1 24  LYS 24  194 194 LYS LYS A . n 
A 1 25  ASP 25  195 195 ASP ASP A . n 
A 1 26  THR 26  196 196 THR THR A . n 
A 1 27  LYS 27  197 197 LYS LYS A . n 
A 1 28  PRO 28  198 198 PRO PRO A . n 
A 1 29  MET 29  199 199 MET MET A . n 
A 1 30  GLY 30  200 200 GLY GLY A . n 
A 1 31  ARG 31  201 201 ARG ARG A . n 
A 1 32  SER 32  202 202 SER SER A . n 
A 1 33  GLY 33  203 203 GLY GLY A . n 
A 1 34  ALA 34  204 204 ALA ALA A . n 
A 1 35  THR 35  205 205 THR THR A . n 
A 1 36  SER 36  206 206 SER SER A . n 
A 1 37  ARG 37  207 207 ARG ARG A . n 
A 1 38  LYS 38  208 208 LYS LYS A . n 
A 1 39  ALA 39  209 209 ALA ALA A . n 
A 1 40  LEU 40  210 210 LEU LEU A . n 
A 1 41  GLU 41  211 211 GLU GLU A . n 
A 1 42  THR 42  212 212 THR THR A . n 
A 1 43  LEU 43  213 213 LEU LEU A . n 
A 1 44  ARG 44  214 214 ARG ARG A . n 
A 1 45  ARG 45  215 215 ARG ARG A . n 
A 1 46  VAL 46  216 216 VAL VAL A . n 
A 1 47  GLY 47  217 217 GLY GLY A . n 
A 1 48  ASP 48  218 218 ASP ASP A . n 
A 1 49  GLY 49  219 219 GLY GLY A . n 
A 1 50  VAL 50  220 220 VAL VAL A . n 
A 1 51  GLN 51  221 221 GLN GLN A . n 
A 1 52  ARG 52  222 222 ARG ARG A . n 
A 1 53  ASN 53  223 223 ASN ASN A . n 
A 1 54  HIS 54  224 224 HIS HIS A . n 
A 1 55  GLU 55  225 225 GLU GLU A . n 
A 1 56  THR 56  226 226 THR THR A . n 
A 1 57  ALA 57  227 227 ALA ALA A . n 
A 1 58  PHE 58  228 228 PHE PHE A . n 
A 1 59  GLN 59  229 229 GLN GLN A . n 
A 1 60  GLY 60  230 230 GLY GLY A . n 
A 1 61  MET 61  231 231 MET MET A . n 
A 1 62  LEU 62  232 232 LEU LEU A . n 
A 1 63  ARG 63  233 233 ARG ARG A . n 
A 1 64  LYS 64  234 234 LYS LYS A . n 
A 1 65  LEU 65  235 235 LEU LEU A . n 
A 1 66  ASP 66  236 236 ASP ASP A . n 
A 1 67  ILE 67  237 237 ILE ILE A . n 
A 1 68  LYS 68  238 238 LYS LYS A . n 
A 1 69  ASN 69  239 239 ASN ASN A . n 
A 1 70  GLU 70  240 240 GLU GLU A . n 
A 1 71  ASP 71  241 241 ASP ASP A . n 
A 1 72  ASP 72  242 242 ASP ASP A . n 
A 1 73  VAL 73  243 243 VAL VAL A . n 
A 1 74  LYS 74  244 244 LYS LYS A . n 
A 1 75  SER 75  245 245 SER SER A . n 
A 1 76  LEU 76  246 246 LEU LEU A . n 
A 1 77  SER 77  247 247 SER SER A . n 
A 1 78  ARG 78  248 248 ARG ARG A . n 
A 1 79  VAL 79  249 249 VAL VAL A . n 
A 1 80  MET 80  250 250 MET MET A . n 
A 1 81  ILE 81  251 251 ILE ILE A . n 
A 1 82  HIS 82  252 252 HIS HIS A . n 
A 1 83  VAL 83  253 253 VAL VAL A . n 
A 1 84  PHE 84  254 254 PHE PHE A . n 
A 1 85  SER 85  255 255 SER SER A . n 
A 1 86  ASP 86  256 256 ASP ASP A . n 
A 1 87  GLY 87  257 257 GLY GLY A . n 
A 1 88  VAL 88  258 258 VAL VAL A . n 
A 1 89  THR 89  259 259 THR THR A . n 
A 1 90  ASN 90  260 260 ASN ASN A . n 
A 1 91  TRP 91  261 261 TRP TRP A . n 
A 1 92  GLY 92  262 262 GLY GLY A . n 
A 1 93  ARG 93  263 263 ARG ARG A . n 
A 1 94  ILE 94  264 264 ILE ILE A . n 
A 1 95  VAL 95  265 265 VAL VAL A . n 
A 1 96  THR 96  266 266 THR THR A . n 
A 1 97  LEU 97  267 267 LEU LEU A . n 
A 1 98  ILE 98  268 268 ILE ILE A . n 
A 1 99  SER 99  269 269 SER SER A . n 
A 1 100 PHE 100 270 270 PHE PHE A . n 
A 1 101 GLY 101 271 271 GLY GLY A . n 
A 1 102 ALA 102 272 272 ALA ALA A . n 
A 1 103 PHE 103 273 273 PHE PHE A . n 
A 1 104 VAL 104 274 274 VAL VAL A . n 
A 1 105 ALA 105 275 275 ALA ALA A . n 
A 1 106 LYS 106 276 276 LYS LYS A . n 
A 1 107 HIS 107 277 277 HIS HIS A . n 
A 1 108 LEU 108 278 278 LEU LEU A . n 
A 1 109 LYS 109 279 279 LYS LYS A . n 
A 1 110 THR 110 280 280 THR THR A . n 
A 1 111 ILE 111 281 281 ILE ILE A . n 
A 1 112 ASN 112 282 282 ASN ASN A . n 
A 1 113 GLN 113 283 283 GLN GLN A . n 
A 1 114 GLU 114 284 284 GLU GLU A . n 
A 1 115 SER 115 285 285 SER SER A . n 
A 1 116 CYS 116 286 286 CYS CYS A . n 
A 1 117 ILE 117 287 287 ILE ILE A . n 
A 1 118 GLU 118 288 288 GLU GLU A . n 
A 1 119 PRO 119 289 289 PRO PRO A . n 
A 1 120 LEU 120 290 290 LEU LEU A . n 
A 1 121 ALA 121 291 291 ALA ALA A . n 
A 1 122 GLU 122 292 292 GLU GLU A . n 
A 1 123 SER 123 293 293 SER SER A . n 
A 1 124 ILE 124 294 294 ILE ILE A . n 
A 1 125 THR 125 295 295 THR THR A . n 
A 1 126 ASP 126 296 296 ASP ASP A . n 
A 1 127 VAL 127 297 297 VAL VAL A . n 
A 1 128 LEU 128 298 298 LEU LEU A . n 
A 1 129 VAL 129 299 299 VAL VAL A . n 
A 1 130 ARG 130 300 300 ARG ARG A . n 
A 1 131 THR 131 301 301 THR THR A . n 
A 1 132 LYS 132 302 302 LYS LYS A . n 
A 1 133 ARG 133 303 303 ARG ARG A . n 
A 1 134 ASP 134 304 304 ASP ASP A . n 
A 1 135 TRP 135 305 305 TRP TRP A . n 
A 1 136 LEU 136 306 306 LEU LEU A . n 
A 1 137 VAL 137 307 307 VAL VAL A . n 
A 1 138 LYS 138 308 308 LYS LYS A . n 
A 1 139 GLN 139 309 309 GLN GLN A . n 
A 1 140 ARG 140 310 310 ARG ARG A . n 
A 1 141 GLY 141 311 311 GLY GLY A . n 
A 1 142 TRP 142 312 312 TRP TRP A . n 
A 1 143 ASP 143 313 313 ASP ASP A . n 
A 1 144 GLY 144 314 314 GLY GLY A . n 
A 1 145 PHE 145 315 315 PHE PHE A . n 
A 1 146 VAL 146 316 316 VAL VAL A . n 
A 1 147 GLU 147 317 317 GLU GLU A . n 
A 1 148 PHE 148 318 318 PHE PHE A . n 
A 1 149 PHE 149 319 319 PHE PHE A . n 
A 1 150 HIS 150 320 320 HIS HIS A . n 
A 1 151 VAL 151 321 321 VAL VAL A . n 
A 1 152 GLU 152 322 322 GLU GLU A . n 
A 1 153 ASP 153 323 323 ASP ASP A . n 
A 1 154 LEU 154 324 324 LEU LEU A . n 
A 1 155 GLU 155 325 325 GLU GLU A . n 
A 1 156 GLY 156 326 326 GLY GLY A . n 
A 1 157 GLY 157 327 ?   ?   ?   A . n 
# 
loop_
_pdbx_nonpoly_scheme.asym_id 
_pdbx_nonpoly_scheme.entity_id 
_pdbx_nonpoly_scheme.mon_id 
_pdbx_nonpoly_scheme.ndb_seq_num 
_pdbx_nonpoly_scheme.pdb_seq_num 
_pdbx_nonpoly_scheme.auth_seq_num 
_pdbx_nonpoly_scheme.pdb_mon_id 
_pdbx_nonpoly_scheme.auth_mon_id 
_pdbx_nonpoly_scheme.pdb_strand_id 
_pdbx_nonpoly_scheme.pdb_ins_code 
B 2 Q51 1   401 1   Q51 UNL A . 
C 3 HOH 1   501 41  HOH HOH A . 
C 3 HOH 2   502 115 HOH HOH A . 
C 3 HOH 3   503 118 HOH HOH A . 
C 3 HOH 4   504 87  HOH HOH A . 
C 3 HOH 5   505 156 HOH HOH A . 
C 3 HOH 6   506 17  HOH HOH A . 
C 3 HOH 7   507 124 HOH HOH A . 
C 3 HOH 8   508 129 HOH HOH A . 
C 3 HOH 9   509 119 HOH HOH A . 
C 3 HOH 10  510 111 HOH HOH A . 
C 3 HOH 11  511 69  HOH HOH A . 
C 3 HOH 12  512 4   HOH HOH A . 
C 3 HOH 13  513 34  HOH HOH A . 
C 3 HOH 14  514 23  HOH HOH A . 
C 3 HOH 15  515 155 HOH HOH A . 
C 3 HOH 16  516 101 HOH HOH A . 
C 3 HOH 17  517 54  HOH HOH A . 
C 3 HOH 18  518 95  HOH HOH A . 
C 3 HOH 19  519 80  HOH HOH A . 
C 3 HOH 20  520 12  HOH HOH A . 
C 3 HOH 21  521 49  HOH HOH A . 
C 3 HOH 22  522 32  HOH HOH A . 
C 3 HOH 23  523 27  HOH HOH A . 
C 3 HOH 24  524 26  HOH HOH A . 
C 3 HOH 25  525 18  HOH HOH A . 
C 3 HOH 26  526 106 HOH HOH A . 
C 3 HOH 27  527 22  HOH HOH A . 
C 3 HOH 28  528 11  HOH HOH A . 
C 3 HOH 29  529 24  HOH HOH A . 
C 3 HOH 30  530 91  HOH HOH A . 
C 3 HOH 31  531 72  HOH HOH A . 
C 3 HOH 32  532 40  HOH HOH A . 
C 3 HOH 33  533 47  HOH HOH A . 
C 3 HOH 34  534 116 HOH HOH A . 
C 3 HOH 35  535 63  HOH HOH A . 
C 3 HOH 36  536 77  HOH HOH A . 
C 3 HOH 37  537 33  HOH HOH A . 
C 3 HOH 38  538 39  HOH HOH A . 
C 3 HOH 39  539 134 HOH HOH A . 
C 3 HOH 40  540 20  HOH HOH A . 
C 3 HOH 41  541 31  HOH HOH A . 
C 3 HOH 42  542 42  HOH HOH A . 
C 3 HOH 43  543 2   HOH HOH A . 
C 3 HOH 44  544 114 HOH HOH A . 
C 3 HOH 45  545 100 HOH HOH A . 
C 3 HOH 46  546 25  HOH HOH A . 
C 3 HOH 47  547 142 HOH HOH A . 
C 3 HOH 48  548 79  HOH HOH A . 
C 3 HOH 49  549 59  HOH HOH A . 
C 3 HOH 50  550 137 HOH HOH A . 
C 3 HOH 51  551 7   HOH HOH A . 
C 3 HOH 52  552 52  HOH HOH A . 
C 3 HOH 53  553 153 HOH HOH A . 
C 3 HOH 54  554 144 HOH HOH A . 
C 3 HOH 55  555 132 HOH HOH A . 
C 3 HOH 56  556 6   HOH HOH A . 
C 3 HOH 57  557 78  HOH HOH A . 
C 3 HOH 58  558 13  HOH HOH A . 
C 3 HOH 59  559 45  HOH HOH A . 
C 3 HOH 60  560 126 HOH HOH A . 
C 3 HOH 61  561 68  HOH HOH A . 
C 3 HOH 62  562 147 HOH HOH A . 
C 3 HOH 63  563 97  HOH HOH A . 
C 3 HOH 64  564 143 HOH HOH A . 
C 3 HOH 65  565 3   HOH HOH A . 
C 3 HOH 66  566 64  HOH HOH A . 
C 3 HOH 67  567 44  HOH HOH A . 
C 3 HOH 68  568 36  HOH HOH A . 
C 3 HOH 69  569 65  HOH HOH A . 
C 3 HOH 70  570 5   HOH HOH A . 
C 3 HOH 71  571 62  HOH HOH A . 
C 3 HOH 72  572 135 HOH HOH A . 
C 3 HOH 73  573 10  HOH HOH A . 
C 3 HOH 74  574 90  HOH HOH A . 
C 3 HOH 75  575 56  HOH HOH A . 
C 3 HOH 76  576 16  HOH HOH A . 
C 3 HOH 77  577 89  HOH HOH A . 
C 3 HOH 78  578 51  HOH HOH A . 
C 3 HOH 79  579 103 HOH HOH A . 
C 3 HOH 80  580 96  HOH HOH A . 
C 3 HOH 81  581 104 HOH HOH A . 
C 3 HOH 82  582 29  HOH HOH A . 
C 3 HOH 83  583 151 HOH HOH A . 
C 3 HOH 84  584 105 HOH HOH A . 
C 3 HOH 85  585 30  HOH HOH A . 
C 3 HOH 86  586 75  HOH HOH A . 
C 3 HOH 87  587 99  HOH HOH A . 
C 3 HOH 88  588 8   HOH HOH A . 
C 3 HOH 89  589 9   HOH HOH A . 
C 3 HOH 90  590 57  HOH HOH A . 
C 3 HOH 91  591 108 HOH HOH A . 
C 3 HOH 92  592 35  HOH HOH A . 
C 3 HOH 93  593 15  HOH HOH A . 
C 3 HOH 94  594 28  HOH HOH A . 
C 3 HOH 95  595 84  HOH HOH A . 
C 3 HOH 96  596 74  HOH HOH A . 
C 3 HOH 97  597 21  HOH HOH A . 
C 3 HOH 98  598 146 HOH HOH A . 
C 3 HOH 99  599 55  HOH HOH A . 
C 3 HOH 100 600 37  HOH HOH A . 
C 3 HOH 101 601 1   HOH HOH A . 
C 3 HOH 102 602 43  HOH HOH A . 
C 3 HOH 103 603 120 HOH HOH A . 
C 3 HOH 104 604 141 HOH HOH A . 
C 3 HOH 105 605 71  HOH HOH A . 
C 3 HOH 106 606 121 HOH HOH A . 
C 3 HOH 107 607 38  HOH HOH A . 
C 3 HOH 108 608 14  HOH HOH A . 
C 3 HOH 109 609 125 HOH HOH A . 
C 3 HOH 110 610 93  HOH HOH A . 
C 3 HOH 111 611 86  HOH HOH A . 
C 3 HOH 112 612 123 HOH HOH A . 
C 3 HOH 113 613 139 HOH HOH A . 
C 3 HOH 114 614 107 HOH HOH A . 
C 3 HOH 115 615 98  HOH HOH A . 
C 3 HOH 116 616 70  HOH HOH A . 
C 3 HOH 117 617 150 HOH HOH A . 
C 3 HOH 118 618 92  HOH HOH A . 
C 3 HOH 119 619 138 HOH HOH A . 
C 3 HOH 120 620 19  HOH HOH A . 
C 3 HOH 121 621 102 HOH HOH A . 
C 3 HOH 122 622 145 HOH HOH A . 
C 3 HOH 123 623 109 HOH HOH A . 
C 3 HOH 124 624 50  HOH HOH A . 
C 3 HOH 125 625 88  HOH HOH A . 
C 3 HOH 126 626 46  HOH HOH A . 
C 3 HOH 127 627 136 HOH HOH A . 
C 3 HOH 128 628 112 HOH HOH A . 
C 3 HOH 129 629 94  HOH HOH A . 
C 3 HOH 130 630 73  HOH HOH A . 
C 3 HOH 131 631 83  HOH HOH A . 
C 3 HOH 132 632 149 HOH HOH A . 
C 3 HOH 133 633 133 HOH HOH A . 
C 3 HOH 134 634 122 HOH HOH A . 
C 3 HOH 135 635 140 HOH HOH A . 
C 3 HOH 136 636 152 HOH HOH A . 
C 3 HOH 137 637 76  HOH HOH A . 
C 3 HOH 138 638 113 HOH HOH A . 
C 3 HOH 139 639 58  HOH HOH A . 
C 3 HOH 140 640 61  HOH HOH A . 
C 3 HOH 141 641 127 HOH HOH A . 
C 3 HOH 142 642 82  HOH HOH A . 
C 3 HOH 143 643 148 HOH HOH A . 
C 3 HOH 144 644 85  HOH HOH A . 
C 3 HOH 145 645 154 HOH HOH A . 
C 3 HOH 146 646 81  HOH HOH A . 
C 3 HOH 147 647 110 HOH HOH A . 
C 3 HOH 148 648 117 HOH HOH A . 
C 3 HOH 149 649 130 HOH HOH A . 
C 3 HOH 150 650 53  HOH HOH A . 
C 3 HOH 151 651 60  HOH HOH A . 
C 3 HOH 152 652 128 HOH HOH A . 
C 3 HOH 153 653 131 HOH HOH A . 
C 3 HOH 154 654 67  HOH HOH A . 
C 3 HOH 155 655 66  HOH HOH A . 
C 3 HOH 156 656 48  HOH HOH A . 
# 
loop_
_pdbx_unobs_or_zero_occ_atoms.id 
_pdbx_unobs_or_zero_occ_atoms.PDB_model_num 
_pdbx_unobs_or_zero_occ_atoms.polymer_flag 
_pdbx_unobs_or_zero_occ_atoms.occupancy_flag 
_pdbx_unobs_or_zero_occ_atoms.auth_asym_id 
_pdbx_unobs_or_zero_occ_atoms.auth_comp_id 
_pdbx_unobs_or_zero_occ_atoms.auth_seq_id 
_pdbx_unobs_or_zero_occ_atoms.PDB_ins_code 
_pdbx_unobs_or_zero_occ_atoms.auth_atom_id 
_pdbx_unobs_or_zero_occ_atoms.label_alt_id 
_pdbx_unobs_or_zero_occ_atoms.label_asym_id 
_pdbx_unobs_or_zero_occ_atoms.label_comp_id 
_pdbx_unobs_or_zero_occ_atoms.label_seq_id 
_pdbx_unobs_or_zero_occ_atoms.label_atom_id 
1 1 Y 1 A GLU 173 ? CG  ? A GLU 3 CG  
2 1 Y 1 A GLU 173 ? CD  ? A GLU 3 CD  
3 1 Y 1 A GLU 173 ? OE1 ? A GLU 3 OE1 
4 1 Y 1 A GLU 173 ? OE2 ? A GLU 3 OE2 
# 
loop_
_software.citation_id 
_software.classification 
_software.compiler_name 
_software.compiler_version 
_software.contact_author 
_software.contact_author_email 
_software.date 
_software.description 
_software.dependencies 
_software.hardware 
_software.language 
_software.location 
_software.mods 
_software.name 
_software.os 
_software.os_version 
_software.type 
_software.version 
_software.pdbx_ordinal 
? refinement        ? ? ? ? ? ? ? ? ? ? ? REFMAC      ? ? ? 5.6.0117 1 
? 'data extraction' ? ? ? ? ? ? ? ? ? ? ? PDB_EXTRACT ? ? ? 3.25     2 
? 'data reduction'  ? ? ? ? ? ? ? ? ? ? ? DENZO       ? ? ? .        3 
? 'data scaling'    ? ? ? ? ? ? ? ? ? ? ? SCALEPACK   ? ? ? .        4 
? phasing           ? ? ? ? ? ? ? ? ? ? ? REFMAC      ? ? ? .        5 
# 
_cell.angle_alpha                  90.000 
_cell.angle_alpha_esd              ? 
_cell.angle_beta                   90.000 
_cell.angle_beta_esd               ? 
_cell.angle_gamma                  90.000 
_cell.angle_gamma_esd              ? 
_cell.entry_id                     6UDV 
_cell.details                      ? 
_cell.formula_units_Z              ? 
_cell.length_a                     43.584 
_cell.length_a_esd                 ? 
_cell.length_b                     89.370 
_cell.length_b_esd                 ? 
_cell.length_c                     84.952 
_cell.length_c_esd                 ? 
_cell.volume                       ? 
_cell.volume_esd                   ? 
_cell.Z_PDB                        8 
_cell.reciprocal_angle_alpha       ? 
_cell.reciprocal_angle_beta        ? 
_cell.reciprocal_angle_gamma       ? 
_cell.reciprocal_angle_alpha_esd   ? 
_cell.reciprocal_angle_beta_esd    ? 
_cell.reciprocal_angle_gamma_esd   ? 
_cell.reciprocal_length_a          ? 
_cell.reciprocal_length_b          ? 
_cell.reciprocal_length_c          ? 
_cell.reciprocal_length_a_esd      ? 
_cell.reciprocal_length_b_esd      ? 
_cell.reciprocal_length_c_esd      ? 
_cell.pdbx_unique_axis             ? 
# 
_symmetry.entry_id                         6UDV 
_symmetry.cell_setting                     ? 
_symmetry.Int_Tables_number                20 
_symmetry.space_group_name_Hall            ? 
_symmetry.space_group_name_H-M             'C 2 2 21' 
_symmetry.pdbx_full_space_group_name_H-M   ? 
# 
_exptl.absorpt_coefficient_mu     ? 
_exptl.absorpt_correction_T_max   ? 
_exptl.absorpt_correction_T_min   ? 
_exptl.absorpt_correction_type    ? 
_exptl.absorpt_process_details    ? 
_exptl.entry_id                   6UDV 
_exptl.crystals_number            1 
_exptl.details                    ? 
_exptl.method                     'X-RAY DIFFRACTION' 
_exptl.method_details             ? 
# 
_exptl_crystal.colour                      ? 
_exptl_crystal.density_diffrn              ? 
_exptl_crystal.density_Matthews            2.33 
_exptl_crystal.density_method              ? 
_exptl_crystal.density_percent_sol         47.26 
_exptl_crystal.description                 ? 
_exptl_crystal.F_000                       ? 
_exptl_crystal.id                          1 
_exptl_crystal.preparation                 ? 
_exptl_crystal.size_max                    ? 
_exptl_crystal.size_mid                    ? 
_exptl_crystal.size_min                    ? 
_exptl_crystal.size_rad                    ? 
_exptl_crystal.colour_lustre               ? 
_exptl_crystal.colour_modifier             ? 
_exptl_crystal.colour_primary              ? 
_exptl_crystal.density_meas                ? 
_exptl_crystal.density_meas_esd            ? 
_exptl_crystal.density_meas_gt             ? 
_exptl_crystal.density_meas_lt             ? 
_exptl_crystal.density_meas_temp           ? 
_exptl_crystal.density_meas_temp_esd       ? 
_exptl_crystal.density_meas_temp_gt        ? 
_exptl_crystal.density_meas_temp_lt        ? 
_exptl_crystal.pdbx_crystal_image_url      ? 
_exptl_crystal.pdbx_crystal_image_format   ? 
_exptl_crystal.pdbx_mosaicity              ? 
_exptl_crystal.pdbx_mosaicity_esd          ? 
# 
_exptl_crystal_grow.apparatus       ? 
_exptl_crystal_grow.atmosphere      ? 
_exptl_crystal_grow.crystal_id      1 
_exptl_crystal_grow.details         ? 
_exptl_crystal_grow.method          'VAPOR DIFFUSION, HANGING DROP' 
_exptl_crystal_grow.method_ref      ? 
_exptl_crystal_grow.pH              ? 
_exptl_crystal_grow.pressure        ? 
_exptl_crystal_grow.pressure_esd    ? 
_exptl_crystal_grow.seeding         ? 
_exptl_crystal_grow.seeding_ref     ? 
_exptl_crystal_grow.temp            277 
_exptl_crystal_grow.temp_details    ? 
_exptl_crystal_grow.temp_esd        ? 
_exptl_crystal_grow.time            ? 
_exptl_crystal_grow.pdbx_details    
;0.1 M Tris pH 8.0,
3% eEthanol,
36% PEG6000
;
_exptl_crystal_grow.pdbx_pH_range   ? 
# 
_diffrn.ambient_environment              ? 
_diffrn.ambient_temp                     100 
_diffrn.ambient_temp_details             ? 
_diffrn.ambient_temp_esd                 ? 
_diffrn.crystal_id                       1 
_diffrn.crystal_support                  ? 
_diffrn.crystal_treatment                ? 
_diffrn.details                          ? 
_diffrn.id                               1 
_diffrn.ambient_pressure                 ? 
_diffrn.ambient_pressure_esd             ? 
_diffrn.ambient_pressure_gt              ? 
_diffrn.ambient_pressure_lt              ? 
_diffrn.ambient_temp_gt                  ? 
_diffrn.ambient_temp_lt                  ? 
_diffrn.pdbx_serial_crystal_experiment   N 
# 
_diffrn_detector.details                      ? 
_diffrn_detector.detector                     CCD 
_diffrn_detector.diffrn_id                    1 
_diffrn_detector.type                         'MARMOSAIC 300 mm CCD' 
_diffrn_detector.area_resol_mean              ? 
_diffrn_detector.dtime                        ? 
_diffrn_detector.pdbx_frames_total            ? 
_diffrn_detector.pdbx_collection_time_total   ? 
_diffrn_detector.pdbx_collection_date         2013-02-24 
_diffrn_detector.pdbx_frequency               ? 
# 
_diffrn_radiation.collimation                      ? 
_diffrn_radiation.diffrn_id                        1 
_diffrn_radiation.filter_edge                      ? 
_diffrn_radiation.inhomogeneity                    ? 
_diffrn_radiation.monochromator                    ? 
_diffrn_radiation.polarisn_norm                    ? 
_diffrn_radiation.polarisn_ratio                   ? 
_diffrn_radiation.probe                            ? 
_diffrn_radiation.type                             ? 
_diffrn_radiation.xray_symbol                      ? 
_diffrn_radiation.wavelength_id                    1 
_diffrn_radiation.pdbx_monochromatic_or_laue_m_l   M 
_diffrn_radiation.pdbx_wavelength_list             ? 
_diffrn_radiation.pdbx_wavelength                  ? 
_diffrn_radiation.pdbx_diffrn_protocol             'SINGLE WAVELENGTH' 
_diffrn_radiation.pdbx_analyzer                    ? 
_diffrn_radiation.pdbx_scattering_type             x-ray 
# 
_diffrn_radiation_wavelength.id           1 
_diffrn_radiation_wavelength.wavelength   1.0000 
_diffrn_radiation_wavelength.wt           1.0 
# 
_diffrn_source.current                     ? 
_diffrn_source.details                     ? 
_diffrn_source.diffrn_id                   1 
_diffrn_source.power                       ? 
_diffrn_source.size                        ? 
_diffrn_source.source                      SYNCHROTRON 
_diffrn_source.target                      ? 
_diffrn_source.type                        'APS BEAMLINE 22-ID' 
_diffrn_source.voltage                     ? 
_diffrn_source.take-off_angle              ? 
_diffrn_source.pdbx_wavelength_list        1.0000 
_diffrn_source.pdbx_wavelength             ? 
_diffrn_source.pdbx_synchrotron_beamline   22-ID 
_diffrn_source.pdbx_synchrotron_site       APS 
# 
_reflns.B_iso_Wilson_estimate            ? 
_reflns.entry_id                         6UDV 
_reflns.data_reduction_details           ? 
_reflns.data_reduction_method            ? 
_reflns.d_resolution_high                1.35 
_reflns.d_resolution_low                 50.0 
_reflns.details                          ? 
_reflns.limit_h_max                      ? 
_reflns.limit_h_min                      ? 
_reflns.limit_k_max                      ? 
_reflns.limit_k_min                      ? 
_reflns.limit_l_max                      ? 
_reflns.limit_l_min                      ? 
_reflns.number_all                       ? 
_reflns.number_obs                       36627 
_reflns.observed_criterion               ? 
_reflns.observed_criterion_F_max         ? 
_reflns.observed_criterion_F_min         ? 
_reflns.observed_criterion_I_max         ? 
_reflns.observed_criterion_I_min         ? 
_reflns.observed_criterion_sigma_F       ? 
_reflns.observed_criterion_sigma_I       ? 
_reflns.percent_possible_obs             99.9 
_reflns.R_free_details                   ? 
_reflns.Rmerge_F_all                     ? 
_reflns.Rmerge_F_obs                     ? 
_reflns.Friedel_coverage                 ? 
_reflns.number_gt                        ? 
_reflns.threshold_expression             ? 
_reflns.pdbx_redundancy                  6.02 
_reflns.pdbx_Rmerge_I_obs                0.059 
_reflns.pdbx_Rmerge_I_all                ? 
_reflns.pdbx_Rsym_value                  ? 
_reflns.pdbx_netI_over_av_sigmaI         ? 
_reflns.pdbx_netI_over_sigmaI            11.0 
_reflns.pdbx_res_netI_over_av_sigmaI_2   ? 
_reflns.pdbx_res_netI_over_sigmaI_2      ? 
_reflns.pdbx_chi_squared                 ? 
_reflns.pdbx_scaling_rejects             ? 
_reflns.pdbx_d_res_high_opt              ? 
_reflns.pdbx_d_res_low_opt               ? 
_reflns.pdbx_d_res_opt_method            ? 
_reflns.phase_calculation_details        ? 
_reflns.pdbx_Rrim_I_all                  ? 
_reflns.pdbx_Rpim_I_all                  ? 
_reflns.pdbx_d_opt                       ? 
_reflns.pdbx_number_measured_all         ? 
_reflns.pdbx_diffrn_id                   1 
_reflns.pdbx_ordinal                     1 
_reflns.pdbx_CC_half                     ? 
_reflns.pdbx_R_split                     ? 
# 
_reflns_shell.d_res_high                  1.35 
_reflns_shell.d_res_low                   1.40 
_reflns_shell.meanI_over_sigI_all         ? 
_reflns_shell.meanI_over_sigI_obs         ? 
_reflns_shell.number_measured_all         ? 
_reflns_shell.number_measured_obs         ? 
_reflns_shell.number_possible             ? 
_reflns_shell.number_unique_all           ? 
_reflns_shell.number_unique_obs           3605 
_reflns_shell.percent_possible_all        ? 
_reflns_shell.percent_possible_obs        ? 
_reflns_shell.Rmerge_F_all                ? 
_reflns_shell.Rmerge_F_obs                ? 
_reflns_shell.Rmerge_I_all                ? 
_reflns_shell.Rmerge_I_obs                0.845 
_reflns_shell.meanI_over_sigI_gt          ? 
_reflns_shell.meanI_over_uI_all           ? 
_reflns_shell.meanI_over_uI_gt            ? 
_reflns_shell.number_measured_gt          ? 
_reflns_shell.number_unique_gt            ? 
_reflns_shell.percent_possible_gt         ? 
_reflns_shell.Rmerge_F_gt                 ? 
_reflns_shell.Rmerge_I_gt                 ? 
_reflns_shell.pdbx_redundancy             ? 
_reflns_shell.pdbx_Rsym_value             ? 
_reflns_shell.pdbx_chi_squared            ? 
_reflns_shell.pdbx_netI_over_sigmaI_all   ? 
_reflns_shell.pdbx_netI_over_sigmaI_obs   ? 
_reflns_shell.pdbx_Rrim_I_all             ? 
_reflns_shell.pdbx_Rpim_I_all             ? 
_reflns_shell.pdbx_rejects                ? 
_reflns_shell.pdbx_ordinal                1 
_reflns_shell.pdbx_diffrn_id              1 
_reflns_shell.pdbx_CC_half                ? 
_reflns_shell.pdbx_R_split                ? 
# 
_refine.aniso_B[1][1]                            0.1100 
_refine.aniso_B[1][2]                            0.0000 
_refine.aniso_B[1][3]                            0.0000 
_refine.aniso_B[2][2]                            0.7100 
_refine.aniso_B[2][3]                            0.0000 
_refine.aniso_B[3][3]                            -0.8200 
_refine.B_iso_max                                60.970 
_refine.B_iso_mean                               19.1800 
_refine.B_iso_min                                9.720 
_refine.correlation_coeff_Fo_to_Fc               0.9610 
_refine.correlation_coeff_Fo_to_Fc_free          0.9480 
_refine.details                                  
'HYDROGENS HAVE BEEN ADDED IN THE RIDING POSITIONS U VALUES      : REFINED INDIVIDUALLY' 
_refine.diff_density_max                         ? 
_refine.diff_density_max_esd                     ? 
_refine.diff_density_min                         ? 
_refine.diff_density_min_esd                     ? 
_refine.diff_density_rms                         ? 
_refine.diff_density_rms_esd                     ? 
_refine.entry_id                                 6UDV 
_refine.pdbx_refine_id                           'X-RAY DIFFRACTION' 
_refine.ls_abs_structure_details                 ? 
_refine.ls_abs_structure_Flack                   ? 
_refine.ls_abs_structure_Flack_esd               ? 
_refine.ls_abs_structure_Rogers                  ? 
_refine.ls_abs_structure_Rogers_esd              ? 
_refine.ls_d_res_high                            1.3500 
_refine.ls_d_res_low                             44.6900 
_refine.ls_extinction_coef                       ? 
_refine.ls_extinction_coef_esd                   ? 
_refine.ls_extinction_expression                 ? 
_refine.ls_extinction_method                     ? 
_refine.ls_goodness_of_fit_all                   ? 
_refine.ls_goodness_of_fit_all_esd               ? 
_refine.ls_goodness_of_fit_obs                   ? 
_refine.ls_goodness_of_fit_obs_esd               ? 
_refine.ls_hydrogen_treatment                    ? 
_refine.ls_matrix_type                           ? 
_refine.ls_number_constraints                    ? 
_refine.ls_number_parameters                     ? 
_refine.ls_number_reflns_all                     ? 
_refine.ls_number_reflns_obs                     34694 
_refine.ls_number_reflns_R_free                  1894 
_refine.ls_number_reflns_R_work                  ? 
_refine.ls_number_restraints                     ? 
_refine.ls_percent_reflns_obs                    99.7100 
_refine.ls_percent_reflns_R_free                 5.2000 
_refine.ls_R_factor_all                          ? 
_refine.ls_R_factor_obs                          0.2060 
_refine.ls_R_factor_R_free                       0.2404 
_refine.ls_R_factor_R_free_error                 ? 
_refine.ls_R_factor_R_free_error_details         ? 
_refine.ls_R_factor_R_work                       0.2043 
_refine.ls_R_Fsqd_factor_obs                     ? 
_refine.ls_R_I_factor_obs                        ? 
_refine.ls_redundancy_reflns_all                 ? 
_refine.ls_redundancy_reflns_obs                 ? 
_refine.ls_restrained_S_all                      ? 
_refine.ls_restrained_S_obs                      ? 
_refine.ls_shift_over_esd_max                    ? 
_refine.ls_shift_over_esd_mean                   ? 
_refine.ls_structure_factor_coef                 ? 
_refine.ls_weighting_details                     ? 
_refine.ls_weighting_scheme                      ? 
_refine.ls_wR_factor_all                         ? 
_refine.ls_wR_factor_obs                         ? 
_refine.ls_wR_factor_R_free                      ? 
_refine.ls_wR_factor_R_work                      ? 
_refine.occupancy_max                            ? 
_refine.occupancy_min                            ? 
_refine.solvent_model_details                    ? 
_refine.solvent_model_param_bsol                 ? 
_refine.solvent_model_param_ksol                 ? 
_refine.ls_R_factor_gt                           ? 
_refine.ls_goodness_of_fit_gt                    ? 
_refine.ls_goodness_of_fit_ref                   ? 
_refine.ls_shift_over_su_max                     ? 
_refine.ls_shift_over_su_max_lt                  ? 
_refine.ls_shift_over_su_mean                    ? 
_refine.ls_shift_over_su_mean_lt                 ? 
_refine.pdbx_ls_sigma_I                          ? 
_refine.pdbx_ls_sigma_F                          0.000 
_refine.pdbx_ls_sigma_Fsqd                       ? 
_refine.pdbx_data_cutoff_high_absF               ? 
_refine.pdbx_data_cutoff_high_rms_absF           ? 
_refine.pdbx_data_cutoff_low_absF                ? 
_refine.pdbx_isotropic_thermal_model             ? 
_refine.pdbx_ls_cross_valid_method               THROUGHOUT 
_refine.pdbx_method_to_determine_struct          'MOLECULAR REPLACEMENT' 
_refine.pdbx_starting_model                      ? 
_refine.pdbx_stereochemistry_target_values       ? 
_refine.pdbx_R_Free_selection_details            RANDOM 
_refine.pdbx_stereochem_target_val_spec_case     ? 
_refine.pdbx_overall_ESU_R                       0.0630 
_refine.pdbx_overall_ESU_R_Free                  0.0670 
_refine.pdbx_solvent_vdw_probe_radii             1.2000 
_refine.pdbx_solvent_ion_probe_radii             0.8000 
_refine.pdbx_solvent_shrinkage_radii             0.8000 
_refine.pdbx_real_space_R                        ? 
_refine.pdbx_density_correlation                 ? 
_refine.pdbx_pd_number_of_powder_patterns        ? 
_refine.pdbx_pd_number_of_points                 ? 
_refine.pdbx_pd_meas_number_of_points            ? 
_refine.pdbx_pd_proc_ls_prof_R_factor            ? 
_refine.pdbx_pd_proc_ls_prof_wR_factor           ? 
_refine.pdbx_pd_Marquardt_correlation_coeff      ? 
_refine.pdbx_pd_Fsqrd_R_factor                   ? 
_refine.pdbx_pd_ls_matrix_band_width             ? 
_refine.pdbx_overall_phase_error                 ? 
_refine.pdbx_overall_SU_R_free_Cruickshank_DPI   ? 
_refine.pdbx_overall_SU_R_free_Blow_DPI          ? 
_refine.pdbx_overall_SU_R_Blow_DPI               ? 
_refine.pdbx_TLS_residual_ADP_flag               ? 
_refine.pdbx_diffrn_id                           1 
_refine.overall_SU_B                             0.9790 
_refine.overall_SU_ML                            0.0410 
_refine.overall_SU_R_Cruickshank_DPI             ? 
_refine.overall_SU_R_free                        ? 
_refine.overall_FOM_free_R_set                   ? 
_refine.overall_FOM_work_R_set                   ? 
_refine.pdbx_average_fsc_overall                 ? 
_refine.pdbx_average_fsc_work                    ? 
_refine.pdbx_average_fsc_free                    ? 
# 
_refine_hist.pdbx_refine_id                   'X-RAY DIFFRACTION' 
_refine_hist.cycle_id                         final 
_refine_hist.details                          ? 
_refine_hist.d_res_high                       1.3500 
_refine_hist.d_res_low                        44.6900 
_refine_hist.number_atoms_solvent             156 
_refine_hist.number_atoms_total               1439 
_refine_hist.number_reflns_all                ? 
_refine_hist.number_reflns_obs                ? 
_refine_hist.number_reflns_R_free             ? 
_refine_hist.number_reflns_R_work             ? 
_refine_hist.R_factor_all                     ? 
_refine_hist.R_factor_obs                     ? 
_refine_hist.R_factor_R_free                  ? 
_refine_hist.R_factor_R_work                  ? 
_refine_hist.pdbx_number_residues_total       155 
_refine_hist.pdbx_B_iso_mean_ligand           15.08 
_refine_hist.pdbx_B_iso_mean_solvent          33.83 
_refine_hist.pdbx_number_atoms_protein        1242 
_refine_hist.pdbx_number_atoms_nucleic_acid   0 
_refine_hist.pdbx_number_atoms_ligand         41 
_refine_hist.pdbx_number_atoms_lipid          ? 
_refine_hist.pdbx_number_atoms_carb           ? 
_refine_hist.pdbx_pseudo_atom_details         ? 
# 
loop_
_refine_ls_restr.pdbx_refine_id 
_refine_ls_restr.criterion 
_refine_ls_restr.dev_ideal 
_refine_ls_restr.dev_ideal_target 
_refine_ls_restr.number 
_refine_ls_restr.rejects 
_refine_ls_restr.type 
_refine_ls_restr.weight 
_refine_ls_restr.pdbx_restraint_function 
'X-RAY DIFFRACTION' ? 0.008  0.020  1308 ? r_bond_refined_d       ? ? 
'X-RAY DIFFRACTION' ? 0.001  0.020  922  ? r_bond_other_d         ? ? 
'X-RAY DIFFRACTION' ? 1.230  1.984  1767 ? r_angle_refined_deg    ? ? 
'X-RAY DIFFRACTION' ? 0.818  3.005  2179 ? r_angle_other_deg      ? ? 
'X-RAY DIFFRACTION' ? 4.292  5.000  154  ? r_dihedral_angle_1_deg ? ? 
'X-RAY DIFFRACTION' ? 31.525 22.903 62   ? r_dihedral_angle_2_deg ? ? 
'X-RAY DIFFRACTION' ? 11.565 15.000 236  ? r_dihedral_angle_3_deg ? ? 
'X-RAY DIFFRACTION' ? 19.046 15.000 14   ? r_dihedral_angle_4_deg ? ? 
'X-RAY DIFFRACTION' ? 0.094  0.200  197  ? r_chiral_restr         ? ? 
'X-RAY DIFFRACTION' ? 0.005  0.020  1424 ? r_gen_planes_refined   ? ? 
'X-RAY DIFFRACTION' ? 0.001  0.020  278  ? r_gen_planes_other     ? ? 
# 
_refine_ls_shell.pdbx_refine_id                   'X-RAY DIFFRACTION' 
_refine_ls_shell.d_res_high                       1.3520 
_refine_ls_shell.d_res_low                        1.3870 
_refine_ls_shell.number_reflns_all                2484 
_refine_ls_shell.number_reflns_obs                ? 
_refine_ls_shell.number_reflns_R_free             138 
_refine_ls_shell.number_reflns_R_work             2346 
_refine_ls_shell.percent_reflns_obs               98.5300 
_refine_ls_shell.percent_reflns_R_free            ? 
_refine_ls_shell.R_factor_all                     ? 
_refine_ls_shell.R_factor_obs                     ? 
_refine_ls_shell.R_factor_R_free                  0.3210 
_refine_ls_shell.R_factor_R_free_error            0.0000 
_refine_ls_shell.R_factor_R_work                  0.2990 
_refine_ls_shell.redundancy_reflns_all            ? 
_refine_ls_shell.redundancy_reflns_obs            ? 
_refine_ls_shell.wR_factor_all                    ? 
_refine_ls_shell.wR_factor_obs                    ? 
_refine_ls_shell.wR_factor_R_free                 ? 
_refine_ls_shell.wR_factor_R_work                 ? 
_refine_ls_shell.pdbx_total_number_of_bins_used   20 
_refine_ls_shell.pdbx_phase_error                 ? 
_refine_ls_shell.pdbx_fsc_work                    ? 
_refine_ls_shell.pdbx_fsc_free                    ? 
# 
_struct.entry_id                     6UDV 
_struct.title                        'X-ray co-crystal structure of compound 3 bound to human Mcl-1' 
_struct.pdbx_model_details           ? 
_struct.pdbx_formula_weight          ? 
_struct.pdbx_formula_weight_method   ? 
_struct.pdbx_model_type_details      ? 
_struct.pdbx_CASP_flag               N 
# 
_struct_keywords.entry_id        6UDV 
_struct_keywords.text            'protein-protein interaction, apoptosis, inhibitor, APOPTOSIS-INHIBITOR complex' 
_struct_keywords.pdbx_keywords   APOPTOSIS/INHIBITOR 
# 
loop_
_struct_asym.id 
_struct_asym.pdbx_blank_PDB_chainid_flag 
_struct_asym.pdbx_modified 
_struct_asym.entity_id 
_struct_asym.details 
A N N 1 ? 
B N N 2 ? 
C N N 3 ? 
# 
_struct_ref.id                         1 
_struct_ref.db_name                    UNP 
_struct_ref.db_code                    MCL1_HUMAN 
_struct_ref.pdbx_db_accession          Q07820 
_struct_ref.pdbx_db_isoform            ? 
_struct_ref.entity_id                  1 
_struct_ref.pdbx_seq_one_letter_code   
;EDELYRQSLEIISRYLREQATGAKDTKPMGRSGATSRKALETLRRVGDGVQRNHETAFQGMLRKLDIKNEDDVKSLSRVM
IHVFSDGVTNWGRIVTLISFGAFVAKHLKTINQESCIEPLAESITDVLVRTKRDWLVKQRGWDGFVEFFHVEDLEGG
;
_struct_ref.pdbx_align_begin           171 
# 
_struct_ref_seq.align_id                      1 
_struct_ref_seq.ref_id                        1 
_struct_ref_seq.pdbx_PDB_id_code              6UDV 
_struct_ref_seq.pdbx_strand_id                A 
_struct_ref_seq.seq_align_beg                 1 
_struct_ref_seq.pdbx_seq_align_beg_ins_code   ? 
_struct_ref_seq.seq_align_end                 157 
_struct_ref_seq.pdbx_seq_align_end_ins_code   ? 
_struct_ref_seq.pdbx_db_accession             Q07820 
_struct_ref_seq.db_align_beg                  171 
_struct_ref_seq.pdbx_db_align_beg_ins_code    ? 
_struct_ref_seq.db_align_end                  327 
_struct_ref_seq.pdbx_db_align_end_ins_code    ? 
_struct_ref_seq.pdbx_auth_seq_align_beg       171 
_struct_ref_seq.pdbx_auth_seq_align_end       327 
# 
loop_
_pdbx_struct_assembly.id 
_pdbx_struct_assembly.details 
_pdbx_struct_assembly.method_details 
_pdbx_struct_assembly.oligomeric_details 
_pdbx_struct_assembly.oligomeric_count 
1 author_defined_assembly   ?    monomeric 1 
2 software_defined_assembly PISA dimeric   2 
# 
loop_
_pdbx_struct_assembly_prop.biol_id 
_pdbx_struct_assembly_prop.type 
_pdbx_struct_assembly_prop.value 
_pdbx_struct_assembly_prop.details 
1 'ABSA (A^2)' 0     ? 
1 MORE         0     ? 
1 'SSA (A^2)'  8840  ? 
2 'ABSA (A^2)' 2080  ? 
2 MORE         -11   ? 
2 'SSA (A^2)'  15600 ? 
# 
loop_
_pdbx_struct_assembly_gen.assembly_id 
_pdbx_struct_assembly_gen.oper_expression 
_pdbx_struct_assembly_gen.asym_id_list 
1 1   A,B,C 
2 1,2 A,B,C 
# 
_pdbx_struct_assembly_auth_evidence.id                     1 
_pdbx_struct_assembly_auth_evidence.assembly_id            1 
_pdbx_struct_assembly_auth_evidence.experimental_support   'gel filtration' 
_pdbx_struct_assembly_auth_evidence.details                ? 
# 
loop_
_pdbx_struct_oper_list.id 
_pdbx_struct_oper_list.type 
_pdbx_struct_oper_list.name 
_pdbx_struct_oper_list.symmetry_operation 
_pdbx_struct_oper_list.matrix[1][1] 
_pdbx_struct_oper_list.matrix[1][2] 
_pdbx_struct_oper_list.matrix[1][3] 
_pdbx_struct_oper_list.vector[1] 
_pdbx_struct_oper_list.matrix[2][1] 
_pdbx_struct_oper_list.matrix[2][2] 
_pdbx_struct_oper_list.matrix[2][3] 
_pdbx_struct_oper_list.vector[2] 
_pdbx_struct_oper_list.matrix[3][1] 
_pdbx_struct_oper_list.matrix[3][2] 
_pdbx_struct_oper_list.matrix[3][3] 
_pdbx_struct_oper_list.vector[3] 
1 'identity operation'         1_555 x,y,z       1.0000000000  0.0000000000 0.0000000000  0.0000000000  0.0000000000 1.0000000000  0.0000000000  0.0000000000   0.0000000000  0.0000000000  1.0000000000  0.0000000000  
2 'crystal symmetry operation' 3_557 -x,y,-z+5/2 -0.5734714070 0.6161654438 -0.5398802564 16.4116113167 0.6161654438 -0.1098841665 -0.7799138516 -19.6938175890 -0.5398802564 -0.7799138516 -0.3166444266 -9.5106800236 
# 
loop_
_struct_conf.conf_type_id 
_struct_conf.id 
_struct_conf.pdbx_PDB_helix_id 
_struct_conf.beg_label_comp_id 
_struct_conf.beg_label_asym_id 
_struct_conf.beg_label_seq_id 
_struct_conf.pdbx_beg_PDB_ins_code 
_struct_conf.end_label_comp_id 
_struct_conf.end_label_asym_id 
_struct_conf.end_label_seq_id 
_struct_conf.pdbx_end_PDB_ins_code 
_struct_conf.beg_auth_comp_id 
_struct_conf.beg_auth_asym_id 
_struct_conf.beg_auth_seq_id 
_struct_conf.end_auth_comp_id 
_struct_conf.end_auth_asym_id 
_struct_conf.end_auth_seq_id 
_struct_conf.pdbx_PDB_helix_class 
_struct_conf.details 
_struct_conf.pdbx_PDB_helix_length 
HELX_P HELX_P1 AA1 ASP A 2   ? GLY A 22  ? ASP A 172 GLY A 192 1 ? 21 
HELX_P HELX_P2 AA2 SER A 32  ? HIS A 54  ? SER A 202 HIS A 224 1 ? 23 
HELX_P HELX_P3 AA3 HIS A 54  ? ASP A 66  ? HIS A 224 ASP A 236 1 ? 13 
HELX_P HELX_P4 AA4 ASN A 69  ? SER A 75  ? ASN A 239 SER A 245 1 ? 7  
HELX_P HELX_P5 AA5 SER A 75  ? PHE A 84  ? SER A 245 PHE A 254 1 ? 10 
HELX_P HELX_P6 AA6 ASN A 90  ? ILE A 111 ? ASN A 260 ILE A 281 1 ? 22 
HELX_P HELX_P7 AA7 GLN A 113 ? SER A 115 ? GLN A 283 SER A 285 5 ? 3  
HELX_P HELX_P8 AA8 CYS A 116 ? GLN A 139 ? CYS A 286 GLN A 309 1 ? 24 
HELX_P HELX_P9 AA9 ARG A 140 ? HIS A 150 ? ARG A 310 HIS A 320 1 ? 11 
# 
_struct_conf_type.id          HELX_P 
_struct_conf_type.criteria    ? 
_struct_conf_type.reference   ? 
# 
_struct_site.id                   AC1 
_struct_site.pdbx_evidence_code   Software 
_struct_site.pdbx_auth_asym_id    A 
_struct_site.pdbx_auth_comp_id    Q51 
_struct_site.pdbx_auth_seq_id     401 
_struct_site.pdbx_auth_ins_code   ? 
_struct_site.pdbx_num_residues    15 
_struct_site.details              'binding site for residue Q51 A 401' 
# 
loop_
_struct_site_gen.id 
_struct_site_gen.site_id 
_struct_site_gen.pdbx_num_res 
_struct_site_gen.label_comp_id 
_struct_site_gen.label_asym_id 
_struct_site_gen.label_seq_id 
_struct_site_gen.pdbx_auth_ins_code 
_struct_site_gen.auth_comp_id 
_struct_site_gen.auth_asym_id 
_struct_site_gen.auth_seq_id 
_struct_site_gen.label_atom_id 
_struct_site_gen.label_alt_id 
_struct_site_gen.symmetry 
_struct_site_gen.details 
1  AC1 15 HIS A 54  ? HIS A 224 . ? 1_555 ? 
2  AC1 15 ALA A 57  ? ALA A 227 . ? 1_555 ? 
3  AC1 15 PHE A 58  ? PHE A 228 . ? 1_555 ? 
4  AC1 15 VAL A 79  ? VAL A 249 . ? 1_555 ? 
5  AC1 15 MET A 80  ? MET A 250 . ? 1_555 ? 
6  AC1 15 VAL A 83  ? VAL A 253 . ? 1_555 ? 
7  AC1 15 ARG A 93  ? ARG A 263 . ? 1_555 ? 
8  AC1 15 THR A 96  ? THR A 266 . ? 1_555 ? 
9  AC1 15 LEU A 97  ? LEU A 267 . ? 1_555 ? 
10 AC1 15 PHE A 100 ? PHE A 270 . ? 1_555 ? 
11 AC1 15 LEU A 120 ? LEU A 290 . ? 1_555 ? 
12 AC1 15 HOH C .   ? HOH A 505 . ? 1_555 ? 
13 AC1 15 HOH C .   ? HOH A 515 . ? 1_555 ? 
14 AC1 15 HOH C .   ? HOH A 530 . ? 1_555 ? 
15 AC1 15 HOH C .   ? HOH A 541 . ? 1_555 ? 
# 
_pdbx_entry_details.entry_id                 6UDV 
_pdbx_entry_details.has_ligand_of_interest   Y 
_pdbx_entry_details.compound_details         ? 
_pdbx_entry_details.source_details           ? 
_pdbx_entry_details.nonpolymer_details       ? 
_pdbx_entry_details.sequence_details         ? 
# 
loop_
_pdbx_unobs_or_zero_occ_residues.id 
_pdbx_unobs_or_zero_occ_residues.PDB_model_num 
_pdbx_unobs_or_zero_occ_residues.polymer_flag 
_pdbx_unobs_or_zero_occ_residues.occupancy_flag 
_pdbx_unobs_or_zero_occ_residues.auth_asym_id 
_pdbx_unobs_or_zero_occ_residues.auth_comp_id 
_pdbx_unobs_or_zero_occ_residues.auth_seq_id 
_pdbx_unobs_or_zero_occ_residues.PDB_ins_code 
_pdbx_unobs_or_zero_occ_residues.label_asym_id 
_pdbx_unobs_or_zero_occ_residues.label_comp_id 
_pdbx_unobs_or_zero_occ_residues.label_seq_id 
1 1 Y 1 A GLU 171 ? A GLU 1   
2 1 Y 1 A GLY 327 ? A GLY 157 
# 
loop_
_chem_comp_atom.comp_id 
_chem_comp_atom.atom_id 
_chem_comp_atom.type_symbol 
_chem_comp_atom.pdbx_aromatic_flag 
_chem_comp_atom.pdbx_stereo_config 
_chem_comp_atom.pdbx_ordinal 
ALA N    N  N N 1   
ALA CA   C  N S 2   
ALA C    C  N N 3   
ALA O    O  N N 4   
ALA CB   C  N N 5   
ALA OXT  O  N N 6   
ALA H    H  N N 7   
ALA H2   H  N N 8   
ALA HA   H  N N 9   
ALA HB1  H  N N 10  
ALA HB2  H  N N 11  
ALA HB3  H  N N 12  
ALA HXT  H  N N 13  
ARG N    N  N N 14  
ARG CA   C  N S 15  
ARG C    C  N N 16  
ARG O    O  N N 17  
ARG CB   C  N N 18  
ARG CG   C  N N 19  
ARG CD   C  N N 20  
ARG NE   N  N N 21  
ARG CZ   C  N N 22  
ARG NH1  N  N N 23  
ARG NH2  N  N N 24  
ARG OXT  O  N N 25  
ARG H    H  N N 26  
ARG H2   H  N N 27  
ARG HA   H  N N 28  
ARG HB2  H  N N 29  
ARG HB3  H  N N 30  
ARG HG2  H  N N 31  
ARG HG3  H  N N 32  
ARG HD2  H  N N 33  
ARG HD3  H  N N 34  
ARG HE   H  N N 35  
ARG HH11 H  N N 36  
ARG HH12 H  N N 37  
ARG HH21 H  N N 38  
ARG HH22 H  N N 39  
ARG HXT  H  N N 40  
ASN N    N  N N 41  
ASN CA   C  N S 42  
ASN C    C  N N 43  
ASN O    O  N N 44  
ASN CB   C  N N 45  
ASN CG   C  N N 46  
ASN OD1  O  N N 47  
ASN ND2  N  N N 48  
ASN OXT  O  N N 49  
ASN H    H  N N 50  
ASN H2   H  N N 51  
ASN HA   H  N N 52  
ASN HB2  H  N N 53  
ASN HB3  H  N N 54  
ASN HD21 H  N N 55  
ASN HD22 H  N N 56  
ASN HXT  H  N N 57  
ASP N    N  N N 58  
ASP CA   C  N S 59  
ASP C    C  N N 60  
ASP O    O  N N 61  
ASP CB   C  N N 62  
ASP CG   C  N N 63  
ASP OD1  O  N N 64  
ASP OD2  O  N N 65  
ASP OXT  O  N N 66  
ASP H    H  N N 67  
ASP H2   H  N N 68  
ASP HA   H  N N 69  
ASP HB2  H  N N 70  
ASP HB3  H  N N 71  
ASP HD2  H  N N 72  
ASP HXT  H  N N 73  
CYS N    N  N N 74  
CYS CA   C  N R 75  
CYS C    C  N N 76  
CYS O    O  N N 77  
CYS CB   C  N N 78  
CYS SG   S  N N 79  
CYS OXT  O  N N 80  
CYS H    H  N N 81  
CYS H2   H  N N 82  
CYS HA   H  N N 83  
CYS HB2  H  N N 84  
CYS HB3  H  N N 85  
CYS HG   H  N N 86  
CYS HXT  H  N N 87  
GLN N    N  N N 88  
GLN CA   C  N S 89  
GLN C    C  N N 90  
GLN O    O  N N 91  
GLN CB   C  N N 92  
GLN CG   C  N N 93  
GLN CD   C  N N 94  
GLN OE1  O  N N 95  
GLN NE2  N  N N 96  
GLN OXT  O  N N 97  
GLN H    H  N N 98  
GLN H2   H  N N 99  
GLN HA   H  N N 100 
GLN HB2  H  N N 101 
GLN HB3  H  N N 102 
GLN HG2  H  N N 103 
GLN HG3  H  N N 104 
GLN HE21 H  N N 105 
GLN HE22 H  N N 106 
GLN HXT  H  N N 107 
GLU N    N  N N 108 
GLU CA   C  N S 109 
GLU C    C  N N 110 
GLU O    O  N N 111 
GLU CB   C  N N 112 
GLU CG   C  N N 113 
GLU CD   C  N N 114 
GLU OE1  O  N N 115 
GLU OE2  O  N N 116 
GLU OXT  O  N N 117 
GLU H    H  N N 118 
GLU H2   H  N N 119 
GLU HA   H  N N 120 
GLU HB2  H  N N 121 
GLU HB3  H  N N 122 
GLU HG2  H  N N 123 
GLU HG3  H  N N 124 
GLU HE2  H  N N 125 
GLU HXT  H  N N 126 
GLY N    N  N N 127 
GLY CA   C  N N 128 
GLY C    C  N N 129 
GLY O    O  N N 130 
GLY OXT  O  N N 131 
GLY H    H  N N 132 
GLY H2   H  N N 133 
GLY HA2  H  N N 134 
GLY HA3  H  N N 135 
GLY HXT  H  N N 136 
HIS N    N  N N 137 
HIS CA   C  N S 138 
HIS C    C  N N 139 
HIS O    O  N N 140 
HIS CB   C  N N 141 
HIS CG   C  Y N 142 
HIS ND1  N  Y N 143 
HIS CD2  C  Y N 144 
HIS CE1  C  Y N 145 
HIS NE2  N  Y N 146 
HIS OXT  O  N N 147 
HIS H    H  N N 148 
HIS H2   H  N N 149 
HIS HA   H  N N 150 
HIS HB2  H  N N 151 
HIS HB3  H  N N 152 
HIS HD1  H  N N 153 
HIS HD2  H  N N 154 
HIS HE1  H  N N 155 
HIS HE2  H  N N 156 
HIS HXT  H  N N 157 
HOH O    O  N N 158 
HOH H1   H  N N 159 
HOH H2   H  N N 160 
ILE N    N  N N 161 
ILE CA   C  N S 162 
ILE C    C  N N 163 
ILE O    O  N N 164 
ILE CB   C  N S 165 
ILE CG1  C  N N 166 
ILE CG2  C  N N 167 
ILE CD1  C  N N 168 
ILE OXT  O  N N 169 
ILE H    H  N N 170 
ILE H2   H  N N 171 
ILE HA   H  N N 172 
ILE HB   H  N N 173 
ILE HG12 H  N N 174 
ILE HG13 H  N N 175 
ILE HG21 H  N N 176 
ILE HG22 H  N N 177 
ILE HG23 H  N N 178 
ILE HD11 H  N N 179 
ILE HD12 H  N N 180 
ILE HD13 H  N N 181 
ILE HXT  H  N N 182 
LEU N    N  N N 183 
LEU CA   C  N S 184 
LEU C    C  N N 185 
LEU O    O  N N 186 
LEU CB   C  N N 187 
LEU CG   C  N N 188 
LEU CD1  C  N N 189 
LEU CD2  C  N N 190 
LEU OXT  O  N N 191 
LEU H    H  N N 192 
LEU H2   H  N N 193 
LEU HA   H  N N 194 
LEU HB2  H  N N 195 
LEU HB3  H  N N 196 
LEU HG   H  N N 197 
LEU HD11 H  N N 198 
LEU HD12 H  N N 199 
LEU HD13 H  N N 200 
LEU HD21 H  N N 201 
LEU HD22 H  N N 202 
LEU HD23 H  N N 203 
LEU HXT  H  N N 204 
LYS N    N  N N 205 
LYS CA   C  N S 206 
LYS C    C  N N 207 
LYS O    O  N N 208 
LYS CB   C  N N 209 
LYS CG   C  N N 210 
LYS CD   C  N N 211 
LYS CE   C  N N 212 
LYS NZ   N  N N 213 
LYS OXT  O  N N 214 
LYS H    H  N N 215 
LYS H2   H  N N 216 
LYS HA   H  N N 217 
LYS HB2  H  N N 218 
LYS HB3  H  N N 219 
LYS HG2  H  N N 220 
LYS HG3  H  N N 221 
LYS HD2  H  N N 222 
LYS HD3  H  N N 223 
LYS HE2  H  N N 224 
LYS HE3  H  N N 225 
LYS HZ1  H  N N 226 
LYS HZ2  H  N N 227 
LYS HZ3  H  N N 228 
LYS HXT  H  N N 229 
MET N    N  N N 230 
MET CA   C  N S 231 
MET C    C  N N 232 
MET O    O  N N 233 
MET CB   C  N N 234 
MET CG   C  N N 235 
MET SD   S  N N 236 
MET CE   C  N N 237 
MET OXT  O  N N 238 
MET H    H  N N 239 
MET H2   H  N N 240 
MET HA   H  N N 241 
MET HB2  H  N N 242 
MET HB3  H  N N 243 
MET HG2  H  N N 244 
MET HG3  H  N N 245 
MET HE1  H  N N 246 
MET HE2  H  N N 247 
MET HE3  H  N N 248 
MET HXT  H  N N 249 
PHE N    N  N N 250 
PHE CA   C  N S 251 
PHE C    C  N N 252 
PHE O    O  N N 253 
PHE CB   C  N N 254 
PHE CG   C  Y N 255 
PHE CD1  C  Y N 256 
PHE CD2  C  Y N 257 
PHE CE1  C  Y N 258 
PHE CE2  C  Y N 259 
PHE CZ   C  Y N 260 
PHE OXT  O  N N 261 
PHE H    H  N N 262 
PHE H2   H  N N 263 
PHE HA   H  N N 264 
PHE HB2  H  N N 265 
PHE HB3  H  N N 266 
PHE HD1  H  N N 267 
PHE HD2  H  N N 268 
PHE HE1  H  N N 269 
PHE HE2  H  N N 270 
PHE HZ   H  N N 271 
PHE HXT  H  N N 272 
PRO N    N  N N 273 
PRO CA   C  N S 274 
PRO C    C  N N 275 
PRO O    O  N N 276 
PRO CB   C  N N 277 
PRO CG   C  N N 278 
PRO CD   C  N N 279 
PRO OXT  O  N N 280 
PRO H    H  N N 281 
PRO HA   H  N N 282 
PRO HB2  H  N N 283 
PRO HB3  H  N N 284 
PRO HG2  H  N N 285 
PRO HG3  H  N N 286 
PRO HD2  H  N N 287 
PRO HD3  H  N N 288 
PRO HXT  H  N N 289 
Q51 C14  C  N N 290 
Q51 C13  C  N N 291 
Q51 C12  C  N N 292 
Q51 C11  C  Y N 293 
Q51 C18  C  Y N 294 
Q51 C17  C  Y N 295 
Q51 CL1  CL N N 296 
Q51 C16  C  Y N 297 
Q51 C15  C  Y N 298 
Q51 C10  C  Y N 299 
Q51 C8   C  N S 300 
Q51 C7   C  N N 301 
Q51 C9   C  N N 302 
Q51 O1   O  N N 303 
Q51 C2   C  Y N 304 
Q51 C3   C  Y N 305 
Q51 C4   C  Y N 306 
Q51 C5   C  Y N 307 
Q51 C6   C  Y N 308 
Q51 C1   C  Y N 309 
Q51 N1   N  N R 310 
Q51 C20  C  N N 311 
Q51 C21  C  N R 312 
Q51 C24  C  N N 313 
Q51 C23  C  N N 314 
Q51 C22  C  N R 315 
Q51 C25  C  N S 316 
Q51 O3   O  N N 317 
Q51 C26  C  N N 318 
Q51 C27  C  N N 319 
Q51 C30  C  N N 320 
Q51 C29  C  N S 321 
Q51 C31  C  N N 322 
Q51 C28  C  N R 323 
Q51 C32  C  N N 324 
Q51 S1   S  N N 325 
Q51 O4   O  N N 326 
Q51 O5   O  N N 327 
Q51 N2   N  N N 328 
Q51 C19  C  N N 329 
Q51 O2   O  N N 330 
Q51 H1   H  N N 331 
Q51 H2   H  N N 332 
Q51 H3   H  N N 333 
Q51 H4   H  N N 334 
Q51 H5   H  N N 335 
Q51 H6   H  N N 336 
Q51 H7   H  N N 337 
Q51 H8   H  N N 338 
Q51 H9   H  N N 339 
Q51 H10  H  N N 340 
Q51 H11  H  N N 341 
Q51 H12  H  N N 342 
Q51 H13  H  N N 343 
Q51 H14  H  N N 344 
Q51 H15  H  N N 345 
Q51 H16  H  N N 346 
Q51 H17  H  N N 347 
Q51 H18  H  N N 348 
Q51 H19  H  N N 349 
Q51 H20  H  N N 350 
Q51 H21  H  N N 351 
Q51 H22  H  N N 352 
Q51 H23  H  N N 353 
Q51 H24  H  N N 354 
Q51 H25  H  N N 355 
Q51 H26  H  N N 356 
Q51 H27  H  N N 357 
Q51 H28  H  N N 358 
Q51 H29  H  N N 359 
Q51 H30  H  N N 360 
Q51 H31  H  N N 361 
Q51 H32  H  N N 362 
Q51 H33  H  N N 363 
Q51 H34  H  N N 364 
Q51 H35  H  N N 365 
Q51 H36  H  N N 366 
Q51 H37  H  N N 367 
Q51 H38  H  N N 368 
Q51 H39  H  N N 369 
SER N    N  N N 370 
SER CA   C  N S 371 
SER C    C  N N 372 
SER O    O  N N 373 
SER CB   C  N N 374 
SER OG   O  N N 375 
SER OXT  O  N N 376 
SER H    H  N N 377 
SER H2   H  N N 378 
SER HA   H  N N 379 
SER HB2  H  N N 380 
SER HB3  H  N N 381 
SER HG   H  N N 382 
SER HXT  H  N N 383 
THR N    N  N N 384 
THR CA   C  N S 385 
THR C    C  N N 386 
THR O    O  N N 387 
THR CB   C  N R 388 
THR OG1  O  N N 389 
THR CG2  C  N N 390 
THR OXT  O  N N 391 
THR H    H  N N 392 
THR H2   H  N N 393 
THR HA   H  N N 394 
THR HB   H  N N 395 
THR HG1  H  N N 396 
THR HG21 H  N N 397 
THR HG22 H  N N 398 
THR HG23 H  N N 399 
THR HXT  H  N N 400 
TRP N    N  N N 401 
TRP CA   C  N S 402 
TRP C    C  N N 403 
TRP O    O  N N 404 
TRP CB   C  N N 405 
TRP CG   C  Y N 406 
TRP CD1  C  Y N 407 
TRP CD2  C  Y N 408 
TRP NE1  N  Y N 409 
TRP CE2  C  Y N 410 
TRP CE3  C  Y N 411 
TRP CZ2  C  Y N 412 
TRP CZ3  C  Y N 413 
TRP CH2  C  Y N 414 
TRP OXT  O  N N 415 
TRP H    H  N N 416 
TRP H2   H  N N 417 
TRP HA   H  N N 418 
TRP HB2  H  N N 419 
TRP HB3  H  N N 420 
TRP HD1  H  N N 421 
TRP HE1  H  N N 422 
TRP HE3  H  N N 423 
TRP HZ2  H  N N 424 
TRP HZ3  H  N N 425 
TRP HH2  H  N N 426 
TRP HXT  H  N N 427 
TYR N    N  N N 428 
TYR CA   C  N S 429 
TYR C    C  N N 430 
TYR O    O  N N 431 
TYR CB   C  N N 432 
TYR CG   C  Y N 433 
TYR CD1  C  Y N 434 
TYR CD2  C  Y N 435 
TYR CE1  C  Y N 436 
TYR CE2  C  Y N 437 
TYR CZ   C  Y N 438 
TYR OH   O  N N 439 
TYR OXT  O  N N 440 
TYR H    H  N N 441 
TYR H2   H  N N 442 
TYR HA   H  N N 443 
TYR HB2  H  N N 444 
TYR HB3  H  N N 445 
TYR HD1  H  N N 446 
TYR HD2  H  N N 447 
TYR HE1  H  N N 448 
TYR HE2  H  N N 449 
TYR HH   H  N N 450 
TYR HXT  H  N N 451 
VAL N    N  N N 452 
VAL CA   C  N S 453 
VAL C    C  N N 454 
VAL O    O  N N 455 
VAL CB   C  N N 456 
VAL CG1  C  N N 457 
VAL CG2  C  N N 458 
VAL OXT  O  N N 459 
VAL H    H  N N 460 
VAL H2   H  N N 461 
VAL HA   H  N N 462 
VAL HB   H  N N 463 
VAL HG11 H  N N 464 
VAL HG12 H  N N 465 
VAL HG13 H  N N 466 
VAL HG21 H  N N 467 
VAL HG22 H  N N 468 
VAL HG23 H  N N 469 
VAL HXT  H  N N 470 
# 
loop_
_chem_comp_bond.comp_id 
_chem_comp_bond.atom_id_1 
_chem_comp_bond.atom_id_2 
_chem_comp_bond.value_order 
_chem_comp_bond.pdbx_aromatic_flag 
_chem_comp_bond.pdbx_stereo_config 
_chem_comp_bond.pdbx_ordinal 
ALA N   CA   sing N N 1   
ALA N   H    sing N N 2   
ALA N   H2   sing N N 3   
ALA CA  C    sing N N 4   
ALA CA  CB   sing N N 5   
ALA CA  HA   sing N N 6   
ALA C   O    doub N N 7   
ALA C   OXT  sing N N 8   
ALA CB  HB1  sing N N 9   
ALA CB  HB2  sing N N 10  
ALA CB  HB3  sing N N 11  
ALA OXT HXT  sing N N 12  
ARG N   CA   sing N N 13  
ARG N   H    sing N N 14  
ARG N   H2   sing N N 15  
ARG CA  C    sing N N 16  
ARG CA  CB   sing N N 17  
ARG CA  HA   sing N N 18  
ARG C   O    doub N N 19  
ARG C   OXT  sing N N 20  
ARG CB  CG   sing N N 21  
ARG CB  HB2  sing N N 22  
ARG CB  HB3  sing N N 23  
ARG CG  CD   sing N N 24  
ARG CG  HG2  sing N N 25  
ARG CG  HG3  sing N N 26  
ARG CD  NE   sing N N 27  
ARG CD  HD2  sing N N 28  
ARG CD  HD3  sing N N 29  
ARG NE  CZ   sing N N 30  
ARG NE  HE   sing N N 31  
ARG CZ  NH1  sing N N 32  
ARG CZ  NH2  doub N N 33  
ARG NH1 HH11 sing N N 34  
ARG NH1 HH12 sing N N 35  
ARG NH2 HH21 sing N N 36  
ARG NH2 HH22 sing N N 37  
ARG OXT HXT  sing N N 38  
ASN N   CA   sing N N 39  
ASN N   H    sing N N 40  
ASN N   H2   sing N N 41  
ASN CA  C    sing N N 42  
ASN CA  CB   sing N N 43  
ASN CA  HA   sing N N 44  
ASN C   O    doub N N 45  
ASN C   OXT  sing N N 46  
ASN CB  CG   sing N N 47  
ASN CB  HB2  sing N N 48  
ASN CB  HB3  sing N N 49  
ASN CG  OD1  doub N N 50  
ASN CG  ND2  sing N N 51  
ASN ND2 HD21 sing N N 52  
ASN ND2 HD22 sing N N 53  
ASN OXT HXT  sing N N 54  
ASP N   CA   sing N N 55  
ASP N   H    sing N N 56  
ASP N   H2   sing N N 57  
ASP CA  C    sing N N 58  
ASP CA  CB   sing N N 59  
ASP CA  HA   sing N N 60  
ASP C   O    doub N N 61  
ASP C   OXT  sing N N 62  
ASP CB  CG   sing N N 63  
ASP CB  HB2  sing N N 64  
ASP CB  HB3  sing N N 65  
ASP CG  OD1  doub N N 66  
ASP CG  OD2  sing N N 67  
ASP OD2 HD2  sing N N 68  
ASP OXT HXT  sing N N 69  
CYS N   CA   sing N N 70  
CYS N   H    sing N N 71  
CYS N   H2   sing N N 72  
CYS CA  C    sing N N 73  
CYS CA  CB   sing N N 74  
CYS CA  HA   sing N N 75  
CYS C   O    doub N N 76  
CYS C   OXT  sing N N 77  
CYS CB  SG   sing N N 78  
CYS CB  HB2  sing N N 79  
CYS CB  HB3  sing N N 80  
CYS SG  HG   sing N N 81  
CYS OXT HXT  sing N N 82  
GLN N   CA   sing N N 83  
GLN N   H    sing N N 84  
GLN N   H2   sing N N 85  
GLN CA  C    sing N N 86  
GLN CA  CB   sing N N 87  
GLN CA  HA   sing N N 88  
GLN C   O    doub N N 89  
GLN C   OXT  sing N N 90  
GLN CB  CG   sing N N 91  
GLN CB  HB2  sing N N 92  
GLN CB  HB3  sing N N 93  
GLN CG  CD   sing N N 94  
GLN CG  HG2  sing N N 95  
GLN CG  HG3  sing N N 96  
GLN CD  OE1  doub N N 97  
GLN CD  NE2  sing N N 98  
GLN NE2 HE21 sing N N 99  
GLN NE2 HE22 sing N N 100 
GLN OXT HXT  sing N N 101 
GLU N   CA   sing N N 102 
GLU N   H    sing N N 103 
GLU N   H2   sing N N 104 
GLU CA  C    sing N N 105 
GLU CA  CB   sing N N 106 
GLU CA  HA   sing N N 107 
GLU C   O    doub N N 108 
GLU C   OXT  sing N N 109 
GLU CB  CG   sing N N 110 
GLU CB  HB2  sing N N 111 
GLU CB  HB3  sing N N 112 
GLU CG  CD   sing N N 113 
GLU CG  HG2  sing N N 114 
GLU CG  HG3  sing N N 115 
GLU CD  OE1  doub N N 116 
GLU CD  OE2  sing N N 117 
GLU OE2 HE2  sing N N 118 
GLU OXT HXT  sing N N 119 
GLY N   CA   sing N N 120 
GLY N   H    sing N N 121 
GLY N   H2   sing N N 122 
GLY CA  C    sing N N 123 
GLY CA  HA2  sing N N 124 
GLY CA  HA3  sing N N 125 
GLY C   O    doub N N 126 
GLY C   OXT  sing N N 127 
GLY OXT HXT  sing N N 128 
HIS N   CA   sing N N 129 
HIS N   H    sing N N 130 
HIS N   H2   sing N N 131 
HIS CA  C    sing N N 132 
HIS CA  CB   sing N N 133 
HIS CA  HA   sing N N 134 
HIS C   O    doub N N 135 
HIS C   OXT  sing N N 136 
HIS CB  CG   sing N N 137 
HIS CB  HB2  sing N N 138 
HIS CB  HB3  sing N N 139 
HIS CG  ND1  sing Y N 140 
HIS CG  CD2  doub Y N 141 
HIS ND1 CE1  doub Y N 142 
HIS ND1 HD1  sing N N 143 
HIS CD2 NE2  sing Y N 144 
HIS CD2 HD2  sing N N 145 
HIS CE1 NE2  sing Y N 146 
HIS CE1 HE1  sing N N 147 
HIS NE2 HE2  sing N N 148 
HIS OXT HXT  sing N N 149 
HOH O   H1   sing N N 150 
HOH O   H2   sing N N 151 
ILE N   CA   sing N N 152 
ILE N   H    sing N N 153 
ILE N   H2   sing N N 154 
ILE CA  C    sing N N 155 
ILE CA  CB   sing N N 156 
ILE CA  HA   sing N N 157 
ILE C   O    doub N N 158 
ILE C   OXT  sing N N 159 
ILE CB  CG1  sing N N 160 
ILE CB  CG2  sing N N 161 
ILE CB  HB   sing N N 162 
ILE CG1 CD1  sing N N 163 
ILE CG1 HG12 sing N N 164 
ILE CG1 HG13 sing N N 165 
ILE CG2 HG21 sing N N 166 
ILE CG2 HG22 sing N N 167 
ILE CG2 HG23 sing N N 168 
ILE CD1 HD11 sing N N 169 
ILE CD1 HD12 sing N N 170 
ILE CD1 HD13 sing N N 171 
ILE OXT HXT  sing N N 172 
LEU N   CA   sing N N 173 
LEU N   H    sing N N 174 
LEU N   H2   sing N N 175 
LEU CA  C    sing N N 176 
LEU CA  CB   sing N N 177 
LEU CA  HA   sing N N 178 
LEU C   O    doub N N 179 
LEU C   OXT  sing N N 180 
LEU CB  CG   sing N N 181 
LEU CB  HB2  sing N N 182 
LEU CB  HB3  sing N N 183 
LEU CG  CD1  sing N N 184 
LEU CG  CD2  sing N N 185 
LEU CG  HG   sing N N 186 
LEU CD1 HD11 sing N N 187 
LEU CD1 HD12 sing N N 188 
LEU CD1 HD13 sing N N 189 
LEU CD2 HD21 sing N N 190 
LEU CD2 HD22 sing N N 191 
LEU CD2 HD23 sing N N 192 
LEU OXT HXT  sing N N 193 
LYS N   CA   sing N N 194 
LYS N   H    sing N N 195 
LYS N   H2   sing N N 196 
LYS CA  C    sing N N 197 
LYS CA  CB   sing N N 198 
LYS CA  HA   sing N N 199 
LYS C   O    doub N N 200 
LYS C   OXT  sing N N 201 
LYS CB  CG   sing N N 202 
LYS CB  HB2  sing N N 203 
LYS CB  HB3  sing N N 204 
LYS CG  CD   sing N N 205 
LYS CG  HG2  sing N N 206 
LYS CG  HG3  sing N N 207 
LYS CD  CE   sing N N 208 
LYS CD  HD2  sing N N 209 
LYS CD  HD3  sing N N 210 
LYS CE  NZ   sing N N 211 
LYS CE  HE2  sing N N 212 
LYS CE  HE3  sing N N 213 
LYS NZ  HZ1  sing N N 214 
LYS NZ  HZ2  sing N N 215 
LYS NZ  HZ3  sing N N 216 
LYS OXT HXT  sing N N 217 
MET N   CA   sing N N 218 
MET N   H    sing N N 219 
MET N   H2   sing N N 220 
MET CA  C    sing N N 221 
MET CA  CB   sing N N 222 
MET CA  HA   sing N N 223 
MET C   O    doub N N 224 
MET C   OXT  sing N N 225 
MET CB  CG   sing N N 226 
MET CB  HB2  sing N N 227 
MET CB  HB3  sing N N 228 
MET CG  SD   sing N N 229 
MET CG  HG2  sing N N 230 
MET CG  HG3  sing N N 231 
MET SD  CE   sing N N 232 
MET CE  HE1  sing N N 233 
MET CE  HE2  sing N N 234 
MET CE  HE3  sing N N 235 
MET OXT HXT  sing N N 236 
PHE N   CA   sing N N 237 
PHE N   H    sing N N 238 
PHE N   H2   sing N N 239 
PHE CA  C    sing N N 240 
PHE CA  CB   sing N N 241 
PHE CA  HA   sing N N 242 
PHE C   O    doub N N 243 
PHE C   OXT  sing N N 244 
PHE CB  CG   sing N N 245 
PHE CB  HB2  sing N N 246 
PHE CB  HB3  sing N N 247 
PHE CG  CD1  doub Y N 248 
PHE CG  CD2  sing Y N 249 
PHE CD1 CE1  sing Y N 250 
PHE CD1 HD1  sing N N 251 
PHE CD2 CE2  doub Y N 252 
PHE CD2 HD2  sing N N 253 
PHE CE1 CZ   doub Y N 254 
PHE CE1 HE1  sing N N 255 
PHE CE2 CZ   sing Y N 256 
PHE CE2 HE2  sing N N 257 
PHE CZ  HZ   sing N N 258 
PHE OXT HXT  sing N N 259 
PRO N   CA   sing N N 260 
PRO N   CD   sing N N 261 
PRO N   H    sing N N 262 
PRO CA  C    sing N N 263 
PRO CA  CB   sing N N 264 
PRO CA  HA   sing N N 265 
PRO C   O    doub N N 266 
PRO C   OXT  sing N N 267 
PRO CB  CG   sing N N 268 
PRO CB  HB2  sing N N 269 
PRO CB  HB3  sing N N 270 
PRO CG  CD   sing N N 271 
PRO CG  HG2  sing N N 272 
PRO CG  HG3  sing N N 273 
PRO CD  HD2  sing N N 274 
PRO CD  HD3  sing N N 275 
PRO OXT HXT  sing N N 276 
Q51 CL1 C17  sing N N 277 
Q51 C17 C16  doub Y N 278 
Q51 C17 C18  sing Y N 279 
Q51 C16 C15  sing Y N 280 
Q51 C18 C11  doub Y N 281 
Q51 C9  O1   sing N N 282 
Q51 C9  C8   sing N N 283 
Q51 C15 C10  doub Y N 284 
Q51 C11 C10  sing Y N 285 
Q51 C11 C12  sing N N 286 
Q51 C10 C8   sing N N 287 
Q51 C12 C13  sing N N 288 
Q51 O1  C2   sing N N 289 
Q51 C8  C14  sing N N 290 
Q51 C8  C7   sing N N 291 
Q51 C14 C13  sing N N 292 
Q51 C3  C2   doub Y N 293 
Q51 C3  C4   sing Y N 294 
Q51 C2  C1   sing Y N 295 
Q51 C4  C5   doub Y N 296 
Q51 C7  N1   sing N N 297 
Q51 C1  N1   sing N N 298 
Q51 C1  C6   doub Y N 299 
Q51 N1  C20  sing N N 300 
Q51 C5  C6   sing Y N 301 
Q51 C5  C19  sing N N 302 
Q51 O2  C19  doub N N 303 
Q51 C19 N2   sing N N 304 
Q51 C20 C21  sing N N 305 
Q51 N2  S1   sing N N 306 
Q51 C21 C24  sing N N 307 
Q51 C21 C22  sing N N 308 
Q51 C24 C23  sing N N 309 
Q51 O5  S1   doub N N 310 
Q51 O4  S1   doub N N 311 
Q51 S1  C28  sing N N 312 
Q51 C22 C23  sing N N 313 
Q51 C22 C25  sing N N 314 
Q51 C25 C26  sing N N 315 
Q51 C25 O3   sing N N 316 
Q51 C26 C27  doub N E 317 
Q51 C29 C28  sing N N 318 
Q51 C29 C31  sing N N 319 
Q51 C29 C30  sing N N 320 
Q51 C28 C32  sing N N 321 
Q51 C27 C30  sing N N 322 
Q51 C14 H1   sing N N 323 
Q51 C14 H2   sing N N 324 
Q51 C13 H3   sing N N 325 
Q51 C13 H4   sing N N 326 
Q51 C12 H5   sing N N 327 
Q51 C12 H6   sing N N 328 
Q51 C18 H7   sing N N 329 
Q51 C16 H8   sing N N 330 
Q51 C15 H9   sing N N 331 
Q51 C7  H10  sing N N 332 
Q51 C7  H11  sing N N 333 
Q51 C9  H12  sing N N 334 
Q51 C9  H13  sing N N 335 
Q51 C3  H14  sing N N 336 
Q51 C4  H15  sing N N 337 
Q51 C6  H16  sing N N 338 
Q51 C20 H17  sing N N 339 
Q51 C20 H18  sing N N 340 
Q51 C21 H19  sing N N 341 
Q51 C24 H20  sing N N 342 
Q51 C24 H21  sing N N 343 
Q51 C23 H22  sing N N 344 
Q51 C23 H23  sing N N 345 
Q51 C22 H24  sing N N 346 
Q51 C25 H25  sing N N 347 
Q51 O3  H26  sing N N 348 
Q51 C26 H27  sing N N 349 
Q51 C27 H28  sing N N 350 
Q51 C30 H29  sing N N 351 
Q51 C30 H30  sing N N 352 
Q51 C29 H31  sing N N 353 
Q51 C31 H32  sing N N 354 
Q51 C31 H33  sing N N 355 
Q51 C31 H34  sing N N 356 
Q51 C28 H35  sing N N 357 
Q51 C32 H36  sing N N 358 
Q51 C32 H37  sing N N 359 
Q51 C32 H38  sing N N 360 
Q51 N2  H39  sing N N 361 
SER N   CA   sing N N 362 
SER N   H    sing N N 363 
SER N   H2   sing N N 364 
SER CA  C    sing N N 365 
SER CA  CB   sing N N 366 
SER CA  HA   sing N N 367 
SER C   O    doub N N 368 
SER C   OXT  sing N N 369 
SER CB  OG   sing N N 370 
SER CB  HB2  sing N N 371 
SER CB  HB3  sing N N 372 
SER OG  HG   sing N N 373 
SER OXT HXT  sing N N 374 
THR N   CA   sing N N 375 
THR N   H    sing N N 376 
THR N   H2   sing N N 377 
THR CA  C    sing N N 378 
THR CA  CB   sing N N 379 
THR CA  HA   sing N N 380 
THR C   O    doub N N 381 
THR C   OXT  sing N N 382 
THR CB  OG1  sing N N 383 
THR CB  CG2  sing N N 384 
THR CB  HB   sing N N 385 
THR OG1 HG1  sing N N 386 
THR CG2 HG21 sing N N 387 
THR CG2 HG22 sing N N 388 
THR CG2 HG23 sing N N 389 
THR OXT HXT  sing N N 390 
TRP N   CA   sing N N 391 
TRP N   H    sing N N 392 
TRP N   H2   sing N N 393 
TRP CA  C    sing N N 394 
TRP CA  CB   sing N N 395 
TRP CA  HA   sing N N 396 
TRP C   O    doub N N 397 
TRP C   OXT  sing N N 398 
TRP CB  CG   sing N N 399 
TRP CB  HB2  sing N N 400 
TRP CB  HB3  sing N N 401 
TRP CG  CD1  doub Y N 402 
TRP CG  CD2  sing Y N 403 
TRP CD1 NE1  sing Y N 404 
TRP CD1 HD1  sing N N 405 
TRP CD2 CE2  doub Y N 406 
TRP CD2 CE3  sing Y N 407 
TRP NE1 CE2  sing Y N 408 
TRP NE1 HE1  sing N N 409 
TRP CE2 CZ2  sing Y N 410 
TRP CE3 CZ3  doub Y N 411 
TRP CE3 HE3  sing N N 412 
TRP CZ2 CH2  doub Y N 413 
TRP CZ2 HZ2  sing N N 414 
TRP CZ3 CH2  sing Y N 415 
TRP CZ3 HZ3  sing N N 416 
TRP CH2 HH2  sing N N 417 
TRP OXT HXT  sing N N 418 
TYR N   CA   sing N N 419 
TYR N   H    sing N N 420 
TYR N   H2   sing N N 421 
TYR CA  C    sing N N 422 
TYR CA  CB   sing N N 423 
TYR CA  HA   sing N N 424 
TYR C   O    doub N N 425 
TYR C   OXT  sing N N 426 
TYR CB  CG   sing N N 427 
TYR CB  HB2  sing N N 428 
TYR CB  HB3  sing N N 429 
TYR CG  CD1  doub Y N 430 
TYR CG  CD2  sing Y N 431 
TYR CD1 CE1  sing Y N 432 
TYR CD1 HD1  sing N N 433 
TYR CD2 CE2  doub Y N 434 
TYR CD2 HD2  sing N N 435 
TYR CE1 CZ   doub Y N 436 
TYR CE1 HE1  sing N N 437 
TYR CE2 CZ   sing Y N 438 
TYR CE2 HE2  sing N N 439 
TYR CZ  OH   sing N N 440 
TYR OH  HH   sing N N 441 
TYR OXT HXT  sing N N 442 
VAL N   CA   sing N N 443 
VAL N   H    sing N N 444 
VAL N   H2   sing N N 445 
VAL CA  C    sing N N 446 
VAL CA  CB   sing N N 447 
VAL CA  HA   sing N N 448 
VAL C   O    doub N N 449 
VAL C   OXT  sing N N 450 
VAL CB  CG1  sing N N 451 
VAL CB  CG2  sing N N 452 
VAL CB  HB   sing N N 453 
VAL CG1 HG11 sing N N 454 
VAL CG1 HG12 sing N N 455 
VAL CG1 HG13 sing N N 456 
VAL CG2 HG21 sing N N 457 
VAL CG2 HG22 sing N N 458 
VAL CG2 HG23 sing N N 459 
VAL OXT HXT  sing N N 460 
# 
_pdbx_entity_instance_feature.ordinal        1 
_pdbx_entity_instance_feature.comp_id        Q51 
_pdbx_entity_instance_feature.asym_id        ? 
_pdbx_entity_instance_feature.seq_num        ? 
_pdbx_entity_instance_feature.auth_comp_id   Q51 
_pdbx_entity_instance_feature.auth_asym_id   ? 
_pdbx_entity_instance_feature.auth_seq_num   ? 
_pdbx_entity_instance_feature.feature_type   'SUBJECT OF INVESTIGATION' 
_pdbx_entity_instance_feature.details        ? 
# 
_atom_sites.entry_id                    6UDV 
_atom_sites.Cartn_transf_matrix[1][1]   ? 
_atom_sites.Cartn_transf_matrix[1][2]   ? 
_atom_sites.Cartn_transf_matrix[1][3]   ? 
_atom_sites.Cartn_transf_matrix[2][1]   ? 
_atom_sites.Cartn_transf_matrix[2][2]   ? 
_atom_sites.Cartn_transf_matrix[2][3]   ? 
_atom_sites.Cartn_transf_matrix[3][1]   ? 
_atom_sites.Cartn_transf_matrix[3][2]   ? 
_atom_sites.Cartn_transf_matrix[3][3]   ? 
_atom_sites.Cartn_transf_vector[1]      ? 
_atom_sites.Cartn_transf_vector[2]      ? 
_atom_sites.Cartn_transf_vector[3]      ? 
_atom_sites.fract_transf_matrix[1][1]   -0.01990693 
_atom_sites.fract_transf_matrix[1][2]   0.00465438 
_atom_sites.fract_transf_matrix[1][3]   -0.01041528 
_atom_sites.fract_transf_matrix[2][1]   0.00516714 
_atom_sites.fract_transf_matrix[2][2]   0.00746448 
_atom_sites.fract_transf_matrix[2][3]   -0.00654033 
_atom_sites.fract_transf_matrix[3][1]   0.00216893 
_atom_sites.fract_transf_matrix[3][2]   -0.00843736 
_atom_sites.fract_transf_matrix[3][3]   -0.00791601 
_atom_sites.fract_transf_vector[1]      0.159655 
_atom_sites.fract_transf_vector[2]      0.143817 
_atom_sites.fract_transf_vector[3]      1.111439 
_atom_sites.solution_primary            ? 
_atom_sites.solution_secondary          ? 
_atom_sites.solution_hydrogens          ? 
_atom_sites.special_details             ? 
# 
loop_
_atom_type.symbol 
C  
CL 
N  
O  
S  
# 
loop_
_atom_site.group_PDB 
_atom_site.id 
_atom_site.type_symbol 
_atom_site.label_atom_id 
_atom_site.label_alt_id 
_atom_site.label_comp_id 
_atom_site.label_asym_id 
_atom_site.label_entity_id 
_atom_site.label_seq_id 
_atom_site.pdbx_PDB_ins_code 
_atom_site.Cartn_x 
_atom_site.Cartn_y 
_atom_site.Cartn_z 
_atom_site.occupancy 
_atom_site.B_iso_or_equiv 
_atom_site.pdbx_formal_charge 
_atom_site.auth_seq_id 
_atom_site.auth_comp_id 
_atom_site.auth_asym_id 
_atom_site.auth_atom_id 
_atom_site.pdbx_PDB_model_num 
ATOM   1    N  N   . ASP A 1 2   ? 1.323   14.909  12.764  1.00 21.26 ? 172 ASP A N   1 
ATOM   2    C  CA  . ASP A 1 2   ? 1.656   13.460  12.715  1.00 19.16 ? 172 ASP A CA  1 
ATOM   3    C  C   . ASP A 1 2   ? 2.350   13.162  11.389  1.00 18.07 ? 172 ASP A C   1 
ATOM   4    O  O   . ASP A 1 2   ? 1.703   12.796  10.393  1.00 18.16 ? 172 ASP A O   1 
ATOM   5    C  CB  . ASP A 1 2   ? 0.374   12.633  12.869  1.00 18.77 ? 172 ASP A CB  1 
ATOM   6    C  CG  . ASP A 1 2   ? 0.634   11.121  13.016  1.00 17.18 ? 172 ASP A CG  1 
ATOM   7    O  OD1 . ASP A 1 2   ? 1.765   10.643  12.772  1.00 17.02 ? 172 ASP A OD1 1 
ATOM   8    O  OD2 . ASP A 1 2   ? -0.327  10.416  13.406  1.00 17.93 ? 172 ASP A OD2 1 
ATOM   9    N  N   . GLU A 1 3   ? 3.666   13.306  11.389  1.00 18.60 ? 173 GLU A N   1 
ATOM   10   C  CA  . GLU A 1 3   ? 4.439   13.209  10.165  1.00 18.62 ? 173 GLU A CA  1 
ATOM   11   C  C   . GLU A 1 3   ? 4.402   11.804  9.586   1.00 17.10 ? 173 GLU A C   1 
ATOM   12   O  O   . GLU A 1 3   ? 4.310   11.650  8.379   1.00 16.53 ? 173 GLU A O   1 
ATOM   13   C  CB  . GLU A 1 3   ? 5.888   13.640  10.386  1.00 20.45 ? 173 GLU A CB  1 
ATOM   14   N  N   . LEU A 1 4   ? 4.477   10.780  10.435  1.00 15.69 ? 174 LEU A N   1 
ATOM   15   C  CA  . LEU A 1 4   ? 4.424   9.404   9.955   1.00 15.05 ? 174 LEU A CA  1 
ATOM   16   C  C   . LEU A 1 4   ? 3.085   9.119   9.271   1.00 14.09 ? 174 LEU A C   1 
ATOM   17   O  O   . LEU A 1 4   ? 3.072   8.528   8.198   1.00 13.16 ? 174 LEU A O   1 
ATOM   18   C  CB  . LEU A 1 4   ? 4.676   8.401   11.091  1.00 15.67 ? 174 LEU A CB  1 
ATOM   19   C  CG  . LEU A 1 4   ? 4.608   6.916   10.705  1.00 15.87 ? 174 LEU A CG  1 
ATOM   20   C  CD1 . LEU A 1 4   ? 5.626   6.549   9.633   1.00 17.05 ? 174 LEU A CD1 1 
ATOM   21   C  CD2 . LEU A 1 4   ? 4.818   6.052   11.939  1.00 16.18 ? 174 LEU A CD2 1 
ATOM   22   N  N   . TYR A 1 5   ? 1.966   9.534   9.850   1.00 12.87 ? 175 TYR A N   1 
ATOM   23   C  CA  . TYR A 1 5   ? 0.677   9.316   9.209   1.00 13.99 ? 175 TYR A CA  1 
ATOM   24   C  C   . TYR A 1 5   ? 0.626   10.019  7.852   1.00 14.88 ? 175 TYR A C   1 
ATOM   25   O  O   . TYR A 1 5   ? 0.247   9.430   6.845   1.00 14.19 ? 175 TYR A O   1 
ATOM   26   C  CB  . TYR A 1 5   ? -0.490  9.776   10.091  1.00 14.69 ? 175 TYR A CB  1 
ATOM   27   C  CG  . TYR A 1 5   ? -1.812  9.388   9.479   1.00 16.75 ? 175 TYR A CG  1 
ATOM   28   C  CD1 . TYR A 1 5   ? -2.378  8.142   9.741   1.00 17.92 ? 175 TYR A CD1 1 
ATOM   29   C  CD2 . TYR A 1 5   ? -2.450  10.217  8.566   1.00 18.06 ? 175 TYR A CD2 1 
ATOM   30   C  CE1 . TYR A 1 5   ? -3.565  7.760   9.150   1.00 19.62 ? 175 TYR A CE1 1 
ATOM   31   C  CE2 . TYR A 1 5   ? -3.644  9.846   7.972   1.00 19.20 ? 175 TYR A CE2 1 
ATOM   32   C  CZ  . TYR A 1 5   ? -4.193  8.616   8.265   1.00 20.35 ? 175 TYR A CZ  1 
ATOM   33   O  OH  . TYR A 1 5   ? -5.380  8.252   7.663   1.00 23.60 ? 175 TYR A OH  1 
ATOM   34   N  N   . ARG A 1 6   ? 0.999   11.298  7.825   1.00 14.99 ? 176 ARG A N   1 
ATOM   35   C  CA  . ARG A 1 6   ? 0.892   12.102  6.610   1.00 16.01 ? 176 ARG A CA  1 
ATOM   36   C  C   . ARG A 1 6   ? 1.761   11.501  5.501   1.00 14.48 ? 176 ARG A C   1 
ATOM   37   O  O   . ARG A 1 6   ? 1.330   11.402  4.339   1.00 15.18 ? 176 ARG A O   1 
ATOM   38   C  CB  . ARG A 1 6   ? 1.324   13.549  6.908   1.00 18.75 ? 176 ARG A CB  1 
ATOM   39   C  CG  . ARG A 1 6   ? 1.115   14.534  5.757   1.00 22.85 ? 176 ARG A CG  1 
ATOM   40   C  CD  . ARG A 1 6   ? 2.189   15.622  5.743   1.00 25.07 ? 176 ARG A CD  1 
ATOM   41   N  NE  . ARG A 1 6   ? 3.510   15.039  5.500   1.00 29.66 ? 176 ARG A NE  1 
ATOM   42   C  CZ  . ARG A 1 6   ? 3.960   14.615  4.315   1.00 31.42 ? 176 ARG A CZ  1 
ATOM   43   N  NH1 . ARG A 1 6   ? 3.215   14.721  3.216   1.00 32.11 ? 176 ARG A NH1 1 
ATOM   44   N  NH2 . ARG A 1 6   ? 5.173   14.084  4.232   1.00 32.14 ? 176 ARG A NH2 1 
ATOM   45   N  N   . GLN A 1 7   ? 2.981   11.119  5.835   1.00 14.00 ? 177 GLN A N   1 
ATOM   46   C  CA  . GLN A 1 7   ? 3.890   10.549  4.864   1.00 14.49 ? 177 GLN A CA  1 
ATOM   47   C  C   . GLN A 1 7   ? 3.360   9.210   4.346   1.00 13.99 ? 177 GLN A C   1 
ATOM   48   O  O   . GLN A 1 7   ? 3.414   8.937   3.142   1.00 15.41 ? 177 GLN A O   1 
ATOM   49   C  CB  . GLN A 1 7   ? 5.266   10.355  5.488   1.00 15.03 ? 177 GLN A CB  1 
ATOM   50   C  CG  . GLN A 1 7   ? 6.289   9.843   4.512   1.00 16.13 ? 177 GLN A CG  1 
ATOM   51   C  CD  . GLN A 1 7   ? 7.654   9.766   5.109   1.00 16.94 ? 177 GLN A CD  1 
ATOM   52   O  OE1 . GLN A 1 7   ? 7.808   9.493   6.298   1.00 17.91 ? 177 GLN A OE1 1 
ATOM   53   N  NE2 . GLN A 1 7   ? 8.661   9.985   4.282   1.00 18.29 ? 177 GLN A NE2 1 
ATOM   54   N  N   . SER A 1 8   ? 2.854   8.379   5.256   1.00 13.43 ? 178 SER A N   1 
ATOM   55   C  CA  . SER A 1 8   ? 2.296   7.071   4.894   1.00 12.98 ? 178 SER A CA  1 
ATOM   56   C  C   . SER A 1 8   ? 1.129   7.227   3.933   1.00 13.12 ? 178 SER A C   1 
ATOM   57   O  O   . SER A 1 8   ? 1.052   6.514   2.924   1.00 13.16 ? 178 SER A O   1 
ATOM   58   C  CB  . SER A 1 8   ? 1.862   6.294   6.149   1.00 12.67 ? 178 SER A CB  1 
ATOM   59   O  OG  . SER A 1 8   ? 2.972   6.079   7.035   1.00 12.27 ? 178 SER A OG  1 
ATOM   60   N  N   . LEU A 1 9   ? 0.225   8.155   4.239   1.00 13.09 ? 179 LEU A N   1 
ATOM   61   C  CA  . LEU A 1 9   ? -0.952  8.384   3.409   1.00 14.46 ? 179 LEU A CA  1 
ATOM   62   C  C   . LEU A 1 9   ? -0.532  8.845   2.018   1.00 14.62 ? 179 LEU A C   1 
ATOM   63   O  O   . LEU A 1 9   ? -1.089  8.396   1.010   1.00 15.99 ? 179 LEU A O   1 
ATOM   64   C  CB  . LEU A 1 9   ? -1.882  9.416   4.065   1.00 15.37 ? 179 LEU A CB  1 
ATOM   65   C  CG  . LEU A 1 9   ? -3.214  9.651   3.326   1.00 16.88 ? 179 LEU A CG  1 
ATOM   66   C  CD1 . LEU A 1 9   ? -4.075  8.392   3.220   1.00 20.03 ? 179 LEU A CD1 1 
ATOM   67   C  CD2 . LEU A 1 9   ? -3.997  10.777  3.987   1.00 19.08 ? 179 LEU A CD2 1 
ATOM   68   N  N   . GLU A 1 10  ? 0.463   9.715   1.941   1.00 14.59 ? 180 GLU A N   1 
ATOM   69   C  CA  . GLU A 1 10  ? 0.911   10.195  0.646   1.00 16.74 ? 180 GLU A CA  1 
ATOM   70   C  C   . GLU A 1 10  ? 1.481   9.048   -0.185  1.00 15.43 ? 180 GLU A C   1 
ATOM   71   O  O   . GLU A 1 10  ? 1.150   8.900   -1.362  1.00 15.93 ? 180 GLU A O   1 
ATOM   72   C  CB  . GLU A 1 10  ? 1.930   11.328  0.802   1.00 20.30 ? 180 GLU A CB  1 
ATOM   73   C  CG  . GLU A 1 10  ? 2.350   11.908  -0.536  1.00 23.18 ? 180 GLU A CG  1 
ATOM   74   C  CD  . GLU A 1 10  ? 2.866   13.320  -0.446  1.00 27.14 ? 180 GLU A CD  1 
ATOM   75   O  OE1 . GLU A 1 10  ? 3.650   13.597  0.479   1.00 32.00 ? 180 GLU A OE1 1 
ATOM   76   O  OE2 . GLU A 1 10  ? 2.501   14.138  -1.321  1.00 32.80 ? 180 GLU A OE2 1 
ATOM   77   N  N   . ILE A 1 11  ? 2.325   8.223   0.416   1.00 14.25 ? 181 ILE A N   1 
ATOM   78   C  CA  . ILE A 1 11  ? 2.948   7.122   -0.320  1.00 14.43 ? 181 ILE A CA  1 
ATOM   79   C  C   . ILE A 1 11  ? 1.913   6.101   -0.799  1.00 13.67 ? 181 ILE A C   1 
ATOM   80   O  O   . ILE A 1 11  ? 1.900   5.707   -1.973  1.00 13.90 ? 181 ILE A O   1 
ATOM   81   C  CB  . ILE A 1 11  ? 4.031   6.436   0.547   1.00 14.59 ? 181 ILE A CB  1 
ATOM   82   C  CG1 . ILE A 1 11  ? 5.220   7.389   0.768   1.00 15.40 ? 181 ILE A CG1 1 
ATOM   83   C  CG2 . ILE A 1 11  ? 4.469   5.105   -0.060  1.00 15.23 ? 181 ILE A CG2 1 
ATOM   84   C  CD1 . ILE A 1 11  ? 6.113   6.996   1.927   1.00 15.71 ? 181 ILE A CD1 1 
ATOM   85   N  N   . ILE A 1 12  ? 1.035   5.697   0.103   1.00 12.78 ? 182 ILE A N   1 
ATOM   86   C  CA  . ILE A 1 12  ? 0.052   4.652   -0.174  1.00 12.71 ? 182 ILE A CA  1 
ATOM   87   C  C   . ILE A 1 12  ? -0.989  5.156   -1.180  1.00 13.78 ? 182 ILE A C   1 
ATOM   88   O  O   . ILE A 1 12  ? -1.357  4.434   -2.112  1.00 13.60 ? 182 ILE A O   1 
ATOM   89   C  CB  . ILE A 1 12  ? -0.566  4.125   1.141   1.00 12.76 ? 182 ILE A CB  1 
ATOM   90   C  CG1 . ILE A 1 12  ? 0.524   3.393   1.938   1.00 13.02 ? 182 ILE A CG1 1 
ATOM   91   C  CG2 . ILE A 1 12  ? -1.759  3.221   0.855   1.00 13.01 ? 182 ILE A CG2 1 
ATOM   92   C  CD1 . ILE A 1 12  ? 0.141   3.050   3.372   1.00 13.22 ? 182 ILE A CD1 1 
ATOM   93   N  N   . SER A 1 13  ? -1.433  6.395   -1.017  1.00 14.52 ? 183 SER A N   1 
ATOM   94   C  CA  . SER A 1 13  ? -2.415  6.980   -1.932  1.00 15.95 ? 183 SER A CA  1 
ATOM   95   C  C   . SER A 1 13  ? -1.835  7.114   -3.336  1.00 14.93 ? 183 SER A C   1 
ATOM   96   O  O   . SER A 1 13  ? -2.474  6.742   -4.328  1.00 14.60 ? 183 SER A O   1 
ATOM   97   C  CB  . SER A 1 13  ? -2.882  8.353   -1.422  1.00 17.30 ? 183 SER A CB  1 
ATOM   98   O  OG  . SER A 1 13  ? -3.589  8.258   -0.197  1.00 22.49 ? 183 SER A OG  1 
ATOM   99   N  N   . ARG A 1 14  ? -0.617  7.609   -3.431  1.00 14.92 ? 184 ARG A N   1 
ATOM   100  C  CA  . ARG A 1 14  ? 0.048   7.706   -4.728  1.00 15.51 ? 184 ARG A CA  1 
ATOM   101  C  C   . ARG A 1 14  ? 0.202   6.344   -5.409  1.00 15.58 ? 184 ARG A C   1 
ATOM   102  O  O   . ARG A 1 14  ? -0.083  6.199   -6.606  1.00 14.93 ? 184 ARG A O   1 
ATOM   103  C  CB  . ARG A 1 14  ? 1.398   8.391   -4.600  1.00 17.41 ? 184 ARG A CB  1 
ATOM   104  C  CG  . ARG A 1 14  ? 1.250   9.891   -4.437  1.00 20.55 ? 184 ARG A CG  1 
ATOM   105  C  CD  . ARG A 1 14  ? 2.589   10.594  -4.444  1.00 24.13 ? 184 ARG A CD  1 
ATOM   106  N  NE  . ARG A 1 14  ? 2.396   12.022  -4.200  1.00 24.38 ? 184 ARG A NE  1 
ATOM   107  C  CZ  . ARG A 1 14  ? 2.708   13.012  -5.038  1.00 23.97 ? 184 ARG A CZ  1 
ATOM   108  N  NH1 . ARG A 1 14  ? 3.273   12.785  -6.217  1.00 21.80 ? 184 ARG A NH1 1 
ATOM   109  N  NH2 . ARG A 1 14  ? 2.461   14.263  -4.671  1.00 24.54 ? 184 ARG A NH2 1 
ATOM   110  N  N   . TYR A 1 15  ? 0.650   5.328   -4.672  1.00 14.41 ? 185 TYR A N   1 
ATOM   111  C  CA  . TYR A 1 15  ? 0.842   4.017   -5.263  1.00 14.31 ? 185 TYR A CA  1 
ATOM   112  C  C   . TYR A 1 15  ? -0.489  3.440   -5.761  1.00 13.79 ? 185 TYR A C   1 
ATOM   113  O  O   . TYR A 1 15  ? -0.569  2.962   -6.898  1.00 14.08 ? 185 TYR A O   1 
ATOM   114  C  CB  . TYR A 1 15  ? 1.513   3.055   -4.273  1.00 14.80 ? 185 TYR A CB  1 
ATOM   115  C  CG  . TYR A 1 15  ? 1.789   1.703   -4.869  1.00 14.62 ? 185 TYR A CG  1 
ATOM   116  C  CD1 . TYR A 1 15  ? 2.595   1.562   -5.996  1.00 15.18 ? 185 TYR A CD1 1 
ATOM   117  C  CD2 . TYR A 1 15  ? 1.257   0.552   -4.290  1.00 14.53 ? 185 TYR A CD2 1 
ATOM   118  C  CE1 . TYR A 1 15  ? 2.835   0.318   -6.546  1.00 14.81 ? 185 TYR A CE1 1 
ATOM   119  C  CE2 . TYR A 1 15  ? 1.500   -0.698  -4.827  1.00 14.17 ? 185 TYR A CE2 1 
ATOM   120  C  CZ  . TYR A 1 15  ? 2.284   -0.811  -5.947  1.00 14.54 ? 185 TYR A CZ  1 
ATOM   121  O  OH  . TYR A 1 15  ? 2.524   -2.074  -6.469  1.00 16.64 ? 185 TYR A OH  1 
ATOM   122  N  N   . LEU A 1 16  ? -1.536  3.490   -4.948  1.00 13.51 ? 186 LEU A N   1 
ATOM   123  C  CA  . LEU A 1 16  ? -2.847  2.979   -5.360  1.00 14.69 ? 186 LEU A CA  1 
ATOM   124  C  C   . LEU A 1 16  ? -3.400  3.710   -6.578  1.00 15.38 ? 186 LEU A C   1 
ATOM   125  O  O   . LEU A 1 16  ? -3.886  3.068   -7.508  1.00 15.38 ? 186 LEU A O   1 
ATOM   126  C  CB  . LEU A 1 16  ? -3.852  3.012   -4.204  1.00 14.00 ? 186 LEU A CB  1 
ATOM   127  C  CG  . LEU A 1 16  ? -3.928  1.703   -3.400  1.00 14.40 ? 186 LEU A CG  1 
ATOM   128  C  CD1 . LEU A 1 16  ? -2.584  1.241   -2.845  1.00 14.29 ? 186 LEU A CD1 1 
ATOM   129  C  CD2 . LEU A 1 16  ? -4.956  1.868   -2.298  1.00 15.49 ? 186 LEU A CD2 1 
ATOM   130  N  N   . ARG A 1 17  ? -3.317  5.033   -6.589  1.00 16.74 ? 187 ARG A N   1 
ATOM   131  C  CA  . ARG A 1 17  ? -3.800  5.805   -7.737  1.00 18.72 ? 187 ARG A CA  1 
ATOM   132  C  C   . ARG A 1 17  ? -3.002  5.522   -9.011  1.00 18.04 ? 187 ARG A C   1 
ATOM   133  O  O   . ARG A 1 17  ? -3.587  5.382   -10.095 1.00 19.08 ? 187 ARG A O   1 
ATOM   134  C  CB  . ARG A 1 17  ? -3.783  7.293   -7.411  1.00 20.66 ? 187 ARG A CB  1 
ATOM   135  C  CG  . ARG A 1 17  ? -4.900  7.690   -6.474  1.00 24.27 ? 187 ARG A CG  1 
ATOM   136  C  CD  . ARG A 1 17  ? -5.002  9.195   -6.321  1.00 28.65 ? 187 ARG A CD  1 
ATOM   137  N  NE  . ARG A 1 17  ? -4.177  9.691   -5.225  1.00 32.99 ? 187 ARG A NE  1 
ATOM   138  C  CZ  . ARG A 1 17  ? -2.988  10.285  -5.343  1.00 33.39 ? 187 ARG A CZ  1 
ATOM   139  N  NH1 . ARG A 1 17  ? -2.420  10.494  -6.538  1.00 33.93 ? 187 ARG A NH1 1 
ATOM   140  N  NH2 . ARG A 1 17  ? -2.360  10.684  -4.240  1.00 33.67 ? 187 ARG A NH2 1 
ATOM   141  N  N   . GLU A 1 18  ? -1.689  5.425   -8.904  1.00 19.15 ? 188 GLU A N   1 
ATOM   142  C  CA  . GLU A 1 18  ? -0.826  5.167   -10.061 1.00 20.65 ? 188 GLU A CA  1 
ATOM   143  C  C   . GLU A 1 18  ? -1.064  3.751   -10.601 1.00 19.59 ? 188 GLU A C   1 
ATOM   144  O  O   . GLU A 1 18  ? -1.081  3.525   -11.822 1.00 19.64 ? 188 GLU A O   1 
ATOM   145  C  CB  . GLU A 1 18  ? 0.619   5.413   -9.627  1.00 23.03 ? 188 GLU A CB  1 
ATOM   146  C  CG  . GLU A 1 18  ? 1.759   4.846   -10.432 1.00 26.85 ? 188 GLU A CG  1 
ATOM   147  C  CD  . GLU A 1 18  ? 3.054   5.061   -9.670  1.00 28.00 ? 188 GLU A CD  1 
ATOM   148  O  OE1 . GLU A 1 18  ? 3.393   6.230   -9.397  1.00 25.90 ? 188 GLU A OE1 1 
ATOM   149  O  OE2 . GLU A 1 18  ? 3.725   4.078   -9.304  1.00 28.43 ? 188 GLU A OE2 1 
ATOM   150  N  N   . GLN A 1 19  ? -1.278  2.797   -9.702  1.00 17.63 ? 189 GLN A N   1 
ATOM   151  C  CA  . GLN A 1 19  ? -1.637  1.435   -10.097 1.00 18.43 ? 189 GLN A CA  1 
ATOM   152  C  C   . GLN A 1 19  ? -2.975  1.387   -10.831 1.00 18.59 ? 189 GLN A C   1 
ATOM   153  O  O   . GLN A 1 19  ? -3.118  0.679   -11.837 1.00 20.80 ? 189 GLN A O   1 
ATOM   154  C  CB  . GLN A 1 19  ? -1.670  0.540   -8.855  1.00 18.21 ? 189 GLN A CB  1 
ATOM   155  C  CG  . GLN A 1 19  ? -0.287  0.203   -8.341  1.00 18.38 ? 189 GLN A CG  1 
ATOM   156  C  CD  . GLN A 1 19  ? 0.321   -0.966  -9.086  1.00 19.23 ? 189 GLN A CD  1 
ATOM   157  O  OE1 . GLN A 1 19  ? -0.251  -2.065  -9.104  1.00 19.47 ? 189 GLN A OE1 1 
ATOM   158  N  NE2 . GLN A 1 19  ? 1.467   -0.744  -9.705  1.00 19.15 ? 189 GLN A NE2 1 
ATOM   159  N  N   . ALA A 1 20  ? -3.949  2.150   -10.349 1.00 20.46 ? 190 ALA A N   1 
ATOM   160  C  CA  . ALA A 1 20  ? -5.281  2.176   -10.956 1.00 21.85 ? 190 ALA A CA  1 
ATOM   161  C  C   . ALA A 1 20  ? -5.305  2.891   -12.307 1.00 23.43 ? 190 ALA A C   1 
ATOM   162  O  O   . ALA A 1 20  ? -5.980  2.432   -13.236 1.00 26.66 ? 190 ALA A O   1 
ATOM   163  C  CB  . ALA A 1 20  ? -6.284  2.827   -10.017 1.00 22.83 ? 190 ALA A CB  1 
ATOM   164  N  N   . THR A 1 21  ? -4.597  4.013   -12.412 1.00 24.49 ? 191 THR A N   1 
ATOM   165  C  CA  . THR A 1 21  ? -4.687  4.873   -13.601 1.00 24.71 ? 191 THR A CA  1 
ATOM   166  C  C   . THR A 1 21  ? -3.608  4.599   -14.647 1.00 26.10 ? 191 THR A C   1 
ATOM   167  O  O   . THR A 1 21  ? -3.790  4.922   -15.827 1.00 26.74 ? 191 THR A O   1 
ATOM   168  C  CB  . THR A 1 21  ? -4.601  6.364   -13.229 1.00 25.67 ? 191 THR A CB  1 
ATOM   169  O  OG1 . THR A 1 21  ? -3.279  6.674   -12.766 1.00 27.97 ? 191 THR A OG1 1 
ATOM   170  C  CG2 . THR A 1 21  ? -5.637  6.714   -12.176 1.00 26.42 ? 191 THR A CG2 1 
ATOM   171  N  N   . GLY A 1 22  ? -2.479  4.040   -14.219 1.00 25.01 ? 192 GLY A N   1 
ATOM   172  C  CA  . GLY A 1 22  ? -1.340  3.797   -15.103 1.00 24.58 ? 192 GLY A CA  1 
ATOM   173  C  C   . GLY A 1 22  ? -0.509  5.037   -15.394 1.00 25.61 ? 192 GLY A C   1 
ATOM   174  O  O   . GLY A 1 22  ? 0.331   5.029   -16.298 1.00 27.29 ? 192 GLY A O   1 
ATOM   175  N  N   . ALA A 1 23  ? -0.727  6.100   -14.621 1.00 25.74 ? 193 ALA A N   1 
ATOM   176  C  CA  . ALA A 1 23  ? -0.049  7.377   -14.833 1.00 25.67 ? 193 ALA A CA  1 
ATOM   177  C  C   . ALA A 1 23  ? 0.641   7.836   -13.552 1.00 26.15 ? 193 ALA A C   1 
ATOM   178  O  O   . ALA A 1 23  ? 0.083   7.697   -12.470 1.00 25.84 ? 193 ALA A O   1 
ATOM   179  C  CB  . ALA A 1 23  ? -1.053  8.428   -15.291 1.00 27.08 ? 193 ALA A CB  1 
ATOM   180  N  N   . LYS A 1 24  ? 1.849   8.370   -13.686 1.00 26.86 ? 194 LYS A N   1 
ATOM   181  C  CA  . LYS A 1 24  ? 2.586   8.942   -12.559 1.00 27.82 ? 194 LYS A CA  1 
ATOM   182  C  C   . LYS A 1 24  ? 2.028   10.324  -12.199 1.00 27.08 ? 194 LYS A C   1 
ATOM   183  O  O   . LYS A 1 24  ? 1.782   11.147  -13.081 1.00 28.24 ? 194 LYS A O   1 
ATOM   184  C  CB  . LYS A 1 24  ? 4.066   9.063   -12.924 1.00 32.14 ? 194 LYS A CB  1 
ATOM   185  C  CG  . LYS A 1 24  ? 4.977   9.444   -11.766 1.00 35.77 ? 194 LYS A CG  1 
ATOM   186  C  CD  . LYS A 1 24  ? 6.446   9.486   -12.177 1.00 40.02 ? 194 LYS A CD  1 
ATOM   187  C  CE  . LYS A 1 24  ? 6.953   8.126   -12.637 1.00 43.33 ? 194 LYS A CE  1 
ATOM   188  N  NZ  . LYS A 1 24  ? 8.441   8.037   -12.630 1.00 46.81 ? 194 LYS A NZ  1 
ATOM   189  N  N   . ASP A 1 25  ? 1.825   10.571  -10.907 1.00 24.26 ? 195 ASP A N   1 
ATOM   190  C  CA  . ASP A 1 25  ? 1.433   11.902  -10.414 1.00 24.67 ? 195 ASP A CA  1 
ATOM   191  C  C   . ASP A 1 25  ? 2.656   12.808  -10.377 1.00 24.03 ? 195 ASP A C   1 
ATOM   192  O  O   . ASP A 1 25  ? 3.641   12.520  -9.699  1.00 23.81 ? 195 ASP A O   1 
ATOM   193  C  CB  . ASP A 1 25  ? 0.819   11.783  -9.016  1.00 25.05 ? 195 ASP A CB  1 
ATOM   194  C  CG  . ASP A 1 25  ? 0.251   13.095  -8.494  1.00 26.15 ? 195 ASP A CG  1 
ATOM   195  O  OD1 . ASP A 1 25  ? 0.544   14.180  -9.052  1.00 25.93 ? 195 ASP A OD1 1 
ATOM   196  O  OD2 . ASP A 1 25  ? -0.486  13.028  -7.490  1.00 27.31 ? 195 ASP A OD2 1 
ATOM   197  N  N   . THR A 1 26  ? 2.571   13.921  -11.098 1.00 25.60 ? 196 THR A N   1 
ATOM   198  C  CA  . THR A 1 26  ? 3.698   14.831  -11.293 1.00 27.46 ? 196 THR A CA  1 
ATOM   199  C  C   . THR A 1 26  ? 3.893   15.840  -10.147 1.00 24.72 ? 196 THR A C   1 
ATOM   200  O  O   . THR A 1 26  ? 4.909   16.539  -10.085 1.00 26.86 ? 196 THR A O   1 
ATOM   201  C  CB  . THR A 1 26  ? 3.545   15.616  -12.623 1.00 28.62 ? 196 THR A CB  1 
ATOM   202  O  OG1 . THR A 1 26  ? 4.521   16.661  -12.682 1.00 36.00 ? 196 THR A OG1 1 
ATOM   203  C  CG2 . THR A 1 26  ? 2.149   16.220  -12.756 1.00 30.37 ? 196 THR A CG2 1 
ATOM   204  N  N   . LYS A 1 27  ? 2.934   15.915  -9.235  1.00 21.74 ? 197 LYS A N   1 
ATOM   205  C  CA  . LYS A 1 27  ? 3.006   16.883  -8.140  1.00 21.64 ? 197 LYS A CA  1 
ATOM   206  C  C   . LYS A 1 27  ? 4.126   16.530  -7.171  1.00 20.55 ? 197 LYS A C   1 
ATOM   207  O  O   . LYS A 1 27  ? 4.376   15.349  -6.927  1.00 19.92 ? 197 LYS A O   1 
ATOM   208  C  CB  . LYS A 1 27  ? 1.700   16.911  -7.347  1.00 23.56 ? 197 LYS A CB  1 
ATOM   209  C  CG  . LYS A 1 27  ? 0.504   17.497  -8.070  1.00 26.48 ? 197 LYS A CG  1 
ATOM   210  C  CD  . LYS A 1 27  ? -0.725  17.326  -7.194  1.00 29.28 ? 197 LYS A CD  1 
ATOM   211  C  CE  . LYS A 1 27  ? -1.984  17.791  -7.897  1.00 31.12 ? 197 LYS A CE  1 
ATOM   212  N  NZ  . LYS A 1 27  ? -3.195  17.369  -7.148  1.00 33.12 ? 197 LYS A NZ  1 
ATOM   213  N  N   . PRO A 1 28  ? 4.780   17.540  -6.586  1.00 20.12 ? 198 PRO A N   1 
ATOM   214  C  CA  . PRO A 1 28  ? 5.757   17.251  -5.543  1.00 20.78 ? 198 PRO A CA  1 
ATOM   215  C  C   . PRO A 1 28  ? 5.157   16.540  -4.340  1.00 21.33 ? 198 PRO A C   1 
ATOM   216  O  O   . PRO A 1 28  ? 3.975   16.699  -4.036  1.00 19.24 ? 198 PRO A O   1 
ATOM   217  C  CB  . PRO A 1 28  ? 6.252   18.641  -5.111  1.00 22.50 ? 198 PRO A CB  1 
ATOM   218  C  CG  . PRO A 1 28  ? 5.916   19.550  -6.227  1.00 22.34 ? 198 PRO A CG  1 
ATOM   219  C  CD  . PRO A 1 28  ? 4.711   18.980  -6.901  1.00 20.53 ? 198 PRO A CD  1 
ATOM   220  N  N   . MET A 1 29  ? 5.992   15.768  -3.658  1.00 23.16 ? 199 MET A N   1 
ATOM   221  C  CA  . MET A 1 29  ? 5.652   15.242  -2.349  1.00 25.06 ? 199 MET A CA  1 
ATOM   222  C  C   . MET A 1 29  ? 5.646   16.396  -1.357  1.00 27.77 ? 199 MET A C   1 
ATOM   223  O  O   . MET A 1 29  ? 6.157   17.480  -1.643  1.00 28.38 ? 199 MET A O   1 
ATOM   224  C  CB  . MET A 1 29  ? 6.689   14.213  -1.898  1.00 26.66 ? 199 MET A CB  1 
ATOM   225  C  CG  . MET A 1 29  ? 6.802   12.997  -2.795  1.00 28.87 ? 199 MET A CG  1 
ATOM   226  S  SD  . MET A 1 29  ? 5.326   11.983  -2.675  1.00 32.45 ? 199 MET A SD  1 
ATOM   227  C  CE  . MET A 1 29  ? 5.925   10.456  -3.387  1.00 30.53 ? 199 MET A CE  1 
ATOM   228  N  N   . GLY A 1 30  ? 5.068   16.163  -0.189  1.00 31.08 ? 200 GLY A N   1 
ATOM   229  C  CA  . GLY A 1 30  ? 5.113   17.142  0.890   1.00 33.91 ? 200 GLY A CA  1 
ATOM   230  C  C   . GLY A 1 30  ? 6.422   17.052  1.654   1.00 35.29 ? 200 GLY A C   1 
ATOM   231  O  O   . GLY A 1 30  ? 7.508   17.049  1.065   1.00 34.47 ? 200 GLY A O   1 
ATOM   232  N  N   . ARG A 1 31  ? 6.311   16.967  2.975   1.00 38.65 ? 201 ARG A N   1 
ATOM   233  C  CA  . ARG A 1 31  ? 7.468   16.846  3.857   1.00 40.05 ? 201 ARG A CA  1 
ATOM   234  C  C   . ARG A 1 31  ? 8.204   15.541  3.573   1.00 35.96 ? 201 ARG A C   1 
ATOM   235  O  O   . ARG A 1 31  ? 7.589   14.552  3.168   1.00 38.02 ? 201 ARG A O   1 
ATOM   236  C  CB  . ARG A 1 31  ? 7.010   16.869  5.321   1.00 44.50 ? 201 ARG A CB  1 
ATOM   237  C  CG  . ARG A 1 31  ? 7.916   17.638  6.270   1.00 48.32 ? 201 ARG A CG  1 
ATOM   238  C  CD  . ARG A 1 31  ? 7.112   18.641  7.088   1.00 51.78 ? 201 ARG A CD  1 
ATOM   239  N  NE  . ARG A 1 31  ? 6.531   19.678  6.222   1.00 55.05 ? 201 ARG A NE  1 
ATOM   240  C  CZ  . ARG A 1 31  ? 5.239   19.801  5.905   1.00 55.65 ? 201 ARG A CZ  1 
ATOM   241  N  NH1 . ARG A 1 31  ? 4.860   20.792  5.107   1.00 56.20 ? 201 ARG A NH1 1 
ATOM   242  N  NH2 . ARG A 1 31  ? 4.320   18.953  6.364   1.00 56.35 ? 201 ARG A NH2 1 
ATOM   243  N  N   . SER A 1 32  ? 9.516   15.549  3.778   1.00 33.57 ? 202 SER A N   1 
ATOM   244  C  CA  . SER A 1 32  ? 10.343  14.353  3.603   1.00 31.28 ? 202 SER A CA  1 
ATOM   245  C  C   . SER A 1 32  ? 10.197  13.767  2.198   1.00 27.97 ? 202 SER A C   1 
ATOM   246  O  O   . SER A 1 32  ? 10.099  12.550  2.032   1.00 26.30 ? 202 SER A O   1 
ATOM   247  C  CB  . SER A 1 32  ? 9.979   13.295  4.653   1.00 30.76 ? 202 SER A CB  1 
ATOM   248  O  OG  . SER A 1 32  ? 9.924   13.861  5.949   1.00 34.94 ? 202 SER A OG  1 
ATOM   249  N  N   . GLY A 1 33  ? 10.205  14.640  1.194   1.00 25.23 ? 203 GLY A N   1 
ATOM   250  C  CA  . GLY A 1 33  ? 9.933   14.242  -0.178  1.00 24.32 ? 203 GLY A CA  1 
ATOM   251  C  C   . GLY A 1 33  ? 10.928  13.271  -0.774  1.00 23.94 ? 203 GLY A C   1 
ATOM   252  O  O   . GLY A 1 33  ? 10.543  12.398  -1.549  1.00 23.38 ? 203 GLY A O   1 
ATOM   253  N  N   . ALA A 1 34  ? 12.203  13.421  -0.432  1.00 22.53 ? 204 ALA A N   1 
ATOM   254  C  CA  . ALA A 1 34  ? 13.240  12.540  -0.978  1.00 22.96 ? 204 ALA A CA  1 
ATOM   255  C  C   . ALA A 1 34  ? 12.973  11.098  -0.540  1.00 22.77 ? 204 ALA A C   1 
ATOM   256  O  O   . ALA A 1 34  ? 13.010  10.170  -1.358  1.00 22.34 ? 204 ALA A O   1 
ATOM   257  C  CB  . ALA A 1 34  ? 14.627  12.993  -0.543  1.00 23.88 ? 204 ALA A CB  1 
ATOM   258  N  N   . THR A 1 35  ? 12.696  10.908  0.745   1.00 21.70 ? 205 THR A N   1 
ATOM   259  C  CA  . THR A 1 35  ? 12.352  9.576   1.254   1.00 20.65 ? 205 THR A CA  1 
ATOM   260  C  C   . THR A 1 35  ? 11.033  9.057   0.684   1.00 20.40 ? 205 THR A C   1 
ATOM   261  O  O   . THR A 1 35  ? 10.959  7.888   0.297   1.00 18.90 ? 205 THR A O   1 
ATOM   262  C  CB  . THR A 1 35  ? 12.286  9.570   2.782   1.00 22.32 ? 205 THR A CB  1 
ATOM   263  O  OG1 . THR A 1 35  ? 13.589  9.860   3.293   1.00 24.80 ? 205 THR A OG1 1 
ATOM   264  C  CG2 . THR A 1 35  ? 11.833  8.202   3.294   1.00 22.45 ? 205 THR A CG2 1 
ATOM   265  N  N   . SER A 1 36  ? 10.004  9.899   0.621   1.00 19.47 ? 206 SER A N   1 
ATOM   266  C  CA  . SER A 1 36  ? 8.713   9.465   0.073   1.00 19.16 ? 206 SER A CA  1 
ATOM   267  C  C   . SER A 1 36  ? 8.849   9.064   -1.395  1.00 20.50 ? 206 SER A C   1 
ATOM   268  O  O   . SER A 1 36  ? 8.266   8.071   -1.825  1.00 19.44 ? 206 SER A O   1 
ATOM   269  C  CB  . SER A 1 36  ? 7.651   10.546  0.240   1.00 20.31 ? 206 SER A CB  1 
ATOM   270  O  OG  . SER A 1 36  ? 7.482   10.835  1.605   1.00 20.84 ? 206 SER A OG  1 
ATOM   271  N  N   . ARG A 1 37  ? 9.629   9.808   -2.173  1.00 20.17 ? 207 ARG A N   1 
ATOM   272  C  CA  . ARG A 1 37  ? 9.881   9.430   -3.565  1.00 21.55 ? 207 ARG A CA  1 
ATOM   273  C  C   . ARG A 1 37  ? 10.551  8.067   -3.665  1.00 21.11 ? 207 ARG A C   1 
ATOM   274  O  O   . ARG A 1 37  ? 10.165  7.237   -4.481  1.00 19.87 ? 207 ARG A O   1 
ATOM   275  C  CB  . ARG A 1 37  ? 10.757  10.476  -4.271  1.00 23.50 ? 207 ARG A CB  1 
ATOM   276  C  CG  . ARG A 1 37  ? 10.036  11.736  -4.709  1.00 27.33 ? 207 ARG A CG  1 
ATOM   277  C  CD  . ARG A 1 37  ? 10.908  12.574  -5.642  1.00 28.96 ? 207 ARG A CD  1 
ATOM   278  N  NE  . ARG A 1 37  ? 12.067  13.170  -4.966  1.00 31.23 ? 207 ARG A NE  1 
ATOM   279  C  CZ  . ARG A 1 37  ? 12.032  14.237  -4.165  1.00 32.00 ? 207 ARG A CZ  1 
ATOM   280  N  NH1 . ARG A 1 37  ? 10.886  14.859  -3.891  1.00 33.48 ? 207 ARG A NH1 1 
ATOM   281  N  NH2 . ARG A 1 37  ? 13.158  14.686  -3.620  1.00 33.12 ? 207 ARG A NH2 1 
ATOM   282  N  N   . LYS A 1 38  ? 11.563  7.831   -2.841  1.00 19.57 ? 208 LYS A N   1 
ATOM   283  C  CA  . LYS A 1 38  ? 12.268  6.556   -2.864  1.00 19.58 ? 208 LYS A CA  1 
ATOM   284  C  C   . LYS A 1 38  ? 11.376  5.422   -2.371  1.00 18.59 ? 208 LYS A C   1 
ATOM   285  O  O   . LYS A 1 38  ? 11.460  4.308   -2.874  1.00 17.42 ? 208 LYS A O   1 
ATOM   286  C  CB  . LYS A 1 38  ? 13.541  6.615   -2.028  1.00 21.26 ? 208 LYS A CB  1 
ATOM   287  C  CG  . LYS A 1 38  ? 14.617  7.516   -2.617  1.00 25.01 ? 208 LYS A CG  1 
ATOM   288  C  CD  . LYS A 1 38  ? 15.878  7.499   -1.773  1.00 27.46 ? 208 LYS A CD  1 
ATOM   289  C  CE  . LYS A 1 38  ? 16.923  8.455   -2.331  1.00 30.44 ? 208 LYS A CE  1 
ATOM   290  N  NZ  . LYS A 1 38  ? 18.222  8.334   -1.612  1.00 32.79 ? 208 LYS A NZ  1 
ATOM   291  N  N   . ALA A 1 39  ? 10.528  5.706   -1.387  1.00 17.15 ? 209 ALA A N   1 
ATOM   292  C  CA  . ALA A 1 39  ? 9.572   4.702   -0.890  1.00 16.63 ? 209 ALA A CA  1 
ATOM   293  C  C   . ALA A 1 39  ? 8.582   4.316   -1.980  1.00 16.48 ? 209 ALA A C   1 
ATOM   294  O  O   . ALA A 1 39  ? 8.295   3.140   -2.179  1.00 15.76 ? 209 ALA A O   1 
ATOM   295  C  CB  . ALA A 1 39  ? 8.837   5.212   0.342   1.00 16.24 ? 209 ALA A CB  1 
ATOM   296  N  N   . LEU A 1 40  ? 8.046   5.302   -2.692  1.00 16.57 ? 210 LEU A N   1 
ATOM   297  C  CA  . LEU A 1 40  ? 7.140   5.027   -3.805  1.00 17.27 ? 210 LEU A CA  1 
ATOM   298  C  C   . LEU A 1 40  ? 7.844   4.224   -4.900  1.00 19.21 ? 210 LEU A C   1 
ATOM   299  O  O   . LEU A 1 40  ? 7.290   3.254   -5.420  1.00 18.13 ? 210 LEU A O   1 
ATOM   300  C  CB  . LEU A 1 40  ? 6.568   6.333   -4.369  1.00 18.23 ? 210 LEU A CB  1 
ATOM   301  C  CG  . LEU A 1 40  ? 5.584   6.215   -5.532  1.00 18.94 ? 210 LEU A CG  1 
ATOM   302  C  CD1 . LEU A 1 40  ? 4.422   5.283   -5.199  1.00 20.34 ? 210 LEU A CD1 1 
ATOM   303  C  CD2 . LEU A 1 40  ? 5.085   7.603   -5.900  1.00 20.51 ? 210 LEU A CD2 1 
ATOM   304  N  N   . GLU A 1 41  ? 9.075   4.605   -5.238  1.00 18.09 ? 211 GLU A N   1 
ATOM   305  C  CA  . GLU A 1 41  ? 9.871   3.878   -6.234  1.00 20.69 ? 211 GLU A CA  1 
ATOM   306  C  C   . GLU A 1 41  ? 10.107  2.432   -5.809  1.00 19.53 ? 211 GLU A C   1 
ATOM   307  O  O   . GLU A 1 41  ? 10.068  1.521   -6.637  1.00 20.61 ? 211 GLU A O   1 
ATOM   308  C  CB  . GLU A 1 41  ? 11.209  4.586   -6.510  1.00 24.18 ? 211 GLU A CB  1 
ATOM   309  C  CG  . GLU A 1 41  ? 11.034  5.893   -7.272  1.00 28.51 ? 211 GLU A CG  1 
ATOM   310  C  CD  . GLU A 1 41  ? 12.251  6.811   -7.244  1.00 32.82 ? 211 GLU A CD  1 
ATOM   311  O  OE1 . GLU A 1 41  ? 13.254  6.500   -6.558  1.00 34.21 ? 211 GLU A OE1 1 
ATOM   312  O  OE2 . GLU A 1 41  ? 12.191  7.864   -7.921  1.00 37.03 ? 211 GLU A OE2 1 
ATOM   313  N  N   . THR A 1 42  ? 10.334  2.218   -4.513  1.00 17.80 ? 212 THR A N   1 
ATOM   314  C  CA  . THR A 1 42  ? 10.481  0.880   -3.958  1.00 18.64 ? 212 THR A CA  1 
ATOM   315  C  C   . THR A 1 42  ? 9.194   0.065   -4.091  1.00 18.54 ? 212 THR A C   1 
ATOM   316  O  O   . THR A 1 42  ? 9.256   -1.099  -4.492  1.00 18.34 ? 212 THR A O   1 
ATOM   317  C  CB  . THR A 1 42  ? 10.902  0.947   -2.484  1.00 18.14 ? 212 THR A CB  1 
ATOM   318  O  OG1 . THR A 1 42  ? 12.134  1.669   -2.380  1.00 19.87 ? 212 THR A OG1 1 
ATOM   319  C  CG2 . THR A 1 42  ? 11.070  -0.447  -1.908  1.00 17.94 ? 212 THR A CG2 1 
ATOM   320  N  N   . LEU A 1 43  ? 8.039   0.660   -3.774  1.00 18.05 ? 213 LEU A N   1 
ATOM   321  C  CA  . LEU A 1 43  ? 6.744   -0.021  -3.962  1.00 19.38 ? 213 LEU A CA  1 
ATOM   322  C  C   . LEU A 1 43  ? 6.490   -0.400  -5.408  1.00 23.17 ? 213 LEU A C   1 
ATOM   323  O  O   . LEU A 1 43  ? 5.966   -1.484  -5.684  1.00 22.57 ? 213 LEU A O   1 
ATOM   324  C  CB  . LEU A 1 43  ? 5.583   0.848   -3.491  1.00 19.21 ? 213 LEU A CB  1 
ATOM   325  C  CG  . LEU A 1 43  ? 5.341   0.826   -1.994  1.00 17.82 ? 213 LEU A CG  1 
ATOM   326  C  CD1 . LEU A 1 43  ? 4.267   1.836   -1.610  1.00 18.22 ? 213 LEU A CD1 1 
ATOM   327  C  CD2 . LEU A 1 43  ? 4.949   -0.575  -1.539  1.00 16.90 ? 213 LEU A CD2 1 
ATOM   328  N  N   . ARG A 1 44  ? 6.832   0.480   -6.338  1.00 23.82 ? 214 ARG A N   1 
ATOM   329  C  CA  . ARG A 1 44  ? 6.713   0.130   -7.755  1.00 27.29 ? 214 ARG A CA  1 
ATOM   330  C  C   . ARG A 1 44  ? 7.461   -1.153  -8.061  1.00 29.40 ? 214 ARG A C   1 
ATOM   331  O  O   . ARG A 1 44  ? 6.935   -2.042  -8.722  1.00 32.21 ? 214 ARG A O   1 
ATOM   332  C  CB  . ARG A 1 44  ? 7.268   1.225   -8.641  1.00 28.91 ? 214 ARG A CB  1 
ATOM   333  C  CG  . ARG A 1 44  ? 6.366   2.419   -8.772  1.00 29.34 ? 214 ARG A CG  1 
ATOM   334  C  CD  . ARG A 1 44  ? 7.022   3.459   -9.651  1.00 31.70 ? 214 ARG A CD  1 
ATOM   335  N  NE  . ARG A 1 44  ? 6.306   4.719   -9.543  1.00 30.09 ? 214 ARG A NE  1 
ATOM   336  C  CZ  . ARG A 1 44  ? 6.870   5.922   -9.564  1.00 32.13 ? 214 ARG A CZ  1 
ATOM   337  N  NH1 . ARG A 1 44  ? 8.185   6.067   -9.688  1.00 33.62 ? 214 ARG A NH1 1 
ATOM   338  N  NH2 . ARG A 1 44  ? 6.097   6.991   -9.449  1.00 33.40 ? 214 ARG A NH2 1 
ATOM   339  N  N   . ARG A 1 45  ? 8.702   -1.234  -7.601  1.00 28.10 ? 215 ARG A N   1 
ATOM   340  C  CA  . ARG A 1 45  ? 9.525   -2.405  -7.858  1.00 29.47 ? 215 ARG A CA  1 
ATOM   341  C  C   . ARG A 1 45  ? 8.945   -3.631  -7.158  1.00 28.46 ? 215 ARG A C   1 
ATOM   342  O  O   . ARG A 1 45  ? 8.613   -4.630  -7.804  1.00 31.32 ? 215 ARG A O   1 
ATOM   343  C  CB  . ARG A 1 45  ? 10.967  -2.142  -7.406  1.00 30.06 ? 215 ARG A CB  1 
ATOM   344  C  CG  . ARG A 1 45  ? 11.923  -3.313  -7.564  1.00 32.43 ? 215 ARG A CG  1 
ATOM   345  C  CD  . ARG A 1 45  ? 13.373  -2.849  -7.479  1.00 34.28 ? 215 ARG A CD  1 
ATOM   346  N  NE  . ARG A 1 45  ? 13.629  -2.014  -6.300  1.00 35.70 ? 215 ARG A NE  1 
ATOM   347  C  CZ  . ARG A 1 45  ? 13.952  -2.464  -5.085  1.00 37.21 ? 215 ARG A CZ  1 
ATOM   348  N  NH1 . ARG A 1 45  ? 14.069  -3.769  -4.836  1.00 37.25 ? 215 ARG A NH1 1 
ATOM   349  N  NH2 . ARG A 1 45  ? 14.159  -1.591  -4.104  1.00 37.31 ? 215 ARG A NH2 1 
ATOM   350  N  N   . VAL A 1 46  ? 8.793   -3.546  -5.843  1.00 25.25 ? 216 VAL A N   1 
ATOM   351  C  CA  . VAL A 1 46  ? 8.486   -4.720  -5.029  1.00 24.83 ? 216 VAL A CA  1 
ATOM   352  C  C   . VAL A 1 46  ? 7.004   -5.109  -5.079  1.00 25.84 ? 216 VAL A C   1 
ATOM   353  O  O   . VAL A 1 46  ? 6.683   -6.280  -5.298  1.00 25.56 ? 216 VAL A O   1 
ATOM   354  C  CB  . VAL A 1 46  ? 8.991   -4.541  -3.583  1.00 25.99 ? 216 VAL A CB  1 
ATOM   355  C  CG1 . VAL A 1 46  ? 8.651   -5.749  -2.732  1.00 25.84 ? 216 VAL A CG1 1 
ATOM   356  C  CG2 . VAL A 1 46  ? 10.499  -4.320  -3.591  1.00 25.47 ? 216 VAL A CG2 1 
ATOM   357  N  N   . GLY A 1 47  ? 6.104   -4.142  -4.922  1.00 23.21 ? 217 GLY A N   1 
ATOM   358  C  CA  . GLY A 1 47  ? 4.657   -4.416  -4.945  1.00 21.86 ? 217 GLY A CA  1 
ATOM   359  C  C   . GLY A 1 47  ? 4.137   -5.034  -6.234  1.00 21.78 ? 217 GLY A C   1 
ATOM   360  O  O   . GLY A 1 47  ? 3.255   -5.907  -6.228  1.00 19.18 ? 217 GLY A O   1 
ATOM   361  N  N   . ASP A 1 48  ? 4.690   -4.606  -7.357  1.00 23.44 ? 218 ASP A N   1 
ATOM   362  C  CA  . ASP A 1 48  ? 4.296   -5.154  -8.638  1.00 22.80 ? 218 ASP A CA  1 
ATOM   363  C  C   . ASP A 1 48  ? 4.611   -6.668  -8.702  1.00 23.53 ? 218 ASP A C   1 
ATOM   364  O  O   . ASP A 1 48  ? 3.808   -7.474  -9.172  1.00 23.10 ? 218 ASP A O   1 
ATOM   365  C  CB  . ASP A 1 48  ? 5.009   -4.400  -9.766  1.00 26.96 ? 218 ASP A CB  1 
ATOM   366  C  CG  . ASP A 1 48  ? 4.606   -2.913  -9.853  1.00 27.96 ? 218 ASP A CG  1 
ATOM   367  O  OD1 . ASP A 1 48  ? 4.230   -2.262  -8.829  1.00 25.49 ? 218 ASP A OD1 1 
ATOM   368  O  OD2 . ASP A 1 48  ? 4.717   -2.383  -10.980 1.00 28.48 ? 218 ASP A OD2 1 
ATOM   369  N  N   . GLY A 1 49  ? 5.784   -7.038  -8.203  1.00 22.56 ? 219 GLY A N   1 
ATOM   370  C  CA  . GLY A 1 49  ? 6.196   -8.440  -8.137  1.00 20.66 ? 219 GLY A CA  1 
ATOM   371  C  C   . GLY A 1 49  ? 5.273   -9.273  -7.263  1.00 17.92 ? 219 GLY A C   1 
ATOM   372  O  O   . GLY A 1 49  ? 4.909   -10.396 -7.619  1.00 17.07 ? 219 GLY A O   1 
ATOM   373  N  N   . VAL A 1 50  ? 4.893   -8.728  -6.115  1.00 15.35 ? 220 VAL A N   1 
ATOM   374  C  CA  . VAL A 1 50  ? 4.017   -9.427  -5.173  1.00 14.15 ? 220 VAL A CA  1 
ATOM   375  C  C   . VAL A 1 50  ? 2.662   -9.786  -5.798  1.00 14.04 ? 220 VAL A C   1 
ATOM   376  O  O   . VAL A 1 50  ? 2.167   -10.896 -5.675  1.00 12.63 ? 220 VAL A O   1 
ATOM   377  C  CB  . VAL A 1 50  ? 3.814   -8.588  -3.884  1.00 15.19 ? 220 VAL A CB  1 
ATOM   378  C  CG1 . VAL A 1 50  ? 2.783   -9.228  -2.981  1.00 15.56 ? 220 VAL A CG1 1 
ATOM   379  C  CG2 . VAL A 1 50  ? 5.149   -8.397  -3.150  1.00 16.92 ? 220 VAL A CG2 1 
ATOM   380  N  N   . GLN A 1 51  ? 2.063   -8.842  -6.514  1.00 13.72 ? 221 GLN A N   1 
ATOM   381  C  CA  . GLN A 1 51  ? 0.782   -9.090  -7.155  1.00 14.27 ? 221 GLN A CA  1 
ATOM   382  C  C   . GLN A 1 51  ? 0.826   -10.226 -8.189  1.00 14.36 ? 221 GLN A C   1 
ATOM   383  O  O   . GLN A 1 51  ? -0.167  -10.915 -8.391  1.00 15.97 ? 221 GLN A O   1 
ATOM   384  C  CB  . GLN A 1 51  ? 0.267   -7.808  -7.816  1.00 14.32 ? 221 GLN A CB  1 
ATOM   385  C  CG  . GLN A 1 51  ? 0.008   -6.662  -6.832  1.00 15.55 ? 221 GLN A CG  1 
ATOM   386  C  CD  . GLN A 1 51  ? -0.465  -5.409  -7.532  1.00 15.88 ? 221 GLN A CD  1 
ATOM   387  O  OE1 . GLN A 1 51  ? -1.506  -5.426  -8.182  1.00 17.36 ? 221 GLN A OE1 1 
ATOM   388  N  NE2 . GLN A 1 51  ? 0.297   -4.328  -7.412  1.00 16.89 ? 221 GLN A NE2 1 
ATOM   389  N  N   . ARG A 1 52  ? 1.971   -10.391 -8.835  1.00 14.94 ? 222 ARG A N   1 
ATOM   390  C  CA  . ARG A 1 52  ? 2.165   -11.449 -9.824  1.00 15.50 ? 222 ARG A CA  1 
ATOM   391  C  C   . ARG A 1 52  ? 2.561   -12.776 -9.153  1.00 13.48 ? 222 ARG A C   1 
ATOM   392  O  O   . ARG A 1 52  ? 1.991   -13.823 -9.465  1.00 14.06 ? 222 ARG A O   1 
ATOM   393  C  CB  . ARG A 1 52  ? 3.222   -11.016 -10.834 1.00 17.19 ? 222 ARG A CB  1 
ATOM   394  C  CG  . ARG A 1 52  ? 2.783   -9.842  -11.715 1.00 21.22 ? 222 ARG A CG  1 
ATOM   395  C  CD  . ARG A 1 52  ? 1.907   -10.325 -12.851 1.00 25.26 ? 222 ARG A CD  1 
ATOM   396  N  NE  . ARG A 1 52  ? 0.533   -10.556 -12.438 1.00 30.32 ? 222 ARG A NE  1 
ATOM   397  C  CZ  . ARG A 1 52  ? -0.347  -11.272 -13.133 1.00 33.67 ? 222 ARG A CZ  1 
ATOM   398  N  NH1 . ARG A 1 52  ? 0.003   -11.844 -14.285 1.00 37.16 ? 222 ARG A NH1 1 
ATOM   399  N  NH2 . ARG A 1 52  ? -1.582  -11.420 -12.672 1.00 35.33 ? 222 ARG A NH2 1 
ATOM   400  N  N   . ASN A 1 53  ? 3.503   -12.720 -8.207  1.00 13.47 ? 223 ASN A N   1 
ATOM   401  C  CA  . ASN A 1 53  ? 3.926   -13.928 -7.495  1.00 13.46 ? 223 ASN A CA  1 
ATOM   402  C  C   . ASN A 1 53  ? 2.780   -14.589 -6.749  1.00 14.01 ? 223 ASN A C   1 
ATOM   403  O  O   . ASN A 1 53  ? 2.788   -15.796 -6.553  1.00 15.17 ? 223 ASN A O   1 
ATOM   404  C  CB  . ASN A 1 53  ? 5.051   -13.614 -6.510  1.00 13.89 ? 223 ASN A CB  1 
ATOM   405  C  CG  . ASN A 1 53  ? 6.405   -13.485 -7.180  1.00 14.90 ? 223 ASN A CG  1 
ATOM   406  O  OD1 . ASN A 1 53  ? 6.697   -14.191 -8.153  1.00 16.36 ? 223 ASN A OD1 1 
ATOM   407  N  ND2 . ASN A 1 53  ? 7.259   -12.610 -6.650  1.00 16.65 ? 223 ASN A ND2 1 
ATOM   408  N  N   . HIS A 1 54  ? 1.782   -13.799 -6.345  1.00 13.15 ? 224 HIS A N   1 
ATOM   409  C  CA  . HIS A 1 54  ? 0.644   -14.304 -5.583  1.00 14.01 ? 224 HIS A CA  1 
ATOM   410  C  C   . HIS A 1 54  ? -0.657  -14.039 -6.285  1.00 13.67 ? 224 HIS A C   1 
ATOM   411  O  O   . HIS A 1 54  ? -1.711  -13.918 -5.668  1.00 14.18 ? 224 HIS A O   1 
ATOM   412  C  CB  . HIS A 1 54  ? 0.713   -13.725 -4.169  1.00 14.86 ? 224 HIS A CB  1 
ATOM   413  C  CG  . HIS A 1 54  ? 2.003   -14.085 -3.497  1.00 15.00 ? 224 HIS A CG  1 
ATOM   414  N  ND1 . HIS A 1 54  ? 2.221   -15.316 -3.015  1.00 16.52 ? 224 HIS A ND1 1 
ATOM   415  C  CD2 . HIS A 1 54  ? 3.206   -13.390 -3.361  1.00 16.27 ? 224 HIS A CD2 1 
ATOM   416  C  CE1 . HIS A 1 54  ? 3.484   -15.397 -2.545  1.00 17.60 ? 224 HIS A CE1 1 
ATOM   417  N  NE2 . HIS A 1 54  ? 4.088   -14.231 -2.771  1.00 16.95 ? 224 HIS A NE2 1 
ATOM   418  N  N   . GLU A 1 55  ? -0.599  -14.013 -7.612  1.00 15.57 ? 225 GLU A N   1 
ATOM   419  C  CA  . GLU A 1 55  ? -1.769  -13.753 -8.439  1.00 17.34 ? 225 GLU A CA  1 
ATOM   420  C  C   . GLU A 1 55  ? -2.959  -14.626 -8.098  1.00 17.26 ? 225 GLU A C   1 
ATOM   421  O  O   . GLU A 1 55  ? -4.068  -14.136 -7.944  1.00 16.19 ? 225 GLU A O   1 
ATOM   422  C  CB  . GLU A 1 55  ? -1.415  -13.946 -9.917  1.00 19.94 ? 225 GLU A CB  1 
ATOM   423  C  CG  . GLU A 1 55  ? -2.601  -13.884 -10.877 1.00 22.79 ? 225 GLU A CG  1 
ATOM   424  C  CD  . GLU A 1 55  ? -2.279  -14.415 -12.272 1.00 27.66 ? 225 GLU A CD  1 
ATOM   425  O  OE1 . GLU A 1 55  ? -2.063  -15.640 -12.447 1.00 30.33 ? 225 GLU A OE1 1 
ATOM   426  O  OE2 . GLU A 1 55  ? -2.264  -13.598 -13.212 1.00 29.72 ? 225 GLU A OE2 1 
ATOM   427  N  N   . THR A 1 56  ? -2.752  -15.931 -8.004  1.00 17.57 ? 226 THR A N   1 
ATOM   428  C  CA  . THR A 1 56  ? -3.866  -16.839 -7.758  1.00 18.21 ? 226 THR A CA  1 
ATOM   429  C  C   . THR A 1 56  ? -4.551  -16.535 -6.429  1.00 16.57 ? 226 THR A C   1 
ATOM   430  O  O   . THR A 1 56  ? -5.770  -16.470 -6.355  1.00 16.66 ? 226 THR A O   1 
ATOM   431  C  CB  . THR A 1 56  ? -3.406  -18.311 -7.771  1.00 19.72 ? 226 THR A CB  1 
ATOM   432  O  OG1 . THR A 1 56  ? -2.700  -18.549 -8.992  1.00 23.28 ? 226 THR A OG1 1 
ATOM   433  C  CG2 . THR A 1 56  ? -4.595  -19.260 -7.655  1.00 19.98 ? 226 THR A CG2 1 
ATOM   434  N  N   . ALA A 1 57  ? -3.760  -16.367 -5.374  1.00 15.39 ? 227 ALA A N   1 
ATOM   435  C  CA  . ALA A 1 57  ? -4.303  -16.067 -4.048  1.00 14.44 ? 227 ALA A CA  1 
ATOM   436  C  C   . ALA A 1 57  ? -4.984  -14.688 -4.017  1.00 12.96 ? 227 ALA A C   1 
ATOM   437  O  O   . ALA A 1 57  ? -6.020  -14.512 -3.387  1.00 13.54 ? 227 ALA A O   1 
ATOM   438  C  CB  . ALA A 1 57  ? -3.197  -16.125 -2.998  1.00 14.94 ? 227 ALA A CB  1 
ATOM   439  N  N   . PHE A 1 58  ? -4.389  -13.721 -4.700  1.00 13.05 ? 228 PHE A N   1 
ATOM   440  C  CA  . PHE A 1 58  ? -4.944  -12.368 -4.757  1.00 13.34 ? 228 PHE A CA  1 
ATOM   441  C  C   . PHE A 1 58  ? -6.316  -12.414 -5.435  1.00 14.12 ? 228 PHE A C   1 
ATOM   442  O  O   . PHE A 1 58  ? -7.293  -11.861 -4.922  1.00 14.95 ? 228 PHE A O   1 
ATOM   443  C  CB  . PHE A 1 58  ? -4.000  -11.399 -5.476  1.00 12.92 ? 228 PHE A CB  1 
ATOM   444  C  CG  . PHE A 1 58  ? -2.951  -10.758 -4.574  1.00 11.66 ? 228 PHE A CG  1 
ATOM   445  C  CD1 . PHE A 1 58  ? -2.450  -11.426 -3.481  1.00 12.28 ? 228 PHE A CD1 1 
ATOM   446  C  CD2 . PHE A 1 58  ? -2.478  -9.474  -4.845  1.00 12.04 ? 228 PHE A CD2 1 
ATOM   447  C  CE1 . PHE A 1 58  ? -1.512  -10.830 -2.651  1.00 12.07 ? 228 PHE A CE1 1 
ATOM   448  C  CE2 . PHE A 1 58  ? -1.525  -8.875  -4.022  1.00 12.17 ? 228 PHE A CE2 1 
ATOM   449  C  CZ  . PHE A 1 58  ? -1.048  -9.565  -2.918  1.00 12.63 ? 228 PHE A CZ  1 
ATOM   450  N  N   . GLN A 1 59  ? -6.392  -13.095 -6.580  1.00 14.90 ? 229 GLN A N   1 
ATOM   451  C  CA  . GLN A 1 59  ? -7.657  -13.236 -7.306  1.00 16.90 ? 229 GLN A CA  1 
ATOM   452  C  C   . GLN A 1 59  ? -8.693  -13.945 -6.430  1.00 17.06 ? 229 GLN A C   1 
ATOM   453  O  O   . GLN A 1 59  ? -9.855  -13.533 -6.366  1.00 18.45 ? 229 GLN A O   1 
ATOM   454  C  CB  . GLN A 1 59  ? -7.417  -13.996 -8.628  1.00 18.24 ? 229 GLN A CB  1 
ATOM   455  C  CG  . GLN A 1 59  ? -6.646  -13.207 -9.699  1.00 22.69 ? 229 GLN A CG  1 
ATOM   456  C  CD  . GLN A 1 59  ? -6.582  -13.896 -11.070 1.00 27.06 ? 229 GLN A CD  1 
ATOM   457  O  OE1 . GLN A 1 59  ? -7.375  -14.795 -11.370 1.00 32.48 ? 229 GLN A OE1 1 
ATOM   458  N  NE2 . GLN A 1 59  ? -5.652  -13.448 -11.920 1.00 26.69 ? 229 GLN A NE2 1 
ATOM   459  N  N   . GLY A 1 60  ? -8.271  -14.988 -5.726  1.00 16.01 ? 230 GLY A N   1 
ATOM   460  C  CA  . GLY A 1 60  ? -9.151  -15.743 -4.846  1.00 17.91 ? 230 GLY A CA  1 
ATOM   461  C  C   . GLY A 1 60  ? -9.724  -14.906 -3.713  1.00 19.83 ? 230 GLY A C   1 
ATOM   462  O  O   . GLY A 1 60  ? -10.904 -14.995 -3.388  1.00 21.36 ? 230 GLY A O   1 
ATOM   463  N  N   . MET A 1 61  ? -8.884  -14.085 -3.091  1.00 18.38 ? 231 MET A N   1 
ATOM   464  C  CA  . MET A 1 61  ? -9.343  -13.228 -2.004  1.00 18.64 ? 231 MET A CA  1 
ATOM   465  C  C   . MET A 1 61  ? -10.251 -12.118 -2.541  1.00 18.30 ? 231 MET A C   1 
ATOM   466  O  O   . MET A 1 61  ? -11.279 -11.820 -1.927  1.00 19.89 ? 231 MET A O   1 
ATOM   467  C  CB  . MET A 1 61  ? -8.141  -12.641 -1.242  1.00 18.67 ? 231 MET A CB  1 
ATOM   468  C  CG  . MET A 1 61  ? -8.499  -11.711 -0.084  1.00 18.65 ? 231 MET A CG  1 
ATOM   469  S  SD  . MET A 1 61  ? -9.608  -12.441 1.137   1.00 21.61 ? 231 MET A SD  1 
ATOM   470  C  CE  . MET A 1 61  ? -8.430  -13.483 1.980   1.00 23.70 ? 231 MET A CE  1 
ATOM   471  N  N   . LEU A 1 62  ? -9.894  -11.521 -3.676  1.00 18.99 ? 232 LEU A N   1 
ATOM   472  C  CA  . LEU A 1 62  ? -10.742 -10.501 -4.302  1.00 20.14 ? 232 LEU A CA  1 
ATOM   473  C  C   . LEU A 1 62  ? -12.147 -11.045 -4.567  1.00 23.18 ? 232 LEU A C   1 
ATOM   474  O  O   . LEU A 1 62  ? -13.130 -10.340 -4.354  1.00 25.20 ? 232 LEU A O   1 
ATOM   475  C  CB  . LEU A 1 62  ? -10.121 -9.967  -5.606  1.00 20.18 ? 232 LEU A CB  1 
ATOM   476  C  CG  . LEU A 1 62  ? -10.821 -8.777  -6.299  1.00 20.01 ? 232 LEU A CG  1 
ATOM   477  C  CD1 . LEU A 1 62  ? -10.887 -7.559  -5.382  1.00 20.41 ? 232 LEU A CD1 1 
ATOM   478  C  CD2 . LEU A 1 62  ? -10.154 -8.406  -7.614  1.00 21.36 ? 232 LEU A CD2 1 
ATOM   479  N  N   . ARG A 1 63  ? -12.248 -12.292 -5.020  1.00 24.45 ? 233 ARG A N   1 
ATOM   480  C  CA  . ARG A 1 63  ? -13.566 -12.892 -5.280  1.00 26.99 ? 233 ARG A CA  1 
ATOM   481  C  C   . ARG A 1 63  ? -14.345 -13.159 -3.989  1.00 28.28 ? 233 ARG A C   1 
ATOM   482  O  O   . ARG A 1 63  ? -15.559 -12.941 -3.939  1.00 29.66 ? 233 ARG A O   1 
ATOM   483  C  CB  . ARG A 1 63  ? -13.437 -14.178 -6.098  1.00 28.51 ? 233 ARG A CB  1 
ATOM   484  C  CG  . ARG A 1 63  ? -14.797 -14.733 -6.497  1.00 31.72 ? 233 ARG A CG  1 
ATOM   485  C  CD  . ARG A 1 63  ? -14.711 -15.772 -7.596  1.00 33.56 ? 233 ARG A CD  1 
ATOM   486  N  NE  . ARG A 1 63  ? -16.029 -16.359 -7.851  1.00 34.84 ? 233 ARG A NE  1 
ATOM   487  C  CZ  . ARG A 1 63  ? -16.615 -17.280 -7.083  1.00 36.92 ? 233 ARG A CZ  1 
ATOM   488  N  NH1 . ARG A 1 63  ? -16.013 -17.746 -5.989  1.00 37.64 ? 233 ARG A NH1 1 
ATOM   489  N  NH2 . ARG A 1 63  ? -17.819 -17.737 -7.409  1.00 36.99 ? 233 ARG A NH2 1 
ATOM   490  N  N   . LYS A 1 64  ? -13.654 -13.619 -2.952  1.00 27.08 ? 234 LYS A N   1 
ATOM   491  C  CA  . LYS A 1 64  ? -14.264 -13.862 -1.645  1.00 28.55 ? 234 LYS A CA  1 
ATOM   492  C  C   . LYS A 1 64  ? -14.830 -12.570 -1.033  1.00 28.67 ? 234 LYS A C   1 
ATOM   493  O  O   . LYS A 1 64  ? -15.881 -12.587 -0.376  1.00 29.39 ? 234 LYS A O   1 
ATOM   494  C  CB  . LYS A 1 64  ? -13.238 -14.496 -0.703  1.00 32.37 ? 234 LYS A CB  1 
ATOM   495  C  CG  . LYS A 1 64  ? -13.761 -14.817 0.687   1.00 36.01 ? 234 LYS A CG  1 
ATOM   496  C  CD  . LYS A 1 64  ? -12.766 -15.656 1.477   1.00 40.10 ? 234 LYS A CD  1 
ATOM   497  C  CE  . LYS A 1 64  ? -13.245 -15.907 2.902   1.00 42.30 ? 234 LYS A CE  1 
ATOM   498  N  NZ  . LYS A 1 64  ? -12.314 -16.791 3.662   1.00 44.50 ? 234 LYS A NZ  1 
ATOM   499  N  N   . LEU A 1 65  ? -14.136 -11.456 -1.260  1.00 25.89 ? 235 LEU A N   1 
ATOM   500  C  CA  . LEU A 1 65  ? -14.539 -10.154 -0.721  1.00 25.58 ? 235 LEU A CA  1 
ATOM   501  C  C   . LEU A 1 65  ? -15.767 -9.567  -1.433  1.00 27.92 ? 235 LEU A C   1 
ATOM   502  O  O   . LEU A 1 65  ? -16.607 -8.933  -0.788  1.00 28.49 ? 235 LEU A O   1 
ATOM   503  C  CB  . LEU A 1 65  ? -13.369 -9.164  -0.791  1.00 22.60 ? 235 LEU A CB  1 
ATOM   504  C  CG  . LEU A 1 65  ? -12.205 -9.502  0.144   1.00 20.68 ? 235 LEU A CG  1 
ATOM   505  C  CD1 . LEU A 1 65  ? -10.992 -8.658  -0.208  1.00 18.89 ? 235 LEU A CD1 1 
ATOM   506  C  CD2 . LEU A 1 65  ? -12.610 -9.319  1.602   1.00 21.66 ? 235 LEU A CD2 1 
ATOM   507  N  N   . ASP A 1 66  ? -15.841 -9.757  -2.753  1.00 30.09 ? 236 ASP A N   1 
ATOM   508  C  CA  . ASP A 1 66  ? -16.996 -9.347  -3.574  1.00 33.65 ? 236 ASP A CA  1 
ATOM   509  C  C   . ASP A 1 66  ? -17.282 -7.836  -3.521  1.00 30.87 ? 236 ASP A C   1 
ATOM   510  O  O   . ASP A 1 66  ? -18.362 -7.402  -3.106  1.00 34.72 ? 236 ASP A O   1 
ATOM   511  C  CB  . ASP A 1 66  ? -18.237 -10.157 -3.172  1.00 36.48 ? 236 ASP A CB  1 
ATOM   512  C  CG  . ASP A 1 66  ? -19.354 -10.088 -4.212  1.00 39.24 ? 236 ASP A CG  1 
ATOM   513  O  OD1 . ASP A 1 66  ? -19.112 -9.602  -5.338  1.00 41.45 ? 236 ASP A OD1 1 
ATOM   514  O  OD2 . ASP A 1 66  ? -20.480 -10.531 -3.896  1.00 45.67 ? 236 ASP A OD2 1 
ATOM   515  N  N   . ILE A 1 67  ? -16.321 -7.045  -3.989  1.00 29.84 ? 237 ILE A N   1 
ATOM   516  C  CA  . ILE A 1 67  ? -16.354 -5.588  -3.830  1.00 28.89 ? 237 ILE A CA  1 
ATOM   517  C  C   . ILE A 1 67  ? -17.136 -4.941  -4.975  1.00 30.72 ? 237 ILE A C   1 
ATOM   518  O  O   . ILE A 1 67  ? -16.690 -4.941  -6.126  1.00 30.85 ? 237 ILE A O   1 
ATOM   519  C  CB  . ILE A 1 67  ? -14.921 -5.017  -3.750  1.00 27.69 ? 237 ILE A CB  1 
ATOM   520  C  CG1 . ILE A 1 67  ? -14.167 -5.681  -2.595  1.00 26.21 ? 237 ILE A CG1 1 
ATOM   521  C  CG2 . ILE A 1 67  ? -14.936 -3.506  -3.563  1.00 26.42 ? 237 ILE A CG2 1 
ATOM   522  C  CD1 . ILE A 1 67  ? -12.673 -5.484  -2.653  1.00 26.57 ? 237 ILE A CD1 1 
ATOM   523  N  N   . LYS A 1 68  ? -18.306 -4.399  -4.643  1.00 32.33 ? 238 LYS A N   1 
ATOM   524  C  CA  . LYS A 1 68  ? -19.230 -3.836  -5.631  1.00 34.03 ? 238 LYS A CA  1 
ATOM   525  C  C   . LYS A 1 68  ? -19.463 -2.338  -5.476  1.00 33.76 ? 238 LYS A C   1 
ATOM   526  O  O   . LYS A 1 68  ? -19.839 -1.672  -6.448  1.00 36.99 ? 238 LYS A O   1 
ATOM   527  C  CB  . LYS A 1 68  ? -20.586 -4.535  -5.520  1.00 34.91 ? 238 LYS A CB  1 
ATOM   528  C  CG  . LYS A 1 68  ? -20.540 -6.039  -5.727  1.00 35.63 ? 238 LYS A CG  1 
ATOM   529  C  CD  . LYS A 1 68  ? -21.884 -6.687  -5.434  1.00 36.37 ? 238 LYS A CD  1 
ATOM   530  C  CE  . LYS A 1 68  ? -22.279 -6.538  -3.975  1.00 36.97 ? 238 LYS A CE  1 
ATOM   531  N  NZ  . LYS A 1 68  ? -23.269 -7.569  -3.556  1.00 39.53 ? 238 LYS A NZ  1 
ATOM   532  N  N   . ASN A 1 69  ? -19.263 -1.807  -4.270  1.00 32.78 ? 239 ASN A N   1 
ATOM   533  C  CA  . ASN A 1 69  ? -19.708 -0.453  -3.948  1.00 34.28 ? 239 ASN A CA  1 
ATOM   534  C  C   . ASN A 1 69  ? -19.007 0.161   -2.727  1.00 35.24 ? 239 ASN A C   1 
ATOM   535  O  O   . ASN A 1 69  ? -18.103 -0.446  -2.142  1.00 31.67 ? 239 ASN A O   1 
ATOM   536  C  CB  . ASN A 1 69  ? -21.233 -0.457  -3.759  1.00 34.92 ? 239 ASN A CB  1 
ATOM   537  C  CG  . ASN A 1 69  ? -21.681 -1.381  -2.642  1.00 34.85 ? 239 ASN A CG  1 
ATOM   538  O  OD1 . ASN A 1 69  ? -21.102 -1.390  -1.551  1.00 36.12 ? 239 ASN A OD1 1 
ATOM   539  N  ND2 . ASN A 1 69  ? -22.725 -2.156  -2.903  1.00 32.05 ? 239 ASN A ND2 1 
ATOM   540  N  N   . GLU A 1 70  ? -19.431 1.370   -2.364  1.00 34.71 ? 240 GLU A N   1 
ATOM   541  C  CA  . GLU A 1 70  ? -18.875 2.105   -1.223  1.00 35.70 ? 240 GLU A CA  1 
ATOM   542  C  C   . GLU A 1 70  ? -18.938 1.334   0.100   1.00 33.41 ? 240 GLU A C   1 
ATOM   543  O  O   . GLU A 1 70  ? -17.989 1.375   0.883   1.00 29.68 ? 240 GLU A O   1 
ATOM   544  C  CB  . GLU A 1 70  ? -19.593 3.451   -1.071  1.00 38.77 ? 240 GLU A CB  1 
ATOM   545  C  CG  . GLU A 1 70  ? -19.228 4.225   0.189   1.00 42.79 ? 240 GLU A CG  1 
ATOM   546  C  CD  . GLU A 1 70  ? -19.767 5.641   0.189   1.00 45.74 ? 240 GLU A CD  1 
ATOM   547  O  OE1 . GLU A 1 70  ? -20.884 5.851   -0.328  1.00 48.65 ? 240 GLU A OE1 1 
ATOM   548  O  OE2 . GLU A 1 70  ? -19.073 6.541   0.711   1.00 46.66 ? 240 GLU A OE2 1 
ATOM   549  N  N   . ASP A 1 71  ? -20.051 0.647   0.356   1.00 32.99 ? 241 ASP A N   1 
ATOM   550  C  CA  . ASP A 1 71  ? -20.236 -0.061  1.627   1.00 33.52 ? 241 ASP A CA  1 
ATOM   551  C  C   . ASP A 1 71  ? -19.283 -1.246  1.747   1.00 31.11 ? 241 ASP A C   1 
ATOM   552  O  O   . ASP A 1 71  ? -18.731 -1.483  2.820   1.00 29.51 ? 241 ASP A O   1 
ATOM   553  C  CB  . ASP A 1 71  ? -21.688 -0.528  1.803   1.00 37.59 ? 241 ASP A CB  1 
ATOM   554  C  CG  . ASP A 1 71  ? -22.636 0.608   2.195   1.00 42.80 ? 241 ASP A CG  1 
ATOM   555  O  OD1 . ASP A 1 71  ? -22.166 1.681   2.644   1.00 43.79 ? 241 ASP A OD1 1 
ATOM   556  O  OD2 . ASP A 1 71  ? -23.865 0.420   2.060   1.00 46.59 ? 241 ASP A OD2 1 
ATOM   557  N  N   . ASP A 1 72  ? -19.089 -1.970  0.645   1.00 28.35 ? 242 ASP A N   1 
ATOM   558  C  CA  . ASP A 1 72  ? -18.134 -3.083  0.598   1.00 27.25 ? 242 ASP A CA  1 
ATOM   559  C  C   . ASP A 1 72  ? -16.716 -2.586  0.891   1.00 25.24 ? 242 ASP A C   1 
ATOM   560  O  O   . ASP A 1 72  ? -15.971 -3.216  1.638   1.00 25.91 ? 242 ASP A O   1 
ATOM   561  C  CB  . ASP A 1 72  ? -18.150 -3.768  -0.777  1.00 28.52 ? 242 ASP A CB  1 
ATOM   562  C  CG  . ASP A 1 72  ? -19.488 -4.433  -1.104  1.00 31.11 ? 242 ASP A CG  1 
ATOM   563  O  OD1 . ASP A 1 72  ? -20.189 -4.902  -0.178  1.00 31.52 ? 242 ASP A OD1 1 
ATOM   564  O  OD2 . ASP A 1 72  ? -19.822 -4.504  -2.309  1.00 31.58 ? 242 ASP A OD2 1 
ATOM   565  N  N   . VAL A 1 73  ? -16.348 -1.464  0.287   1.00 22.98 ? 243 VAL A N   1 
ATOM   566  C  CA  . VAL A 1 73  ? -15.019 -0.884  0.483   1.00 22.37 ? 243 VAL A CA  1 
ATOM   567  C  C   . VAL A 1 73  ? -14.818 -0.481  1.949   1.00 22.82 ? 243 VAL A C   1 
ATOM   568  O  O   . VAL A 1 73  ? -13.770 -0.763  2.531   1.00 21.63 ? 243 VAL A O   1 
ATOM   569  C  CB  . VAL A 1 73  ? -14.781 0.308   -0.466  1.00 21.85 ? 243 VAL A CB  1 
ATOM   570  C  CG1 . VAL A 1 73  ? -13.465 0.998   -0.139  1.00 22.32 ? 243 VAL A CG1 1 
ATOM   571  C  CG2 . VAL A 1 73  ? -14.806 -0.152  -1.928  1.00 22.15 ? 243 VAL A CG2 1 
ATOM   572  N  N   . LYS A 1 74  ? -15.834 0.129   2.556   1.00 22.80 ? 244 LYS A N   1 
ATOM   573  C  CA  . LYS A 1 74  ? -15.798 0.464   3.982   1.00 24.29 ? 244 LYS A CA  1 
ATOM   574  C  C   . LYS A 1 74  ? -15.570 -0.755  4.876   1.00 23.89 ? 244 LYS A C   1 
ATOM   575  O  O   . LYS A 1 74  ? -14.868 -0.669  5.886   1.00 25.08 ? 244 LYS A O   1 
ATOM   576  C  CB  . LYS A 1 74  ? -17.096 1.160   4.399   1.00 26.98 ? 244 LYS A CB  1 
ATOM   577  C  CG  . LYS A 1 74  ? -17.181 2.608   3.974   1.00 30.11 ? 244 LYS A CG  1 
ATOM   578  C  CD  . LYS A 1 74  ? -18.482 3.230   4.453   1.00 32.86 ? 244 LYS A CD  1 
ATOM   579  C  CE  . LYS A 1 74  ? -18.638 4.648   3.939   1.00 35.92 ? 244 LYS A CE  1 
ATOM   580  N  NZ  . LYS A 1 74  ? -19.890 5.277   4.440   1.00 39.66 ? 244 LYS A NZ  1 
ATOM   581  N  N   . SER A 1 75  ? -16.143 -1.893  4.498   1.00 23.64 ? 245 SER A N   1 
ATOM   582  C  CA  . SER A 1 75  ? -16.050 -3.122  5.296   1.00 24.17 ? 245 SER A CA  1 
ATOM   583  C  C   . SER A 1 75  ? -14.649 -3.752  5.312   1.00 21.99 ? 245 SER A C   1 
ATOM   584  O  O   . SER A 1 75  ? -14.400 -4.679  6.080   1.00 22.94 ? 245 SER A O   1 
ATOM   585  C  CB  . SER A 1 75  ? -17.042 -4.171  4.787   1.00 27.03 ? 245 SER A CB  1 
ATOM   586  O  OG  . SER A 1 75  ? -16.668 -4.631  3.500   1.00 30.45 ? 245 SER A OG  1 
ATOM   587  N  N   . LEU A 1 76  ? -13.753 -3.270  4.456   1.00 20.04 ? 246 LEU A N   1 
ATOM   588  C  CA  . LEU A 1 76  ? -12.417 -3.861  4.344   1.00 18.07 ? 246 LEU A CA  1 
ATOM   589  C  C   . LEU A 1 76  ? -11.533 -3.562  5.549   1.00 17.40 ? 246 LEU A C   1 
ATOM   590  O  O   . LEU A 1 76  ? -10.636 -4.336  5.852   1.00 15.74 ? 246 LEU A O   1 
ATOM   591  C  CB  . LEU A 1 76  ? -11.723 -3.376  3.073   1.00 17.12 ? 246 LEU A CB  1 
ATOM   592  C  CG  . LEU A 1 76  ? -12.374 -3.821  1.757   1.00 17.24 ? 246 LEU A CG  1 
ATOM   593  C  CD1 . LEU A 1 76  ? -11.640 -3.218  0.571   1.00 18.45 ? 246 LEU A CD1 1 
ATOM   594  C  CD2 . LEU A 1 76  ? -12.420 -5.336  1.687   1.00 18.92 ? 246 LEU A CD2 1 
ATOM   595  N  N   . SER A 1 77  ? -11.780 -2.454  6.243   1.00 16.97 ? 247 SER A N   1 
ATOM   596  C  CA  . SER A 1 77  ? -10.998 -2.123  7.427   1.00 17.94 ? 247 SER A CA  1 
ATOM   597  C  C   . SER A 1 77  ? -11.001 -3.253  8.460   1.00 15.95 ? 247 SER A C   1 
ATOM   598  O  O   . SER A 1 77  ? -9.947  -3.652  8.966   1.00 15.45 ? 247 SER A O   1 
ATOM   599  C  CB  . SER A 1 77  ? -11.490 -0.814  8.045   1.00 19.74 ? 247 SER A CB  1 
ATOM   600  O  OG  . SER A 1 77  ? -11.155 0.271   7.203   1.00 26.83 ? 247 SER A OG  1 
ATOM   601  N  N   . ARG A 1 78  ? -12.171 -3.793  8.751   1.00 15.98 ? 248 ARG A N   1 
ATOM   602  C  CA  . ARG A 1 78  ? -12.277 -4.881  9.703   1.00 16.18 ? 248 ARG A CA  1 
ATOM   603  C  C   . ARG A 1 78  ? -11.481 -6.111  9.253   1.00 14.23 ? 248 ARG A C   1 
ATOM   604  O  O   . ARG A 1 78  ? -10.851 -6.795  10.067  1.00 14.08 ? 248 ARG A O   1 
ATOM   605  C  CB  . ARG A 1 78  ? -13.751 -5.259  9.921   1.00 19.86 ? 248 ARG A CB  1 
ATOM   606  C  CG  . ARG A 1 78  ? -13.962 -6.311  10.990  1.00 25.34 ? 248 ARG A CG  1 
ATOM   607  C  CD  . ARG A 1 78  ? -15.424 -6.693  11.193  1.00 29.94 ? 248 ARG A CD  1 
ATOM   608  N  NE  . ARG A 1 78  ? -15.510 -7.765  12.184  1.00 35.17 ? 248 ARG A NE  1 
ATOM   609  C  CZ  . ARG A 1 78  ? -16.575 -8.530  12.407  1.00 39.65 ? 248 ARG A CZ  1 
ATOM   610  N  NH1 . ARG A 1 78  ? -17.702 -8.365  11.711  1.00 40.81 ? 248 ARG A NH1 1 
ATOM   611  N  NH2 . ARG A 1 78  ? -16.510 -9.473  13.344  1.00 41.98 ? 248 ARG A NH2 1 
ATOM   612  N  N   . VAL A 1 79  ? -11.521 -6.394  7.951   1.00 14.41 ? 249 VAL A N   1 
ATOM   613  C  CA  . VAL A 1 79  ? -10.812 -7.551  7.409   1.00 14.11 ? 249 VAL A CA  1 
ATOM   614  C  C   . VAL A 1 79  ? -9.294  -7.336  7.491   1.00 12.68 ? 249 VAL A C   1 
ATOM   615  O  O   . VAL A 1 79  ? -8.544  -8.243  7.843   1.00 12.40 ? 249 VAL A O   1 
ATOM   616  C  CB  . VAL A 1 79  ? -11.235 -7.866  5.952   1.00 15.05 ? 249 VAL A CB  1 
ATOM   617  C  CG1 . VAL A 1 79  ? -10.615 -9.180  5.505   1.00 16.44 ? 249 VAL A CG1 1 
ATOM   618  C  CG2 . VAL A 1 79  ? -12.759 -7.929  5.831   1.00 16.98 ? 249 VAL A CG2 1 
ATOM   619  N  N   . MET A 1 80  ? -8.851  -6.124  7.177   1.00 12.49 ? 250 MET A N   1 
ATOM   620  C  CA  . MET A 1 80  ? -7.429  -5.813  7.307   1.00 12.26 ? 250 MET A CA  1 
ATOM   621  C  C   . MET A 1 80  ? -6.925  -5.933  8.751   1.00 11.86 ? 250 MET A C   1 
ATOM   622  O  O   . MET A 1 80  ? -5.834  -6.436  8.986   1.00 11.76 ? 250 MET A O   1 
ATOM   623  C  CB  . MET A 1 80  ? -7.130  -4.406  6.802   1.00 12.60 ? 250 MET A CB  1 
ATOM   624  C  CG  . MET A 1 80  ? -7.278  -4.234  5.300   1.00 13.78 ? 250 MET A CG  1 
ATOM   625  S  SD  . MET A 1 80  ? -6.706  -2.648  4.693   1.00 16.89 ? 250 MET A SD  1 
ATOM   626  C  CE  . MET A 1 80  ? -8.165  -1.655  4.914   1.00 17.87 ? 250 MET A CE  1 
ATOM   627  N  N   . ILE A 1 81  ? -7.703  -5.471  9.723   1.00 12.35 ? 251 ILE A N   1 
ATOM   628  C  CA  . ILE A 1 81  ? -7.311  -5.641  11.117  1.00 13.54 ? 251 ILE A CA  1 
ATOM   629  C  C   . ILE A 1 81  ? -7.208  -7.133  11.464  1.00 13.32 ? 251 ILE A C   1 
ATOM   630  O  O   . ILE A 1 81  ? -6.281  -7.590  12.134  1.00 13.27 ? 251 ILE A O   1 
ATOM   631  C  CB  . ILE A 1 81  ? -8.317  -4.908  12.032  1.00 14.89 ? 251 ILE A CB  1 
ATOM   632  C  CG1 . ILE A 1 81  ? -8.213  -3.394  11.816  1.00 15.84 ? 251 ILE A CG1 1 
ATOM   633  C  CG2 . ILE A 1 81  ? -8.097  -5.289  13.480  1.00 16.57 ? 251 ILE A CG2 1 
ATOM   634  C  CD1 . ILE A 1 81  ? -7.047  -2.741  12.502  1.00 19.28 ? 251 ILE A CD1 1 
ATOM   635  N  N   . HIS A 1 82  ? -8.179  -7.907  10.999  1.00 12.81 ? 252 HIS A N   1 
ATOM   636  C  CA  . HIS A 1 82  ? -8.222  -9.334  11.268  1.00 13.82 ? 252 HIS A CA  1 
ATOM   637  C  C   . HIS A 1 82  ? -7.016  -10.062 10.708  1.00 13.23 ? 252 HIS A C   1 
ATOM   638  O  O   . HIS A 1 82  ? -6.413  -10.876 11.393  1.00 15.28 ? 252 HIS A O   1 
ATOM   639  C  CB  . HIS A 1 82  ? -9.540  -9.886  10.690  1.00 16.13 ? 252 HIS A CB  1 
ATOM   640  C  CG  . HIS A 1 82  ? -9.819  -11.328 11.014  1.00 20.38 ? 252 HIS A CG  1 
ATOM   641  N  ND1 . HIS A 1 82  ? -10.760 -11.695 11.906  1.00 23.78 ? 252 HIS A ND1 1 
ATOM   642  C  CD2 . HIS A 1 82  ? -9.271  -12.498 10.518  1.00 23.49 ? 252 HIS A CD2 1 
ATOM   643  C  CE1 . HIS A 1 82  ? -10.794 -13.037 11.982  1.00 23.75 ? 252 HIS A CE1 1 
ATOM   644  N  NE2 . HIS A 1 82  ? -9.885  -13.524 11.134  1.00 23.62 ? 252 HIS A NE2 1 
ATOM   645  N  N   . VAL A 1 83  ? -6.661  -9.779  9.458   1.00 11.88 ? 253 VAL A N   1 
ATOM   646  C  CA  . VAL A 1 83  ? -5.645  -10.554 8.749   1.00 12.09 ? 253 VAL A CA  1 
ATOM   647  C  C   . VAL A 1 83  ? -4.245  -9.944  8.909   1.00 11.62 ? 253 VAL A C   1 
ATOM   648  O  O   . VAL A 1 83  ? -3.292  -10.660 9.244   1.00 13.18 ? 253 VAL A O   1 
ATOM   649  C  CB  . VAL A 1 83  ? -5.991  -10.703 7.251   1.00 12.07 ? 253 VAL A CB  1 
ATOM   650  C  CG1 . VAL A 1 83  ? -4.876  -11.452 6.504   1.00 13.03 ? 253 VAL A CG1 1 
ATOM   651  C  CG2 . VAL A 1 83  ? -7.323  -11.422 7.076   1.00 13.26 ? 253 VAL A CG2 1 
ATOM   652  N  N   . PHE A 1 84  ? -4.107  -8.646  8.664   1.00 11.20 ? 254 PHE A N   1 
ATOM   653  C  CA  . PHE A 1 84  ? -2.807  -7.977  8.786   1.00 10.98 ? 254 PHE A CA  1 
ATOM   654  C  C   . PHE A 1 84  ? -2.433  -7.667  10.227  1.00 11.15 ? 254 PHE A C   1 
ATOM   655  O  O   . PHE A 1 84  ? -1.351  -8.046  10.674  1.00 12.00 ? 254 PHE A O   1 
ATOM   656  C  CB  . PHE A 1 84  ? -2.743  -6.698  7.957   1.00 10.77 ? 254 PHE A CB  1 
ATOM   657  C  CG  . PHE A 1 84  ? -1.527  -5.865  8.259   1.00 10.60 ? 254 PHE A CG  1 
ATOM   658  C  CD1 . PHE A 1 84  ? -0.290  -6.239  7.775   1.00 11.00 ? 254 PHE A CD1 1 
ATOM   659  C  CD2 . PHE A 1 84  ? -1.614  -4.753  9.082   1.00 10.69 ? 254 PHE A CD2 1 
ATOM   660  C  CE1 . PHE A 1 84  ? 0.835   -5.510  8.087   1.00 10.77 ? 254 PHE A CE1 1 
ATOM   661  C  CE2 . PHE A 1 84  ? -0.485  -4.029  9.398   1.00 11.30 ? 254 PHE A CE2 1 
ATOM   662  C  CZ  . PHE A 1 84  ? 0.734   -4.401  8.883   1.00 11.51 ? 254 PHE A CZ  1 
ATOM   663  N  N   . SER A 1 85  ? -3.285  -6.971  10.978  1.00 10.67 ? 255 SER A N   1 
ATOM   664  C  CA  . SER A 1 85  ? -2.844  -6.523  12.299  1.00 11.44 ? 255 SER A CA  1 
ATOM   665  C  C   . SER A 1 85  ? -2.616  -7.676  13.259  1.00 11.71 ? 255 SER A C   1 
ATOM   666  O  O   . SER A 1 85  ? -1.683  -7.647  14.063  1.00 11.87 ? 255 SER A O   1 
ATOM   667  C  CB  . SER A 1 85  ? -3.809  -5.515  12.918  1.00 11.63 ? 255 SER A CB  1 
ATOM   668  O  OG  . SER A 1 85  ? -3.956  -4.379  12.100  1.00 11.99 ? 255 SER A OG  1 
ATOM   669  N  N   . ASP A 1 86  ? -3.455  -8.690  13.177  1.00 11.20 ? 256 ASP A N   1 
ATOM   670  C  CA  . ASP A 1 86  ? -3.358  -9.813  14.106  1.00 12.53 ? 256 ASP A CA  1 
ATOM   671  C  C   . ASP A 1 86  ? -2.385  -10.866 13.569  1.00 14.20 ? 256 ASP A C   1 
ATOM   672  O  O   . ASP A 1 86  ? -2.766  -11.979 13.207  1.00 15.57 ? 256 ASP A O   1 
ATOM   673  C  CB  . ASP A 1 86  ? -4.744  -10.403 14.328  1.00 13.47 ? 256 ASP A CB  1 
ATOM   674  C  CG  . ASP A 1 86  ? -4.805  -11.375 15.489  1.00 14.30 ? 256 ASP A CG  1 
ATOM   675  O  OD1 . ASP A 1 86  ? -3.875  -11.432 16.305  1.00 15.55 ? 256 ASP A OD1 1 
ATOM   676  O  OD2 . ASP A 1 86  ? -5.818  -12.077 15.580  1.00 15.77 ? 256 ASP A OD2 1 
ATOM   677  N  N   . GLY A 1 87  ? -1.115  -10.496 13.548  1.00 14.76 ? 257 GLY A N   1 
ATOM   678  C  CA  . GLY A 1 87  ? -0.036  -11.369 13.103  1.00 15.31 ? 257 GLY A CA  1 
ATOM   679  C  C   . GLY A 1 87  ? 1.302   -10.701 13.350  1.00 16.90 ? 257 GLY A C   1 
ATOM   680  O  O   . GLY A 1 87  ? 1.373   -9.567  13.804  1.00 17.55 ? 257 GLY A O   1 
ATOM   681  N  N   . VAL A 1 88  ? 2.378   -11.399 13.015  1.00 17.85 ? 258 VAL A N   1 
ATOM   682  C  CA  . VAL A 1 88  ? 3.716   -10.865 13.160  1.00 18.55 ? 258 VAL A CA  1 
ATOM   683  C  C   . VAL A 1 88  ? 3.844   -9.682  12.223  1.00 16.73 ? 258 VAL A C   1 
ATOM   684  O  O   . VAL A 1 88  ? 3.173   -9.616  11.190  1.00 18.10 ? 258 VAL A O   1 
ATOM   685  C  CB  . VAL A 1 88  ? 4.779   -11.921 12.796  1.00 20.55 ? 258 VAL A CB  1 
ATOM   686  C  CG1 . VAL A 1 88  ? 4.650   -13.142 13.692  1.00 23.44 ? 258 VAL A CG1 1 
ATOM   687  C  CG2 . VAL A 1 88  ? 4.665   -12.323 11.333  1.00 22.01 ? 258 VAL A CG2 1 
ATOM   688  N  N   . THR A 1 89  ? 4.668   -8.723  12.587  1.00 14.59 ? 259 THR A N   1 
ATOM   689  C  CA  . THR A 1 89  ? 4.938   -7.612  11.702  1.00 14.83 ? 259 THR A CA  1 
ATOM   690  C  C   . THR A 1 89  ? 6.330   -7.763  11.101  1.00 13.91 ? 259 THR A C   1 
ATOM   691  O  O   . THR A 1 89  ? 7.324   -7.991  11.799  1.00 14.65 ? 259 THR A O   1 
ATOM   692  C  CB  . THR A 1 89  ? 4.806   -6.267  12.444  1.00 16.48 ? 259 THR A CB  1 
ATOM   693  O  OG1 . THR A 1 89  ? 3.598   -6.272  13.217  1.00 19.52 ? 259 THR A OG1 1 
ATOM   694  C  CG2 . THR A 1 89  ? 4.788   -5.099  11.452  1.00 17.37 ? 259 THR A CG2 1 
ATOM   695  N  N   . ASN A 1 90  ? 6.391   -7.666  9.788   1.00 12.68 ? 260 ASN A N   1 
ATOM   696  C  CA  . ASN A 1 90  ? 7.648   -7.521  9.076   1.00 12.21 ? 260 ASN A CA  1 
ATOM   697  C  C   . ASN A 1 90  ? 7.374   -6.720  7.808   1.00 11.59 ? 260 ASN A C   1 
ATOM   698  O  O   . ASN A 1 90  ? 6.208   -6.499  7.431   1.00 10.76 ? 260 ASN A O   1 
ATOM   699  C  CB  . ASN A 1 90  ? 8.314   -8.875  8.792   1.00 12.69 ? 260 ASN A CB  1 
ATOM   700  C  CG  . ASN A 1 90  ? 7.396   -9.844  8.098   1.00 13.57 ? 260 ASN A CG  1 
ATOM   701  O  OD1 . ASN A 1 90  ? 6.929   -9.561  7.001   1.00 14.38 ? 260 ASN A OD1 1 
ATOM   702  N  ND2 . ASN A 1 90  ? 7.146   -10.991 8.713   1.00 14.48 ? 260 ASN A ND2 1 
ATOM   703  N  N   . TRP A 1 91  ? 8.409   -6.224  7.147   1.00 11.67 ? 261 TRP A N   1 
ATOM   704  C  CA  . TRP A 1 91  ? 8.188   -5.385  5.986   1.00 11.47 ? 261 TRP A CA  1 
ATOM   705  C  C   . TRP A 1 91  ? 7.463   -6.130  4.886   1.00 11.12 ? 261 TRP A C   1 
ATOM   706  O  O   . TRP A 1 91  ? 6.691   -5.524  4.154   1.00 10.89 ? 261 TRP A O   1 
ATOM   707  C  CB  . TRP A 1 91  ? 9.498   -4.821  5.451   1.00 11.98 ? 261 TRP A CB  1 
ATOM   708  C  CG  . TRP A 1 91  ? 10.056  -3.667  6.254   1.00 12.30 ? 261 TRP A CG  1 
ATOM   709  C  CD1 . TRP A 1 91  ? 11.295  -3.596  6.886   1.00 13.60 ? 261 TRP A CD1 1 
ATOM   710  C  CD2 . TRP A 1 91  ? 9.412   -2.371  6.524   1.00 12.69 ? 261 TRP A CD2 1 
ATOM   711  N  NE1 . TRP A 1 91  ? 11.448  -2.384  7.505   1.00 13.29 ? 261 TRP A NE1 1 
ATOM   712  C  CE2 . TRP A 1 91  ? 10.364  -1.605  7.326   1.00 13.03 ? 261 TRP A CE2 1 
ATOM   713  C  CE3 . TRP A 1 91  ? 8.196   -1.785  6.185   1.00 12.68 ? 261 TRP A CE3 1 
ATOM   714  C  CZ2 . TRP A 1 91  ? 10.084  -0.324  7.768   1.00 13.39 ? 261 TRP A CZ2 1 
ATOM   715  C  CZ3 . TRP A 1 91  ? 7.924   -0.489  6.647   1.00 12.91 ? 261 TRP A CZ3 1 
ATOM   716  C  CH2 . TRP A 1 91  ? 8.856   0.221   7.414   1.00 13.19 ? 261 TRP A CH2 1 
ATOM   717  N  N   . GLY A 1 92  ? 7.696   -7.433  4.757   1.00 10.55 ? 262 GLY A N   1 
ATOM   718  C  CA  . GLY A 1 92  ? 7.030   -8.221  3.731   1.00 11.28 ? 262 GLY A CA  1 
ATOM   719  C  C   . GLY A 1 92  ? 5.520   -8.188  3.890   1.00 10.48 ? 262 GLY A C   1 
ATOM   720  O  O   . GLY A 1 92  ? 4.788   -8.026  2.907   1.00 10.79 ? 262 GLY A O   1 
ATOM   721  N  N   . ARG A 1 93  ? 5.046   -8.305  5.121   1.00 9.90  ? 263 ARG A N   1 
ATOM   722  C  CA  . ARG A 1 93  ? 3.598   -8.273  5.374   1.00 10.18 ? 263 ARG A CA  1 
ATOM   723  C  C   . ARG A 1 93  ? 3.014   -6.905  5.119   1.00 10.29 ? 263 ARG A C   1 
ATOM   724  O  O   . ARG A 1 93  ? 1.878   -6.807  4.663   1.00 10.30 ? 263 ARG A O   1 
ATOM   725  C  CB  . ARG A 1 93  ? 3.267   -8.776  6.782   1.00 10.93 ? 263 ARG A CB  1 
ATOM   726  C  CG  . ARG A 1 93  ? 3.661   -10.225 6.996   1.00 13.17 ? 263 ARG A CG  1 
ATOM   727  C  CD  . ARG A 1 93  ? 3.033   -10.817 8.238   1.00 15.14 ? 263 ARG A CD  1 
ATOM   728  N  NE  . ARG A 1 93  ? 1.623   -11.107 7.979   1.00 17.52 ? 263 ARG A NE  1 
ATOM   729  C  CZ  . ARG A 1 93  ? 0.580   -10.658 8.674   1.00 16.86 ? 263 ARG A CZ  1 
ATOM   730  N  NH1 . ARG A 1 93  ? -0.647  -10.981 8.265   1.00 18.87 ? 263 ARG A NH1 1 
ATOM   731  N  NH2 . ARG A 1 93  ? 0.724   -9.865  9.732   1.00 19.23 ? 263 ARG A NH2 1 
ATOM   732  N  N   . ILE A 1 94  ? 3.784   -5.852  5.360   1.00 10.52 ? 264 ILE A N   1 
ATOM   733  C  CA  . ILE A 1 94  ? 3.354   -4.513  5.049   1.00 9.93  ? 264 ILE A CA  1 
ATOM   734  C  C   . ILE A 1 94  ? 3.256   -4.327  3.528   1.00 10.07 ? 264 ILE A C   1 
ATOM   735  O  O   . ILE A 1 94  ? 2.292   -3.723  3.042   1.00 10.35 ? 264 ILE A O   1 
ATOM   736  C  CB  . ILE A 1 94  ? 4.277   -3.476  5.737   1.00 10.14 ? 264 ILE A CB  1 
ATOM   737  C  CG1 . ILE A 1 94  ? 4.074   -3.524  7.257   1.00 10.75 ? 264 ILE A CG1 1 
ATOM   738  C  CG2 . ILE A 1 94  ? 4.048   -2.081  5.156   1.00 11.01 ? 264 ILE A CG2 1 
ATOM   739  C  CD1 . ILE A 1 94  ? 5.127   -2.818  8.075   1.00 11.19 ? 264 ILE A CD1 1 
ATOM   740  N  N   . VAL A 1 95  ? 4.220   -4.843  2.773   1.00 10.62 ? 265 VAL A N   1 
ATOM   741  C  CA  . VAL A 1 95  ? 4.135   -4.818  1.321   1.00 10.64 ? 265 VAL A CA  1 
ATOM   742  C  C   . VAL A 1 95  ? 2.931   -5.628  0.818   1.00 10.93 ? 265 VAL A C   1 
ATOM   743  O  O   . VAL A 1 95  ? 2.235   -5.164  -0.093  1.00 11.55 ? 265 VAL A O   1 
ATOM   744  C  CB  . VAL A 1 95  ? 5.465   -5.286  0.670   1.00 11.06 ? 265 VAL A CB  1 
ATOM   745  C  CG1 . VAL A 1 95  ? 5.315   -5.421  -0.838  1.00 12.28 ? 265 VAL A CG1 1 
ATOM   746  C  CG2 . VAL A 1 95  ? 6.585   -4.306  1.003   1.00 12.74 ? 265 VAL A CG2 1 
ATOM   747  N  N   . THR A 1 96  ? 2.621   -6.768  1.417   1.00 10.30 ? 266 THR A N   1 
ATOM   748  C  CA  . THR A 1 96  ? 1.441   -7.520  0.981   1.00 10.63 ? 266 THR A CA  1 
ATOM   749  C  C   . THR A 1 96  ? 0.165   -6.728  1.256   1.00 10.22 ? 266 THR A C   1 
ATOM   750  O  O   . THR A 1 96  ? -0.704  -6.667  0.406   1.00 10.50 ? 266 THR A O   1 
ATOM   751  C  CB  . THR A 1 96  ? 1.331   -8.864  1.690   1.00 11.88 ? 266 THR A CB  1 
ATOM   752  O  OG1 . THR A 1 96  ? 2.526   -9.605  1.407   1.00 13.71 ? 266 THR A OG1 1 
ATOM   753  C  CG2 . THR A 1 96  ? 0.106   -9.653  1.194   1.00 12.68 ? 266 THR A CG2 1 
ATOM   754  N  N   . LEU A 1 97  ? 0.061   -6.090  2.421   1.00 10.03 ? 267 LEU A N   1 
ATOM   755  C  CA  . LEU A 1 97  ? -1.058  -5.221  2.728   1.00 10.05 ? 267 LEU A CA  1 
ATOM   756  C  C   . LEU A 1 97  ? -1.261  -4.165  1.645   1.00 10.21 ? 267 LEU A C   1 
ATOM   757  O  O   . LEU A 1 97  ? -2.375  -4.000  1.112   1.00 10.84 ? 267 LEU A O   1 
ATOM   758  C  CB  . LEU A 1 97  ? -0.806  -4.525  4.066   1.00 9.91  ? 267 LEU A CB  1 
ATOM   759  C  CG  . LEU A 1 97  ? -1.800  -3.449  4.511   1.00 9.72  ? 267 LEU A CG  1 
ATOM   760  C  CD1 . LEU A 1 97  ? -3.113  -4.054  4.997   1.00 10.92 ? 267 LEU A CD1 1 
ATOM   761  C  CD2 . LEU A 1 97  ? -1.184  -2.615  5.630   1.00 10.54 ? 267 LEU A CD2 1 
ATOM   762  N  N   . ILE A 1 98  ? -0.207  -3.437  1.310   1.00 10.06 ? 268 ILE A N   1 
ATOM   763  C  CA  . ILE A 1 98  ? -0.290  -2.340  0.348   1.00 10.52 ? 268 ILE A CA  1 
ATOM   764  C  C   . ILE A 1 98  ? -0.491  -2.867  -1.080  1.00 11.30 ? 268 ILE A C   1 
ATOM   765  O  O   . ILE A 1 98  ? -1.289  -2.303  -1.847  1.00 11.49 ? 268 ILE A O   1 
ATOM   766  C  CB  . ILE A 1 98  ? 0.952   -1.423  0.463   1.00 10.83 ? 268 ILE A CB  1 
ATOM   767  C  CG1 . ILE A 1 98  ? 1.000   -0.777  1.860   1.00 10.99 ? 268 ILE A CG1 1 
ATOM   768  C  CG2 . ILE A 1 98  ? 0.983   -0.366  -0.640  1.00 11.91 ? 268 ILE A CG2 1 
ATOM   769  C  CD1 . ILE A 1 98  ? 2.320   -0.113  2.208   1.00 12.16 ? 268 ILE A CD1 1 
ATOM   770  N  N   . SER A 1 99  ? 0.170   -3.963  -1.430  1.00 10.78 ? 269 SER A N   1 
ATOM   771  C  CA  . SER A 1 99  ? 0.064   -4.563  -2.768  1.00 11.56 ? 269 SER A CA  1 
ATOM   772  C  C   . SER A 1 99  ? -1.334  -5.105  -3.035  1.00 10.79 ? 269 SER A C   1 
ATOM   773  O  O   . SER A 1 99  ? -1.867  -4.952  -4.144  1.00 11.37 ? 269 SER A O   1 
ATOM   774  C  CB  . SER A 1 99  ? 1.096   -5.677  -2.933  1.00 13.08 ? 269 SER A CB  1 
ATOM   775  O  OG  . SER A 1 99  ? 2.408   -5.158  -2.818  1.00 15.84 ? 269 SER A OG  1 
ATOM   776  N  N   . PHE A 1 100 ? -1.940  -5.755  -2.049  1.00 10.95 ? 270 PHE A N   1 
ATOM   777  C  CA  . PHE A 1 100 ? -3.315  -6.201  -2.210  1.00 10.84 ? 270 PHE A CA  1 
ATOM   778  C  C   . PHE A 1 100 ? -4.228  -4.983  -2.288  1.00 11.35 ? 270 PHE A C   1 
ATOM   779  O  O   . PHE A 1 100 ? -5.201  -4.967  -3.053  1.00 11.86 ? 270 PHE A O   1 
ATOM   780  C  CB  . PHE A 1 100 ? -3.777  -7.172  -1.135  1.00 10.86 ? 270 PHE A CB  1 
ATOM   781  C  CG  . PHE A 1 100 ? -5.107  -7.779  -1.444  1.00 11.01 ? 270 PHE A CG  1 
ATOM   782  C  CD1 . PHE A 1 100 ? -5.225  -8.739  -2.446  1.00 11.86 ? 270 PHE A CD1 1 
ATOM   783  C  CD2 . PHE A 1 100 ? -6.241  -7.364  -0.794  1.00 12.04 ? 270 PHE A CD2 1 
ATOM   784  C  CE1 . PHE A 1 100 ? -6.457  -9.277  -2.777  1.00 13.01 ? 270 PHE A CE1 1 
ATOM   785  C  CE2 . PHE A 1 100 ? -7.483  -7.890  -1.115  1.00 12.93 ? 270 PHE A CE2 1 
ATOM   786  C  CZ  . PHE A 1 100 ? -7.593  -8.856  -2.097  1.00 13.27 ? 270 PHE A CZ  1 
ATOM   787  N  N   . GLY A 1 101 ? -3.922  -3.919  -1.552  1.00 11.16 ? 271 GLY A N   1 
ATOM   788  C  CA  . GLY A 1 101 ? -4.613  -2.643  -1.721  1.00 11.11 ? 271 GLY A CA  1 
ATOM   789  C  C   . GLY A 1 101 ? -4.579  -2.138  -3.146  1.00 11.17 ? 271 GLY A C   1 
ATOM   790  O  O   . GLY A 1 101 ? -5.621  -1.699  -3.666  1.00 12.67 ? 271 GLY A O   1 
ATOM   791  N  N   . ALA A 1 102 ? -3.423  -2.187  -3.789  1.00 11.76 ? 272 ALA A N   1 
ATOM   792  C  CA  . ALA A 1 102 ? -3.314  -1.797  -5.198  1.00 11.85 ? 272 ALA A CA  1 
ATOM   793  C  C   . ALA A 1 102 ? -4.167  -2.718  -6.081  1.00 11.80 ? 272 ALA A C   1 
ATOM   794  O  O   . ALA A 1 102 ? -4.791  -2.254  -7.047  1.00 13.54 ? 272 ALA A O   1 
ATOM   795  C  CB  . ALA A 1 102 ? -1.861  -1.814  -5.653  1.00 13.22 ? 272 ALA A CB  1 
ATOM   796  N  N   . PHE A 1 103 ? -4.177  -4.015  -5.769  1.00 12.04 ? 273 PHE A N   1 
ATOM   797  C  CA  . PHE A 1 103 ? -4.952  -4.991  -6.522  1.00 13.13 ? 273 PHE A CA  1 
ATOM   798  C  C   . PHE A 1 103 ? -6.436  -4.653  -6.424  1.00 13.66 ? 273 PHE A C   1 
ATOM   799  O  O   . PHE A 1 103 ? -7.187  -4.681  -7.417  1.00 14.29 ? 273 PHE A O   1 
ATOM   800  C  CB  . PHE A 1 103 ? -4.635  -6.387  -5.984  1.00 12.70 ? 273 PHE A CB  1 
ATOM   801  C  CG  . PHE A 1 103 ? -5.077  -7.513  -6.876  1.00 13.92 ? 273 PHE A CG  1 
ATOM   802  C  CD1 . PHE A 1 103 ? -4.291  -7.887  -7.950  1.00 15.45 ? 273 PHE A CD1 1 
ATOM   803  C  CD2 . PHE A 1 103 ? -6.232  -8.224  -6.615  1.00 14.69 ? 273 PHE A CD2 1 
ATOM   804  C  CE1 . PHE A 1 103 ? -4.674  -8.935  -8.771  1.00 16.94 ? 273 PHE A CE1 1 
ATOM   805  C  CE2 . PHE A 1 103 ? -6.620  -9.272  -7.446  1.00 14.59 ? 273 PHE A CE2 1 
ATOM   806  C  CZ  . PHE A 1 103 ? -5.833  -9.618  -8.512  1.00 15.78 ? 273 PHE A CZ  1 
ATOM   807  N  N   . VAL A 1 104 ? -6.880  -4.303  -5.227  1.00 13.37 ? 274 VAL A N   1 
ATOM   808  C  CA  . VAL A 1 104 ? -8.266  -3.854  -5.036  1.00 14.42 ? 274 VAL A CA  1 
ATOM   809  C  C   . VAL A 1 104 ? -8.507  -2.524  -5.753  1.00 15.50 ? 274 VAL A C   1 
ATOM   810  O  O   . VAL A 1 104 ? -9.551  -2.335  -6.373  1.00 15.84 ? 274 VAL A O   1 
ATOM   811  C  CB  . VAL A 1 104 ? -8.620  -3.727  -3.546  1.00 14.58 ? 274 VAL A CB  1 
ATOM   812  C  CG1 . VAL A 1 104 ? -10.009 -3.097  -3.383  1.00 15.30 ? 274 VAL A CG1 1 
ATOM   813  C  CG2 . VAL A 1 104 ? -8.509  -5.076  -2.873  1.00 15.68 ? 274 VAL A CG2 1 
ATOM   814  N  N   . ALA A 1 105 ? -7.570  -1.591  -5.698  1.00 14.98 ? 275 ALA A N   1 
ATOM   815  C  CA  . ALA A 1 105 ? -7.736  -0.298  -6.386  1.00 16.35 ? 275 ALA A CA  1 
ATOM   816  C  C   . ALA A 1 105 ? -7.967  -0.502  -7.884  1.00 17.26 ? 275 ALA A C   1 
ATOM   817  O  O   . ALA A 1 105 ? -8.854  0.134   -8.478  1.00 18.18 ? 275 ALA A O   1 
ATOM   818  C  CB  . ALA A 1 105 ? -6.532  0.613   -6.152  1.00 16.14 ? 275 ALA A CB  1 
ATOM   819  N  N   . LYS A 1 106 ? -7.158  -1.354  -8.505  1.00 15.66 ? 276 LYS A N   1 
ATOM   820  C  CA  . LYS A 1 106 ? -7.311  -1.664  -9.926  1.00 17.02 ? 276 LYS A CA  1 
ATOM   821  C  C   . LYS A 1 106 ? -8.686  -2.246  -10.196 1.00 17.45 ? 276 LYS A C   1 
ATOM   822  O  O   . LYS A 1 106 ? -9.346  -1.857  -11.176 1.00 18.15 ? 276 LYS A O   1 
ATOM   823  C  CB  . LYS A 1 106 ? -6.208  -2.604  -10.397 1.00 17.90 ? 276 LYS A CB  1 
ATOM   824  C  CG  . LYS A 1 106 ? -4.879  -1.886  -10.564 1.00 19.07 ? 276 LYS A CG  1 
ATOM   825  C  CD  . LYS A 1 106 ? -3.792  -2.766  -11.141 1.00 21.38 ? 276 LYS A CD  1 
ATOM   826  C  CE  . LYS A 1 106 ? -3.365  -3.828  -10.157 1.00 23.43 ? 276 LYS A CE  1 
ATOM   827  N  NZ  . LYS A 1 106 ? -2.122  -4.506  -10.613 1.00 25.16 ? 276 LYS A NZ  1 
ATOM   828  N  N   . HIS A 1 107 ? -9.152  -3.133  -9.332  1.00 17.14 ? 277 HIS A N   1 
ATOM   829  C  CA  . HIS A 1 107 ? -10.517 -3.627  -9.432  1.00 18.82 ? 277 HIS A CA  1 
ATOM   830  C  C   . HIS A 1 107 ? -11.543 -2.502  -9.388  1.00 20.18 ? 277 HIS A C   1 
ATOM   831  O  O   . HIS A 1 107 ? -12.484 -2.500  -10.189 1.00 20.49 ? 277 HIS A O   1 
ATOM   832  C  CB  . HIS A 1 107 ? -10.775 -4.686  -8.374  1.00 20.21 ? 277 HIS A CB  1 
ATOM   833  C  CG  . HIS A 1 107 ? -12.221 -5.046  -8.226  1.00 23.68 ? 277 HIS A CG  1 
ATOM   834  N  ND1 . HIS A 1 107 ? -12.841 -5.900  -9.062  1.00 25.78 ? 277 HIS A ND1 1 
ATOM   835  C  CD2 . HIS A 1 107 ? -13.175 -4.613  -7.314  1.00 25.07 ? 277 HIS A CD2 1 
ATOM   836  C  CE1 . HIS A 1 107 ? -14.131 -6.016  -8.691  1.00 24.93 ? 277 HIS A CE1 1 
ATOM   837  N  NE2 . HIS A 1 107 ? -14.334 -5.220  -7.624  1.00 26.71 ? 277 HIS A NE2 1 
ATOM   838  N  N   . LEU A 1 108 ? -11.358 -1.510  -8.515  1.00 20.53 ? 278 LEU A N   1 
ATOM   839  C  CA  . LEU A 1 108 ? -12.278 -0.357  -8.448  1.00 22.90 ? 278 LEU A CA  1 
ATOM   840  C  C   . LEU A 1 108 ? -12.264 0.482   -9.723  1.00 23.39 ? 278 LEU A C   1 
ATOM   841  O  O   . LEU A 1 108 ? -13.294 1.067   -10.108 1.00 22.58 ? 278 LEU A O   1 
ATOM   842  C  CB  . LEU A 1 108 ? -11.930 0.523   -7.238  1.00 22.47 ? 278 LEU A CB  1 
ATOM   843  C  CG  . LEU A 1 108 ? -12.187 -0.141  -5.888  1.00 21.73 ? 278 LEU A CG  1 
ATOM   844  C  CD1 . LEU A 1 108 ? -11.629 0.694   -4.735  1.00 21.45 ? 278 LEU A CD1 1 
ATOM   845  C  CD2 . LEU A 1 108 ? -13.673 -0.372  -5.683  1.00 22.18 ? 278 LEU A CD2 1 
ATOM   846  N  N   . LYS A 1 109 ? -11.113 0.592   -10.366 1.00 25.69 ? 279 LYS A N   1 
ATOM   847  C  CA  . LYS A 1 109 ? -11.022 1.250   -11.673 1.00 26.57 ? 279 LYS A CA  1 
ATOM   848  C  C   . LYS A 1 109 ? -11.854 0.491   -12.715 1.00 26.89 ? 279 LYS A C   1 
ATOM   849  O  O   . LYS A 1 109 ? -12.563 1.113   -13.514 1.00 27.53 ? 279 LYS A O   1 
ATOM   850  C  CB  . LYS A 1 109 ? -9.564  1.346   -12.131 1.00 30.17 ? 279 LYS A CB  1 
ATOM   851  C  CG  . LYS A 1 109 ? -9.345  1.956   -13.512 1.00 32.85 ? 279 LYS A CG  1 
ATOM   852  C  CD  . LYS A 1 109 ? -9.582  3.453   -13.496 1.00 35.82 ? 279 LYS A CD  1 
ATOM   853  C  CE  . LYS A 1 109 ? -9.190  4.107   -14.814 1.00 37.75 ? 279 LYS A CE  1 
ATOM   854  N  NZ  . LYS A 1 109 ? -8.859  5.550   -14.631 1.00 39.49 ? 279 LYS A NZ  1 
ATOM   855  N  N   . THR A 1 110 ? -11.785 -0.843  -12.698 1.00 27.00 ? 280 THR A N   1 
ATOM   856  C  CA  . THR A 1 110 ? -12.450 -1.668  -13.724 1.00 28.11 ? 280 THR A CA  1 
ATOM   857  C  C   . THR A 1 110 ? -13.970 -1.606  -13.620 1.00 30.61 ? 280 THR A C   1 
ATOM   858  O  O   . THR A 1 110 ? -14.665 -1.653  -14.643 1.00 32.45 ? 280 THR A O   1 
ATOM   859  C  CB  . THR A 1 110 ? -12.011 -3.154  -13.694 1.00 28.18 ? 280 THR A CB  1 
ATOM   860  O  OG1 . THR A 1 110 ? -12.570 -3.826  -12.556 1.00 31.54 ? 280 THR A OG1 1 
ATOM   861  C  CG2 . THR A 1 110 ? -10.504 -3.272  -13.705 1.00 27.04 ? 280 THR A CG2 1 
ATOM   862  N  N   . ILE A 1 111 ? -14.484 -1.501  -12.398 1.00 30.30 ? 281 ILE A N   1 
ATOM   863  C  CA  . ILE A 1 111 ? -15.920 -1.306  -12.177 1.00 31.06 ? 281 ILE A CA  1 
ATOM   864  C  C   . ILE A 1 111 ? -16.303 0.188   -12.059 1.00 29.81 ? 281 ILE A C   1 
ATOM   865  O  O   . ILE A 1 111 ? -17.363 0.527   -11.541 1.00 30.77 ? 281 ILE A O   1 
ATOM   866  C  CB  . ILE A 1 111 ? -16.430 -2.125  -10.963 1.00 29.72 ? 281 ILE A CB  1 
ATOM   867  C  CG1 . ILE A 1 111 ? -15.886 -1.589  -9.631  1.00 29.48 ? 281 ILE A CG1 1 
ATOM   868  C  CG2 . ILE A 1 111 ? -16.039 -3.592  -11.098 1.00 31.91 ? 281 ILE A CG2 1 
ATOM   869  C  CD1 . ILE A 1 111 ? -16.392 -2.373  -8.442  1.00 27.56 ? 281 ILE A CD1 1 
ATOM   870  N  N   . ASN A 1 112 ? -15.441 1.075   -12.555 1.00 32.41 ? 282 ASN A N   1 
ATOM   871  C  CA  . ASN A 1 112 ? -15.746 2.512   -12.652 1.00 34.90 ? 282 ASN A CA  1 
ATOM   872  C  C   . ASN A 1 112 ? -16.120 3.167   -11.320 1.00 35.20 ? 282 ASN A C   1 
ATOM   873  O  O   . ASN A 1 112 ? -16.928 4.103   -11.281 1.00 32.97 ? 282 ASN A O   1 
ATOM   874  C  CB  . ASN A 1 112 ? -16.863 2.739   -13.678 1.00 38.20 ? 282 ASN A CB  1 
ATOM   875  C  CG  . ASN A 1 112 ? -16.626 1.975   -14.966 1.00 40.84 ? 282 ASN A CG  1 
ATOM   876  O  OD1 . ASN A 1 112 ? -15.675 2.256   -15.696 1.00 45.41 ? 282 ASN A OD1 1 
ATOM   877  N  ND2 . ASN A 1 112 ? -17.483 0.997   -15.243 1.00 41.58 ? 282 ASN A ND2 1 
ATOM   878  N  N   . GLN A 1 113 ? -15.522 2.678   -10.236 1.00 32.00 ? 283 GLN A N   1 
ATOM   879  C  CA  . GLN A 1 113 ? -15.726 3.247   -8.909  1.00 33.15 ? 283 GLN A CA  1 
ATOM   880  C  C   . GLN A 1 113 ? -14.414 3.797   -8.380  1.00 28.77 ? 283 GLN A C   1 
ATOM   881  O  O   . GLN A 1 113 ? -14.040 3.545   -7.224  1.00 28.86 ? 283 GLN A O   1 
ATOM   882  C  CB  . GLN A 1 113 ? -16.286 2.199   -7.957  1.00 34.27 ? 283 GLN A CB  1 
ATOM   883  C  CG  . GLN A 1 113 ? -17.713 1.799   -8.268  1.00 39.75 ? 283 GLN A CG  1 
ATOM   884  C  CD  . GLN A 1 113 ? -18.395 1.207   -7.060  1.00 41.59 ? 283 GLN A CD  1 
ATOM   885  O  OE1 . GLN A 1 113 ? -19.437 1.692   -6.619  1.00 45.20 ? 283 GLN A OE1 1 
ATOM   886  N  NE2 . GLN A 1 113 ? -17.791 0.169   -6.494  1.00 43.46 ? 283 GLN A NE2 1 
ATOM   887  N  N   . GLU A 1 114 ? -13.741 4.571   -9.232  1.00 30.21 ? 284 GLU A N   1 
ATOM   888  C  CA  . GLU A 1 114 ? -12.464 5.200   -8.910  1.00 31.66 ? 284 GLU A CA  1 
ATOM   889  C  C   . GLU A 1 114 ? -12.540 6.089   -7.686  1.00 28.88 ? 284 GLU A C   1 
ATOM   890  O  O   . GLU A 1 114 ? -11.531 6.284   -7.018  1.00 27.08 ? 284 GLU A O   1 
ATOM   891  C  CB  . GLU A 1 114 ? -11.963 6.055   -10.076 1.00 35.40 ? 284 GLU A CB  1 
ATOM   892  C  CG  . GLU A 1 114 ? -11.287 5.294   -11.197 1.00 40.09 ? 284 GLU A CG  1 
ATOM   893  C  CD  . GLU A 1 114 ? -10.662 6.229   -12.213 1.00 44.03 ? 284 GLU A CD  1 
ATOM   894  O  OE1 . GLU A 1 114 ? -11.146 6.267   -13.366 1.00 49.13 ? 284 GLU A OE1 1 
ATOM   895  O  OE2 . GLU A 1 114 ? -9.690  6.932   -11.856 1.00 46.91 ? 284 GLU A OE2 1 
ATOM   896  N  N   . SER A 1 115 ? -13.719 6.647   -7.406  1.00 25.97 ? 285 SER A N   1 
ATOM   897  C  CA  . SER A 1 115 ? -13.880 7.549   -6.274  1.00 25.15 ? 285 SER A CA  1 
ATOM   898  C  C   . SER A 1 115 ? -13.592 6.876   -4.940  1.00 23.51 ? 285 SER A C   1 
ATOM   899  O  O   . SER A 1 115 ? -13.235 7.558   -3.995  1.00 22.11 ? 285 SER A O   1 
ATOM   900  C  CB  . SER A 1 115 ? -15.280 8.185   -6.260  1.00 26.84 ? 285 SER A CB  1 
ATOM   901  O  OG  . SER A 1 115 ? -16.295 7.202   -6.155  1.00 30.53 ? 285 SER A OG  1 
ATOM   902  N  N   . CYS A 1 116 ? -13.729 5.550   -4.862  1.00 21.26 ? 286 CYS A N   1 
ATOM   903  C  CA  . CYS A 1 116 ? -13.433 4.814   -3.612  1.00 20.75 ? 286 CYS A CA  1 
ATOM   904  C  C   . CYS A 1 116 ? -11.950 4.512   -3.370  1.00 18.53 ? 286 CYS A C   1 
ATOM   905  O  O   . CYS A 1 116 ? -11.598 4.009   -2.297  1.00 18.70 ? 286 CYS A O   1 
ATOM   906  C  CB  . CYS A 1 116 ? -14.214 3.503   -3.544  1.00 20.83 ? 286 CYS A CB  1 
ATOM   907  S  SG  . CYS A 1 116 ? -15.938 3.717   -3.080  0.50 21.35 ? 286 CYS A SG  1 
ATOM   908  N  N   . ILE A 1 117 ? -11.092 4.854   -4.319  1.00 18.80 ? 287 ILE A N   1 
ATOM   909  C  CA  . ILE A 1 117 ? -9.666  4.554   -4.194  1.00 18.79 ? 287 ILE A CA  1 
ATOM   910  C  C   . ILE A 1 117 ? -9.026  5.365   -3.078  1.00 18.80 ? 287 ILE A C   1 
ATOM   911  O  O   . ILE A 1 117 ? -8.271  4.820   -2.271  1.00 17.92 ? 287 ILE A O   1 
ATOM   912  C  CB  . ILE A 1 117 ? -8.909  4.776   -5.517  1.00 20.50 ? 287 ILE A CB  1 
ATOM   913  C  CG1 . ILE A 1 117 ? -9.376  3.739   -6.544  1.00 22.15 ? 287 ILE A CG1 1 
ATOM   914  C  CG2 . ILE A 1 117 ? -7.403  4.701   -5.296  1.00 20.76 ? 287 ILE A CG2 1 
ATOM   915  C  CD1 . ILE A 1 117 ? -8.776  3.924   -7.920  1.00 24.34 ? 287 ILE A CD1 1 
ATOM   916  N  N   . GLU A 1 118 ? -9.302  6.660   -3.007  1.00 19.30 ? 288 GLU A N   1 
ATOM   917  C  CA  . GLU A 1 118 ? -8.708  7.453   -1.933  1.00 20.69 ? 288 GLU A CA  1 
ATOM   918  C  C   . GLU A 1 118 ? -9.231  7.056   -0.532  1.00 19.83 ? 288 GLU A C   1 
ATOM   919  O  O   . GLU A 1 118 ? -8.439  6.914   0.383   1.00 17.71 ? 288 GLU A O   1 
ATOM   920  C  CB  . GLU A 1 118 ? -8.813  8.949   -2.231  1.00 24.62 ? 288 GLU A CB  1 
ATOM   921  C  CG  . GLU A 1 118 ? -7.874  9.324   -3.371  1.00 29.18 ? 288 GLU A CG  1 
ATOM   922  C  CD  . GLU A 1 118 ? -7.779  10.812  -3.634  1.00 33.80 ? 288 GLU A CD  1 
ATOM   923  O  OE1 . GLU A 1 118 ? -7.577  11.578  -2.667  1.00 39.40 ? 288 GLU A OE1 1 
ATOM   924  O  OE2 . GLU A 1 118 ? -7.878  11.205  -4.818  1.00 39.72 ? 288 GLU A OE2 1 
ATOM   925  N  N   . PRO A 1 119 ? -10.543 6.833   -0.366  1.00 17.41 ? 289 PRO A N   1 
ATOM   926  C  CA  . PRO A 1 119 ? -10.998 6.284   0.910   1.00 18.55 ? 289 PRO A CA  1 
ATOM   927  C  C   . PRO A 1 119 ? -10.315 4.957   1.270   1.00 17.70 ? 289 PRO A C   1 
ATOM   928  O  O   . PRO A 1 119 ? -9.998  4.717   2.443   1.00 16.74 ? 289 PRO A O   1 
ATOM   929  C  CB  . PRO A 1 119 ? -12.495 6.077   0.693   1.00 21.22 ? 289 PRO A CB  1 
ATOM   930  C  CG  . PRO A 1 119 ? -12.857 7.093   -0.327  1.00 21.19 ? 289 PRO A CG  1 
ATOM   931  C  CD  . PRO A 1 119 ? -11.664 7.320   -1.192  1.00 19.66 ? 289 PRO A CD  1 
ATOM   932  N  N   . LEU A 1 120 ? -10.108 4.093   0.279   1.00 16.38 ? 290 LEU A N   1 
ATOM   933  C  CA  . LEU A 1 120 ? -9.403  2.825   0.506   1.00 16.63 ? 290 LEU A CA  1 
ATOM   934  C  C   . LEU A 1 120 ? -7.961  3.059   0.995   1.00 15.44 ? 290 LEU A C   1 
ATOM   935  O  O   . LEU A 1 120 ? -7.516  2.400   1.959   1.00 14.26 ? 290 LEU A O   1 
ATOM   936  C  CB  . LEU A 1 120 ? -9.399  2.009   -0.784  1.00 17.33 ? 290 LEU A CB  1 
ATOM   937  C  CG  . LEU A 1 120 ? -8.657  0.679   -0.707  1.00 19.28 ? 290 LEU A CG  1 
ATOM   938  C  CD1 . LEU A 1 120 ? -9.354  -0.244  0.268   1.00 20.90 ? 290 LEU A CD1 1 
ATOM   939  C  CD2 . LEU A 1 120 ? -8.563  0.057   -2.088  1.00 21.07 ? 290 LEU A CD2 1 
ATOM   940  N  N   . ALA A 1 121 ? -7.241  3.965   0.340   1.00 14.19 ? 291 ALA A N   1 
ATOM   941  C  CA  . ALA A 1 121 ? -5.881  4.304   0.749   1.00 13.62 ? 291 ALA A CA  1 
ATOM   942  C  C   . ALA A 1 121 ? -5.842  4.833   2.182   1.00 13.99 ? 291 ALA A C   1 
ATOM   943  O  O   . ALA A 1 121 ? -4.959  4.476   2.953   1.00 13.74 ? 291 ALA A O   1 
ATOM   944  C  CB  . ALA A 1 121 ? -5.265  5.309   -0.204  1.00 14.26 ? 291 ALA A CB  1 
ATOM   945  N  N   . GLU A 1 122 ? -6.793  5.674   2.555   1.00 13.70 ? 292 GLU A N   1 
ATOM   946  C  CA  . GLU A 1 122 ? -6.923  6.145   3.933   1.00 15.00 ? 292 GLU A CA  1 
ATOM   947  C  C   . GLU A 1 122 ? -7.149  4.990   4.914   1.00 14.43 ? 292 GLU A C   1 
ATOM   948  O  O   . GLU A 1 122 ? -6.555  4.958   5.988   1.00 14.12 ? 292 GLU A O   1 
ATOM   949  C  CB  . GLU A 1 122 ? -8.086  7.136   4.028   1.00 18.42 ? 292 GLU A CB  1 
ATOM   950  C  CG  . GLU A 1 122 ? -8.222  7.842   5.366   1.00 22.19 ? 292 GLU A CG  1 
ATOM   951  C  CD  . GLU A 1 122 ? -9.301  8.915   5.318   1.00 26.81 ? 292 GLU A CD  1 
ATOM   952  O  OE1 . GLU A 1 122 ? -10.463 8.570   5.012   1.00 33.85 ? 292 GLU A OE1 1 
ATOM   953  O  OE2 . GLU A 1 122 ? -8.981  10.095  5.571   1.00 32.81 ? 292 GLU A OE2 1 
ATOM   954  N  N   . SER A 1 123 ? -7.990  4.032   4.553   1.00 13.92 ? 293 SER A N   1 
ATOM   955  C  CA  . SER A 1 123 ? -8.264  2.904   5.434   1.00 14.29 ? 293 SER A CA  1 
ATOM   956  C  C   . SER A 1 123 ? -7.020  2.032   5.649   1.00 12.81 ? 293 SER A C   1 
ATOM   957  O  O   . SER A 1 123 ? -6.738  1.587   6.769   1.00 13.15 ? 293 SER A O   1 
ATOM   958  C  CB  . SER A 1 123 ? -9.395  2.040   4.881   1.00 16.71 ? 293 SER A CB  1 
ATOM   959  O  OG  . SER A 1 123 ? -10.633 2.720   4.937   1.00 21.13 ? 293 SER A OG  1 
ATOM   960  N  N   . ILE A 1 124 ? -6.270  1.782   4.580   1.00 11.78 ? 294 ILE A N   1 
ATOM   961  C  CA  . ILE A 1 124 ? -5.042  0.998   4.676   1.00 11.19 ? 294 ILE A CA  1 
ATOM   962  C  C   . ILE A 1 124 ? -4.052  1.745   5.571   1.00 10.90 ? 294 ILE A C   1 
ATOM   963  O  O   . ILE A 1 124 ? -3.405  1.152   6.438   1.00 10.70 ? 294 ILE A O   1 
ATOM   964  C  CB  . ILE A 1 124 ? -4.421  0.783   3.288   1.00 11.48 ? 294 ILE A CB  1 
ATOM   965  C  CG1 . ILE A 1 124 ? -5.335  -0.090  2.429   1.00 12.07 ? 294 ILE A CG1 1 
ATOM   966  C  CG2 . ILE A 1 124 ? -3.033  0.143   3.417   1.00 10.84 ? 294 ILE A CG2 1 
ATOM   967  C  CD1 . ILE A 1 124 ? -4.985  -0.091  0.952   1.00 13.71 ? 294 ILE A CD1 1 
ATOM   968  N  N   . THR A 1 125 ? -3.937  3.048   5.357   1.00 10.83 ? 295 THR A N   1 
ATOM   969  C  CA  . THR A 1 125 ? -3.014  3.869   6.141   1.00 10.85 ? 295 THR A CA  1 
ATOM   970  C  C   . THR A 1 125 ? -3.402  3.853   7.612   1.00 11.13 ? 295 THR A C   1 
ATOM   971  O  O   . THR A 1 125 ? -2.521  3.772   8.488   1.00 10.98 ? 295 THR A O   1 
ATOM   972  C  CB  . THR A 1 125 ? -2.931  5.325   5.627   1.00 11.41 ? 295 THR A CB  1 
ATOM   973  O  OG1 . THR A 1 125 ? -2.607  5.320   4.235   1.00 12.72 ? 295 THR A OG1 1 
ATOM   974  C  CG2 . THR A 1 125 ? -1.840  6.078   6.365   1.00 12.55 ? 295 THR A CG2 1 
ATOM   975  N  N   . ASP A 1 126 ? -4.689  3.968   7.903   1.00 11.13 ? 296 ASP A N   1 
ATOM   976  C  CA  . ASP A 1 126 ? -5.159  3.917   9.281   1.00 12.38 ? 296 ASP A CA  1 
ATOM   977  C  C   . ASP A 1 126 ? -4.771  2.600   9.936   1.00 12.02 ? 296 ASP A C   1 
ATOM   978  O  O   . ASP A 1 126 ? -4.253  2.563   11.053  1.00 13.27 ? 296 ASP A O   1 
ATOM   979  C  CB  . ASP A 1 126 ? -6.681  4.080   9.351   1.00 14.38 ? 296 ASP A CB  1 
ATOM   980  C  CG  . ASP A 1 126 ? -7.150  5.497   9.084   1.00 17.49 ? 296 ASP A CG  1 
ATOM   981  O  OD1 . ASP A 1 126 ? -6.372  6.453   9.224   1.00 18.04 ? 296 ASP A OD1 1 
ATOM   982  O  OD2 . ASP A 1 126 ? -8.341  5.637   8.750   1.00 22.14 ? 296 ASP A OD2 1 
ATOM   983  N  N   . VAL A 1 127 ? -5.032  1.492   9.262   1.00 11.74 ? 297 VAL A N   1 
ATOM   984  C  CA  . VAL A 1 127 ? -4.688  0.199   9.827   1.00 12.04 ? 297 VAL A CA  1 
ATOM   985  C  C   . VAL A 1 127 ? -3.169  0.102   10.058  1.00 11.90 ? 297 VAL A C   1 
ATOM   986  O  O   . VAL A 1 127 ? -2.730  -0.299  11.133  1.00 12.28 ? 297 VAL A O   1 
ATOM   987  C  CB  . VAL A 1 127 ? -5.205  -0.955  8.946   1.00 12.38 ? 297 VAL A CB  1 
ATOM   988  C  CG1 . VAL A 1 127 ? -4.614  -2.290  9.397   1.00 14.77 ? 297 VAL A CG1 1 
ATOM   989  C  CG2 . VAL A 1 127 ? -6.732  -0.999  8.976   1.00 13.61 ? 297 VAL A CG2 1 
ATOM   990  N  N   . LEU A 1 128 ? -2.354  0.470   9.074   1.00 10.34 ? 298 LEU A N   1 
ATOM   991  C  CA  . LEU A 1 128 ? -0.902  0.345   9.199   1.00 10.30 ? 298 LEU A CA  1 
ATOM   992  C  C   . LEU A 1 128 ? -0.345  1.207   10.322  1.00 10.45 ? 298 LEU A C   1 
ATOM   993  O  O   . LEU A 1 128 ? 0.333   0.717   11.222  1.00 10.82 ? 298 LEU A O   1 
ATOM   994  C  CB  . LEU A 1 128 ? -0.236  0.718   7.874   1.00 10.60 ? 298 LEU A CB  1 
ATOM   995  C  CG  . LEU A 1 128 ? 1.275   0.716   7.866   1.00 10.97 ? 298 LEU A CG  1 
ATOM   996  C  CD1 . LEU A 1 128 ? 1.842   -0.648  8.226   1.00 11.91 ? 298 LEU A CD1 1 
ATOM   997  C  CD2 . LEU A 1 128 ? 1.771   1.131   6.494   1.00 12.18 ? 298 LEU A CD2 1 
ATOM   998  N  N   . VAL A 1 129 ? -0.630  2.500   10.265  1.00 10.32 ? 299 VAL A N   1 
ATOM   999  C  CA  . VAL A 1 129 ? -0.018  3.453   11.186  1.00 10.97 ? 299 VAL A CA  1 
ATOM   1000 C  C   . VAL A 1 129 ? -0.611  3.339   12.581  1.00 11.48 ? 299 VAL A C   1 
ATOM   1001 O  O   . VAL A 1 129 ? 0.122   3.377   13.561  1.00 12.43 ? 299 VAL A O   1 
ATOM   1002 C  CB  . VAL A 1 129 ? -0.106  4.900   10.657  1.00 11.41 ? 299 VAL A CB  1 
ATOM   1003 C  CG1 . VAL A 1 129 ? 0.458   5.890   11.679  1.00 13.06 ? 299 VAL A CG1 1 
ATOM   1004 C  CG2 . VAL A 1 129 ? 0.664   5.014   9.358   1.00 12.82 ? 299 VAL A CG2 1 
ATOM   1005 N  N   . ARG A 1 130 ? -1.916  3.193   12.686  1.00 12.04 ? 300 ARG A N   1 
ATOM   1006 C  CA  . ARG A 1 130 ? -2.545  3.257   13.989  1.00 13.28 ? 300 ARG A CA  1 
ATOM   1007 C  C   . ARG A 1 130 ? -2.434  1.938   14.742  1.00 12.65 ? 300 ARG A C   1 
ATOM   1008 O  O   . ARG A 1 130 ? -2.518  1.937   15.971  1.00 14.03 ? 300 ARG A O   1 
ATOM   1009 C  CB  . ARG A 1 130 ? -3.975  3.820   13.874  1.00 16.18 ? 300 ARG A CB  1 
ATOM   1010 C  CG  . ARG A 1 130 ? -3.966  5.144   13.085  1.00 20.86 ? 300 ARG A CG  1 
ATOM   1011 C  CD  . ARG A 1 130 ? -5.234  5.996   13.173  1.00 23.89 ? 300 ARG A CD  1 
ATOM   1012 N  NE  . ARG A 1 130 ? -5.218  7.188   12.307  1.00 27.27 ? 300 ARG A NE  1 
ATOM   1013 C  CZ  . ARG A 1 130 ? -4.556  8.324   12.559  1.00 29.21 ? 300 ARG A CZ  1 
ATOM   1014 N  NH1 . ARG A 1 130 ? -3.796  8.457   13.640  1.00 28.12 ? 300 ARG A NH1 1 
ATOM   1015 N  NH2 . ARG A 1 130 ? -4.637  9.334   11.701  1.00 30.93 ? 300 ARG A NH2 1 
ATOM   1016 N  N   . THR A 1 131 ? -2.155  0.815   14.066  1.00 11.97 ? 301 THR A N   1 
ATOM   1017 C  CA  . THR A 1 131 ? -1.955  -0.458  14.764  1.00 11.88 ? 301 THR A CA  1 
ATOM   1018 C  C   . THR A 1 131 ? -0.495  -0.888  14.882  1.00 11.87 ? 301 THR A C   1 
ATOM   1019 O  O   . THR A 1 131 ? -0.177  -1.753  15.697  1.00 12.56 ? 301 THR A O   1 
ATOM   1020 C  CB  . THR A 1 131 ? -2.836  -1.625  14.211  1.00 11.67 ? 301 THR A CB  1 
ATOM   1021 O  OG1 . THR A 1 131 ? -2.310  -2.154  12.983  1.00 11.23 ? 301 THR A OG1 1 
ATOM   1022 C  CG2 . THR A 1 131 ? -4.290  -1.167  14.033  1.00 12.52 ? 301 THR A CG2 1 
ATOM   1023 N  N   . LYS A 1 132 ? 0.402   -0.305  14.078  1.00 10.64 ? 302 LYS A N   1 
ATOM   1024 C  CA  . LYS A 1 132 ? 1.815   -0.714  14.074  1.00 11.22 ? 302 LYS A CA  1 
ATOM   1025 C  C   . LYS A 1 132 ? 2.797   0.427   14.276  1.00 11.26 ? 302 LYS A C   1 
ATOM   1026 O  O   . LYS A 1 132 ? 3.973   0.298   13.924  1.00 11.64 ? 302 LYS A O   1 
ATOM   1027 C  CB  . LYS A 1 132 ? 2.167   -1.470  12.784  1.00 11.34 ? 302 LYS A CB  1 
ATOM   1028 C  CG  . LYS A 1 132 ? 1.281   -2.686  12.516  1.00 12.50 ? 302 LYS A CG  1 
ATOM   1029 C  CD  . LYS A 1 132 ? 1.390   -3.733  13.613  1.00 14.08 ? 302 LYS A CD  1 
ATOM   1030 C  CE  . LYS A 1 132 ? 0.345   -4.826  13.433  1.00 15.60 ? 302 LYS A CE  1 
ATOM   1031 N  NZ  . LYS A 1 132 ? 0.270   -5.721  14.634  1.00 19.58 ? 302 LYS A NZ  1 
ATOM   1032 N  N   . ARG A 1 133 ? 2.372   1.516   14.896  1.00 11.88 ? 303 ARG A N   1 
ATOM   1033 C  CA  . ARG A 1 133 ? 3.270   2.669   15.048  1.00 12.47 ? 303 ARG A CA  1 
ATOM   1034 C  C   . ARG A 1 133 ? 4.562   2.312   15.773  1.00 13.03 ? 303 ARG A C   1 
ATOM   1035 O  O   . ARG A 1 133 ? 5.625   2.716   15.328  1.00 13.24 ? 303 ARG A O   1 
ATOM   1036 C  CB  . ARG A 1 133 ? 2.618   3.858   15.746  1.00 13.24 ? 303 ARG A CB  1 
ATOM   1037 C  CG  . ARG A 1 133 ? 3.499   5.111   15.693  1.00 14.48 ? 303 ARG A CG  1 
ATOM   1038 C  CD  . ARG A 1 133 ? 2.921   6.291   16.441  1.00 14.61 ? 303 ARG A CD  1 
ATOM   1039 N  NE  . ARG A 1 133 ? 1.622   6.698   15.912  1.00 14.11 ? 303 ARG A NE  1 
ATOM   1040 C  CZ  . ARG A 1 133 ? 1.421   7.599   14.949  1.00 13.44 ? 303 ARG A CZ  1 
ATOM   1041 N  NH1 . ARG A 1 133 ? 2.431   8.230   14.343  1.00 14.84 ? 303 ARG A NH1 1 
ATOM   1042 N  NH2 . ARG A 1 133 ? 0.188   7.880   14.581  1.00 13.45 ? 303 ARG A NH2 1 
ATOM   1043 N  N   . ASP A 1 134 ? 4.470   1.559   16.864  1.00 13.87 ? 304 ASP A N   1 
ATOM   1044 C  CA  . ASP A 1 134 ? 5.661   1.231   17.655  1.00 15.16 ? 304 ASP A CA  1 
ATOM   1045 C  C   . ASP A 1 134 ? 6.697   0.521   16.787  1.00 14.03 ? 304 ASP A C   1 
ATOM   1046 O  O   . ASP A 1 134 ? 7.882   0.850   16.811  1.00 14.65 ? 304 ASP A O   1 
ATOM   1047 C  CB  . ASP A 1 134 ? 5.287   0.358   18.871  1.00 18.85 ? 304 ASP A CB  1 
ATOM   1048 C  CG  . ASP A 1 134 ? 4.754   1.164   20.047  1.00 25.21 ? 304 ASP A CG  1 
ATOM   1049 O  OD1 . ASP A 1 134 ? 4.646   2.404   19.943  1.00 30.14 ? 304 ASP A OD1 1 
ATOM   1050 O  OD2 . ASP A 1 134 ? 4.466   0.536   21.093  1.00 31.25 ? 304 ASP A OD2 1 
ATOM   1051 N  N   . TRP A 1 135 ? 6.243   -0.462  16.020  1.00 12.32 ? 305 TRP A N   1 
ATOM   1052 C  CA  . TRP A 1 135 ? 7.122   -1.220  15.168  1.00 11.71 ? 305 TRP A CA  1 
ATOM   1053 C  C   . TRP A 1 135 ? 7.697   -0.345  14.069  1.00 12.14 ? 305 TRP A C   1 
ATOM   1054 O  O   . TRP A 1 135 ? 8.896   -0.390  13.795  1.00 11.64 ? 305 TRP A O   1 
ATOM   1055 C  CB  . TRP A 1 135 ? 6.374   -2.429  14.600  1.00 12.12 ? 305 TRP A CB  1 
ATOM   1056 C  CG  . TRP A 1 135 ? 7.252   -3.395  13.864  1.00 13.25 ? 305 TRP A CG  1 
ATOM   1057 C  CD1 . TRP A 1 135 ? 7.813   -4.569  14.347  1.00 13.65 ? 305 TRP A CD1 1 
ATOM   1058 C  CD2 . TRP A 1 135 ? 7.675   -3.314  12.470  1.00 13.01 ? 305 TRP A CD2 1 
ATOM   1059 N  NE1 . TRP A 1 135 ? 8.549   -5.193  13.382  1.00 14.39 ? 305 TRP A NE1 1 
ATOM   1060 C  CE2 . TRP A 1 135 ? 8.509   -4.498  12.224  1.00 12.82 ? 305 TRP A CE2 1 
ATOM   1061 C  CE3 . TRP A 1 135 ? 7.457   -2.413  11.439  1.00 12.65 ? 305 TRP A CE3 1 
ATOM   1062 C  CZ2 . TRP A 1 135 ? 9.086   -4.744  10.996  1.00 13.04 ? 305 TRP A CZ2 1 
ATOM   1063 C  CZ3 . TRP A 1 135 ? 8.055   -2.664  10.196  1.00 12.66 ? 305 TRP A CZ3 1 
ATOM   1064 C  CH2 . TRP A 1 135 ? 8.840   -3.809  9.981   1.00 12.93 ? 305 TRP A CH2 1 
ATOM   1065 N  N   . LEU A 1 136 ? 6.859   0.471   13.439  1.00 11.38 ? 306 LEU A N   1 
ATOM   1066 C  CA  . LEU A 1 136 ? 7.323   1.353   12.376  1.00 11.47 ? 306 LEU A CA  1 
ATOM   1067 C  C   . LEU A 1 136 ? 8.392   2.301   12.887  1.00 11.98 ? 306 LEU A C   1 
ATOM   1068 O  O   . LEU A 1 136 ? 9.402   2.486   12.218  1.00 12.35 ? 306 LEU A O   1 
ATOM   1069 C  CB  . LEU A 1 136 ? 6.163   2.143   11.770  1.00 11.39 ? 306 LEU A CB  1 
ATOM   1070 C  CG  . LEU A 1 136 ? 5.185   1.288   10.953  1.00 11.34 ? 306 LEU A CG  1 
ATOM   1071 C  CD1 . LEU A 1 136 ? 3.851   1.992   10.737  1.00 12.50 ? 306 LEU A CD1 1 
ATOM   1072 C  CD2 . LEU A 1 136 ? 5.813   0.843   9.627   1.00 12.09 ? 306 LEU A CD2 1 
ATOM   1073 N  N   . VAL A 1 137 ? 8.167   2.895   14.059  1.00 12.66 ? 307 VAL A N   1 
ATOM   1074 C  CA  . VAL A 1 137 ? 9.162   3.817   14.634  1.00 13.34 ? 307 VAL A CA  1 
ATOM   1075 C  C   . VAL A 1 137 ? 10.489  3.080   14.913  1.00 13.19 ? 307 VAL A C   1 
ATOM   1076 O  O   . VAL A 1 137 ? 11.572  3.555   14.534  1.00 13.75 ? 307 VAL A O   1 
ATOM   1077 C  CB  . VAL A 1 137 ? 8.600   4.509   15.898  1.00 13.53 ? 307 VAL A CB  1 
ATOM   1078 C  CG1 . VAL A 1 137 ? 9.686   5.284   16.644  1.00 15.43 ? 307 VAL A CG1 1 
ATOM   1079 C  CG2 . VAL A 1 137 ? 7.476   5.452   15.502  1.00 14.41 ? 307 VAL A CG2 1 
ATOM   1080 N  N   . LYS A 1 138 ? 10.406  1.900   15.513  1.00 12.87 ? 308 LYS A N   1 
ATOM   1081 C  CA  . LYS A 1 138 ? 11.609  1.113   15.842  1.00 15.33 ? 308 LYS A CA  1 
ATOM   1082 C  C   . LYS A 1 138 ? 12.384  0.711   14.590  1.00 15.10 ? 308 LYS A C   1 
ATOM   1083 O  O   . LYS A 1 138 ? 13.607  0.601   14.631  1.00 16.09 ? 308 LYS A O   1 
ATOM   1084 C  CB  . LYS A 1 138 ? 11.244  -0.129  16.661  1.00 17.21 ? 308 LYS A CB  1 
ATOM   1085 C  CG  . LYS A 1 138 ? 12.434  -0.962  17.121  1.00 21.56 ? 308 LYS A CG  1 
ATOM   1086 C  CD  . LYS A 1 138 ? 12.063  -1.902  18.265  1.00 25.52 ? 308 LYS A CD  1 
ATOM   1087 C  CE  . LYS A 1 138 ? 13.203  -2.857  18.597  1.00 28.30 ? 308 LYS A CE  1 
ATOM   1088 N  NZ  . LYS A 1 138 ? 12.904  -3.733  19.763  1.00 30.86 ? 308 LYS A NZ  1 
ATOM   1089 N  N   . GLN A 1 139 ? 11.673  0.528   13.477  1.00 13.84 ? 309 GLN A N   1 
ATOM   1090 C  CA  . GLN A 1 139 ? 12.270  0.143   12.201  1.00 14.84 ? 309 GLN A CA  1 
ATOM   1091 C  C   . GLN A 1 139 ? 12.610  1.332   11.294  1.00 14.57 ? 309 GLN A C   1 
ATOM   1092 O  O   . GLN A 1 139 ? 12.874  1.140   10.109  1.00 14.65 ? 309 GLN A O   1 
ATOM   1093 C  CB  . GLN A 1 139 ? 11.340  -0.829  11.446  1.00 17.15 ? 309 GLN A CB  1 
ATOM   1094 C  CG  . GLN A 1 139 ? 11.161  -2.190  12.109  1.00 20.69 ? 309 GLN A CG  1 
ATOM   1095 C  CD  . GLN A 1 139 ? 12.448  -2.908  12.424  1.00 24.53 ? 309 GLN A CD  1 
ATOM   1096 O  OE1 . GLN A 1 139 ? 13.381  -2.919  11.619  1.00 27.58 ? 309 GLN A OE1 1 
ATOM   1097 N  NE2 . GLN A 1 139 ? 12.505  -3.536  13.596  1.00 26.96 ? 309 GLN A NE2 1 
ATOM   1098 N  N   . ARG A 1 140 ? 12.590  2.540   11.866  1.00 13.71 ? 310 ARG A N   1 
ATOM   1099 C  CA  . ARG A 1 140 ? 13.022  3.784   11.196  1.00 14.37 ? 310 ARG A CA  1 
ATOM   1100 C  C   . ARG A 1 140 ? 12.063  4.254   10.104  1.00 13.44 ? 310 ARG A C   1 
ATOM   1101 O  O   . ARG A 1 140 ? 12.438  5.009   9.193   1.00 13.96 ? 310 ARG A O   1 
ATOM   1102 C  CB  . ARG A 1 140 ? 14.467  3.680   10.675  1.00 15.47 ? 310 ARG A CB  1 
ATOM   1103 C  CG  . ARG A 1 140 ? 15.528  3.635   11.779  1.00 17.12 ? 310 ARG A CG  1 
ATOM   1104 C  CD  . ARG A 1 140 ? 16.933  3.320   11.248  1.00 19.18 ? 310 ARG A CD  1 
ATOM   1105 N  NE  . ARG A 1 140 ? 17.283  4.074   10.031  1.00 20.70 ? 310 ARG A NE  1 
ATOM   1106 C  CZ  . ARG A 1 140 ? 17.656  5.353   9.990   1.00 23.75 ? 310 ARG A CZ  1 
ATOM   1107 N  NH1 . ARG A 1 140 ? 17.759  6.079   11.101  1.00 24.23 ? 310 ARG A NH1 1 
ATOM   1108 N  NH2 . ARG A 1 140 ? 17.932  5.915   8.820   1.00 25.47 ? 310 ARG A NH2 1 
ATOM   1109 N  N   . GLY A 1 141 ? 10.799  3.859   10.225  1.00 12.78 ? 311 GLY A N   1 
ATOM   1110 C  CA  . GLY A 1 141 ? 9.756   4.352   9.333   1.00 12.43 ? 311 GLY A CA  1 
ATOM   1111 C  C   . GLY A 1 141 ? 10.074  4.125   7.864   1.00 11.57 ? 311 GLY A C   1 
ATOM   1112 O  O   . GLY A 1 141 ? 10.650  3.108   7.485   1.00 12.07 ? 311 GLY A O   1 
ATOM   1113 N  N   . TRP A 1 142 ? 9.720   5.089   7.031   1.00 11.74 ? 312 TRP A N   1 
ATOM   1114 C  CA  . TRP A 1 142 ? 9.909   4.940   5.605   1.00 12.42 ? 312 TRP A CA  1 
ATOM   1115 C  C   . TRP A 1 142 ? 11.356  4.979   5.196   1.00 13.17 ? 312 TRP A C   1 
ATOM   1116 O  O   . TRP A 1 142 ? 11.727  4.388   4.177   1.00 13.37 ? 312 TRP A O   1 
ATOM   1117 C  CB  . TRP A 1 142 ? 9.045   5.935   4.845   1.00 12.86 ? 312 TRP A CB  1 
ATOM   1118 C  CG  . TRP A 1 142 ? 7.596   5.610   4.985   1.00 13.32 ? 312 TRP A CG  1 
ATOM   1119 C  CD1 . TRP A 1 142 ? 6.643   6.241   5.782   1.00 13.11 ? 312 TRP A CD1 1 
ATOM   1120 C  CD2 . TRP A 1 142 ? 6.887   4.499   4.344   1.00 14.22 ? 312 TRP A CD2 1 
ATOM   1121 N  NE1 . TRP A 1 142 ? 5.419   5.636   5.652   1.00 13.50 ? 312 TRP A NE1 1 
ATOM   1122 C  CE2 . TRP A 1 142 ? 5.509   4.579   4.796   1.00 13.84 ? 312 TRP A CE2 1 
ATOM   1123 C  CE3 . TRP A 1 142 ? 7.251   3.500   3.453   1.00 14.46 ? 312 TRP A CE3 1 
ATOM   1124 C  CZ2 . TRP A 1 142 ? 4.544   3.688   4.356   1.00 15.04 ? 312 TRP A CZ2 1 
ATOM   1125 C  CZ3 . TRP A 1 142 ? 6.282   2.601   3.023   1.00 15.21 ? 312 TRP A CZ3 1 
ATOM   1126 C  CH2 . TRP A 1 142 ? 4.959   2.705   3.454   1.00 15.02 ? 312 TRP A CH2 1 
ATOM   1127 N  N   . ASP A 1 143 ? 12.212  5.629   5.986   1.00 13.95 ? 313 ASP A N   1 
ATOM   1128 C  CA  . ASP A 1 143 ? 13.651  5.546   5.738   1.00 15.50 ? 313 ASP A CA  1 
ATOM   1129 C  C   . ASP A 1 143 ? 14.113  4.101   5.880   1.00 14.09 ? 313 ASP A C   1 
ATOM   1130 O  O   . ASP A 1 143 ? 14.895  3.599   5.058   1.00 14.64 ? 313 ASP A O   1 
ATOM   1131 C  CB  . ASP A 1 143 ? 14.448  6.456   6.685   1.00 18.53 ? 313 ASP A CB  1 
ATOM   1132 C  CG  . ASP A 1 143 ? 14.272  7.944   6.387   1.00 25.64 ? 313 ASP A CG  1 
ATOM   1133 O  OD1 . ASP A 1 143 ? 14.192  8.324   5.208   1.00 29.38 ? 313 ASP A OD1 1 
ATOM   1134 O  OD2 . ASP A 1 143 ? 14.254  8.738   7.353   1.00 33.42 ? 313 ASP A OD2 1 
ATOM   1135 N  N   . GLY A 1 144 ? 13.609  3.417   6.898   1.00 13.58 ? 314 GLY A N   1 
ATOM   1136 C  CA  . GLY A 1 144 ? 13.952  2.019   7.104   1.00 13.41 ? 314 GLY A CA  1 
ATOM   1137 C  C   . GLY A 1 144 ? 13.421  1.127   5.991   1.00 12.92 ? 314 GLY A C   1 
ATOM   1138 O  O   . GLY A 1 144 ? 14.099  0.220   5.560   1.00 13.53 ? 314 GLY A O   1 
ATOM   1139 N  N   . PHE A 1 145 ? 12.208  1.394   5.533   1.00 11.99 ? 315 PHE A N   1 
ATOM   1140 C  CA  . PHE A 1 145 ? 11.617  0.671   4.395   1.00 12.75 ? 315 PHE A CA  1 
ATOM   1141 C  C   . PHE A 1 145 ? 12.525  0.760   3.173   1.00 13.27 ? 315 PHE A C   1 
ATOM   1142 O  O   . PHE A 1 145 ? 12.848  -0.252  2.553   1.00 12.98 ? 315 PHE A O   1 
ATOM   1143 C  CB  . PHE A 1 145 ? 10.248  1.286   4.088   1.00 12.66 ? 315 PHE A CB  1 
ATOM   1144 C  CG  . PHE A 1 145 ? 9.552   0.717   2.876   1.00 12.54 ? 315 PHE A CG  1 
ATOM   1145 C  CD1 . PHE A 1 145 ? 8.867   -0.489  2.955   1.00 12.79 ? 315 PHE A CD1 1 
ATOM   1146 C  CD2 . PHE A 1 145 ? 9.531   1.409   1.667   1.00 12.52 ? 315 PHE A CD2 1 
ATOM   1147 C  CE1 . PHE A 1 145 ? 8.191   -0.997  1.861   1.00 13.52 ? 315 PHE A CE1 1 
ATOM   1148 C  CE2 . PHE A 1 145 ? 8.867   0.894   0.572   1.00 13.48 ? 315 PHE A CE2 1 
ATOM   1149 C  CZ  . PHE A 1 145 ? 8.203   -0.313  0.669   1.00 13.28 ? 315 PHE A CZ  1 
ATOM   1150 N  N   . VAL A 1 146 ? 12.914  1.978   2.820   1.00 13.37 ? 316 VAL A N   1 
ATOM   1151 C  CA  . VAL A 1 146 ? 13.808  2.188   1.686   1.00 14.93 ? 316 VAL A CA  1 
ATOM   1152 C  C   . VAL A 1 146 ? 15.145  1.460   1.887   1.00 15.29 ? 316 VAL A C   1 
ATOM   1153 O  O   . VAL A 1 146 ? 15.613  0.758   0.981   1.00 16.11 ? 316 VAL A O   1 
ATOM   1154 C  CB  . VAL A 1 146 ? 14.037  3.689   1.423   1.00 16.00 ? 316 VAL A CB  1 
ATOM   1155 C  CG1 . VAL A 1 146 ? 15.143  3.885   0.391   1.00 17.20 ? 316 VAL A CG1 1 
ATOM   1156 C  CG2 . VAL A 1 146 ? 12.744  4.353   0.990   1.00 16.64 ? 316 VAL A CG2 1 
ATOM   1157 N  N   . GLU A 1 147 ? 15.755  1.591   3.063   1.00 14.87 ? 317 GLU A N   1 
ATOM   1158 C  CA  . GLU A 1 147 ? 17.006  0.894   3.374   1.00 18.01 ? 317 GLU A CA  1 
ATOM   1159 C  C   . GLU A 1 147 ? 16.860  -0.637  3.284   1.00 16.99 ? 317 GLU A C   1 
ATOM   1160 O  O   . GLU A 1 147 ? 17.745  -1.336  2.772   1.00 18.03 ? 317 GLU A O   1 
ATOM   1161 C  CB  . GLU A 1 147 ? 17.514  1.292   4.775   1.00 20.00 ? 317 GLU A CB  1 
ATOM   1162 C  CG  . GLU A 1 147 ? 18.026  2.728   4.881   1.00 24.20 ? 317 GLU A CG  1 
ATOM   1163 C  CD  . GLU A 1 147 ? 18.179  3.237   6.317   1.00 28.95 ? 317 GLU A CD  1 
ATOM   1164 O  OE1 . GLU A 1 147 ? 17.513  2.730   7.249   1.00 30.57 ? 317 GLU A OE1 1 
ATOM   1165 O  OE2 . GLU A 1 147 ? 18.963  4.191   6.519   1.00 32.73 ? 317 GLU A OE2 1 
ATOM   1166 N  N   . PHE A 1 148 ? 15.757  -1.170  3.806   1.00 16.18 ? 318 PHE A N   1 
ATOM   1167 C  CA  . PHE A 1 148 ? 15.539  -2.617  3.830   1.00 15.98 ? 318 PHE A CA  1 
ATOM   1168 C  C   . PHE A 1 148 ? 15.517  -3.203  2.420   1.00 16.32 ? 318 PHE A C   1 
ATOM   1169 O  O   . PHE A 1 148 ? 16.083  -4.282  2.193   1.00 17.61 ? 318 PHE A O   1 
ATOM   1170 C  CB  . PHE A 1 148 ? 14.216  -2.924  4.530   1.00 15.15 ? 318 PHE A CB  1 
ATOM   1171 C  CG  . PHE A 1 148 ? 13.963  -4.392  4.740   1.00 15.42 ? 318 PHE A CG  1 
ATOM   1172 C  CD1 . PHE A 1 148 ? 14.602  -5.089  5.743   1.00 16.50 ? 318 PHE A CD1 1 
ATOM   1173 C  CD2 . PHE A 1 148 ? 13.052  -5.071  3.934   1.00 14.85 ? 318 PHE A CD2 1 
ATOM   1174 C  CE1 . PHE A 1 148 ? 14.344  -6.434  5.946   1.00 17.23 ? 318 PHE A CE1 1 
ATOM   1175 C  CE2 . PHE A 1 148 ? 12.794  -6.411  4.129   1.00 15.38 ? 318 PHE A CE2 1 
ATOM   1176 C  CZ  . PHE A 1 148 ? 13.445  -7.101  5.123   1.00 16.56 ? 318 PHE A CZ  1 
ATOM   1177 N  N   . PHE A 1 149 ? 14.884  -2.511  1.485   1.00 16.46 ? 319 PHE A N   1 
ATOM   1178 C  CA  . PHE A 1 149 ? 14.698  -3.030  0.120   1.00 17.43 ? 319 PHE A CA  1 
ATOM   1179 C  C   . PHE A 1 149 ? 15.737  -2.528  -0.890  1.00 21.04 ? 319 PHE A C   1 
ATOM   1180 O  O   . PHE A 1 149 ? 15.683  -2.888  -2.066  1.00 22.21 ? 319 PHE A O   1 
ATOM   1181 C  CB  . PHE A 1 149 ? 13.288  -2.688  -0.382  1.00 16.74 ? 319 PHE A CB  1 
ATOM   1182 C  CG  . PHE A 1 149 ? 12.206  -3.510  0.247   1.00 15.86 ? 319 PHE A CG  1 
ATOM   1183 C  CD1 . PHE A 1 149 ? 12.039  -4.834  -0.110  1.00 16.91 ? 319 PHE A CD1 1 
ATOM   1184 C  CD2 . PHE A 1 149 ? 11.351  -2.972  1.187   1.00 15.94 ? 319 PHE A CD2 1 
ATOM   1185 C  CE1 . PHE A 1 149 ? 11.036  -5.596  0.457   1.00 16.02 ? 319 PHE A CE1 1 
ATOM   1186 C  CE2 . PHE A 1 149 ? 10.341  -3.735  1.759   1.00 15.05 ? 319 PHE A CE2 1 
ATOM   1187 C  CZ  . PHE A 1 149 ? 10.183  -5.046  1.389   1.00 15.70 ? 319 PHE A CZ  1 
ATOM   1188 N  N   . HIS A 1 150 ? 16.686  -1.716  -0.441  1.00 21.58 ? 320 HIS A N   1 
ATOM   1189 C  CA  . HIS A 1 150 ? 17.707  -1.156  -1.328  1.00 22.33 ? 320 HIS A CA  1 
ATOM   1190 C  C   . HIS A 1 150 ? 18.548  -2.251  -1.931  1.00 24.84 ? 320 HIS A C   1 
ATOM   1191 O  O   . HIS A 1 150 ? 19.034  -3.136  -1.221  1.00 25.63 ? 320 HIS A O   1 
ATOM   1192 C  CB  . HIS A 1 150 ? 18.585  -0.181  -0.552  1.00 22.89 ? 320 HIS A CB  1 
ATOM   1193 C  CG  . HIS A 1 150 ? 19.781  0.306   -1.329  1.00 24.39 ? 320 HIS A CG  1 
ATOM   1194 N  ND1 . HIS A 1 150 ? 19.706  1.323   -2.197  1.00 27.10 ? 320 HIS A ND1 1 
ATOM   1195 C  CD2 . HIS A 1 150 ? 21.100  -0.135  -1.344  1.00 26.58 ? 320 HIS A CD2 1 
ATOM   1196 C  CE1 . HIS A 1 150 ? 20.922  1.532   -2.745  1.00 28.02 ? 320 HIS A CE1 1 
ATOM   1197 N  NE2 . HIS A 1 150 ? 21.773  0.639   -2.218  1.00 27.87 ? 320 HIS A NE2 1 
ATOM   1198 N  N   . VAL A 1 151 ? 18.715  -2.193  -3.248  1.00 28.82 ? 321 VAL A N   1 
ATOM   1199 C  CA  . VAL A 1 151 ? 19.566  -3.135  -3.967  1.00 31.22 ? 321 VAL A CA  1 
ATOM   1200 C  C   . VAL A 1 151 ? 20.800  -2.407  -4.488  1.00 33.58 ? 321 VAL A C   1 
ATOM   1201 O  O   . VAL A 1 151 ? 20.682  -1.368  -5.129  1.00 34.30 ? 321 VAL A O   1 
ATOM   1202 C  CB  . VAL A 1 151 ? 18.817  -3.790  -5.141  1.00 30.96 ? 321 VAL A CB  1 
ATOM   1203 C  CG1 . VAL A 1 151 ? 19.722  -4.781  -5.865  1.00 30.95 ? 321 VAL A CG1 1 
ATOM   1204 C  CG2 . VAL A 1 151 ? 17.553  -4.483  -4.647  1.00 31.61 ? 321 VAL A CG2 1 
ATOM   1205 N  N   . GLU A 1 152 ? 21.977  -2.951  -4.188  1.00 38.70 ? 322 GLU A N   1 
ATOM   1206 C  CA  . GLU A 1 152 ? 23.237  -2.379  -4.662  1.00 43.61 ? 322 GLU A CA  1 
ATOM   1207 C  C   . GLU A 1 152 ? 23.403  -2.626  -6.157  1.00 44.29 ? 322 GLU A C   1 
ATOM   1208 O  O   . GLU A 1 152 ? 22.885  -3.606  -6.698  1.00 41.71 ? 322 GLU A O   1 
ATOM   1209 C  CB  . GLU A 1 152 ? 24.434  -2.976  -3.912  1.00 47.27 ? 322 GLU A CB  1 
ATOM   1210 C  CG  . GLU A 1 152 ? 24.477  -2.662  -2.419  1.00 50.59 ? 322 GLU A CG  1 
ATOM   1211 C  CD  . GLU A 1 152 ? 24.679  -1.185  -2.110  1.00 53.95 ? 322 GLU A CD  1 
ATOM   1212 O  OE1 . GLU A 1 152 ? 25.099  -0.416  -3.007  1.00 56.01 ? 322 GLU A OE1 1 
ATOM   1213 O  OE2 . GLU A 1 152 ? 24.416  -0.789  -0.954  1.00 57.95 ? 322 GLU A OE2 1 
ATOM   1214 N  N   . ASP A 1 153 ? 24.126  -1.728  -6.817  1.00 46.18 ? 323 ASP A N   1 
ATOM   1215 C  CA  . ASP A 1 153 ? 24.403  -1.862  -8.245  1.00 48.16 ? 323 ASP A CA  1 
ATOM   1216 C  C   . ASP A 1 153 ? 25.329  -3.050  -8.463  1.00 44.87 ? 323 ASP A C   1 
ATOM   1217 O  O   . ASP A 1 153 ? 26.217  -3.306  -7.649  1.00 43.93 ? 323 ASP A O   1 
ATOM   1218 C  CB  . ASP A 1 153 ? 25.051  -0.587  -8.796  1.00 52.73 ? 323 ASP A CB  1 
ATOM   1219 C  CG  . ASP A 1 153 ? 24.182  0.647   -8.605  1.00 56.10 ? 323 ASP A CG  1 
ATOM   1220 O  OD1 . ASP A 1 153 ? 22.957  0.562   -8.844  1.00 58.08 ? 323 ASP A OD1 1 
ATOM   1221 O  OD2 . ASP A 1 153 ? 24.730  1.702   -8.218  1.00 59.72 ? 323 ASP A OD2 1 
ATOM   1222 N  N   . LEU A 1 154 ? 25.113  -3.781  -9.554  1.00 44.58 ? 324 LEU A N   1 
ATOM   1223 C  CA  . LEU A 1 154 ? 25.974  -4.906  -9.904  1.00 43.76 ? 324 LEU A CA  1 
ATOM   1224 C  C   . LEU A 1 154 ? 27.259  -4.386  -10.537 1.00 44.75 ? 324 LEU A C   1 
ATOM   1225 O  O   . LEU A 1 154 ? 27.247  -3.368  -11.229 1.00 46.39 ? 324 LEU A O   1 
ATOM   1226 C  CB  . LEU A 1 154 ? 25.267  -5.852  -10.879 1.00 42.57 ? 324 LEU A CB  1 
ATOM   1227 C  CG  . LEU A 1 154 ? 24.068  -6.617  -10.319 1.00 42.60 ? 324 LEU A CG  1 
ATOM   1228 C  CD1 . LEU A 1 154 ? 23.303  -7.307  -11.436 1.00 43.17 ? 324 LEU A CD1 1 
ATOM   1229 C  CD2 . LEU A 1 154 ? 24.536  -7.619  -9.279  1.00 41.78 ? 324 LEU A CD2 1 
ATOM   1230 N  N   . GLU A 1 155 ? 28.359  -5.095  -10.298 1.00 47.92 ? 325 GLU A N   1 
ATOM   1231 C  CA  . GLU A 1 155 ? 29.644  -4.767  -10.915 1.00 50.94 ? 325 GLU A CA  1 
ATOM   1232 C  C   . GLU A 1 155 ? 29.608  -5.136  -12.396 1.00 51.99 ? 325 GLU A C   1 
ATOM   1233 O  O   . GLU A 1 155 ? 28.888  -6.054  -12.797 1.00 49.28 ? 325 GLU A O   1 
ATOM   1234 C  CB  . GLU A 1 155 ? 30.784  -5.510  -10.213 1.00 52.79 ? 325 GLU A CB  1 
ATOM   1235 C  CG  . GLU A 1 155 ? 30.936  -5.175  -8.735  1.00 55.53 ? 325 GLU A CG  1 
ATOM   1236 C  CD  . GLU A 1 155 ? 31.875  -6.124  -8.008  1.00 58.55 ? 325 GLU A CD  1 
ATOM   1237 O  OE1 . GLU A 1 155 ? 32.890  -6.539  -8.608  1.00 60.18 ? 325 GLU A OE1 1 
ATOM   1238 O  OE2 . GLU A 1 155 ? 31.599  -6.452  -6.834  1.00 59.91 ? 325 GLU A OE2 1 
ATOM   1239 N  N   . GLY A 1 156 ? 30.376  -4.410  -13.205 1.00 55.17 ? 326 GLY A N   1 
ATOM   1240 C  CA  . GLY A 1 156 ? 30.428  -4.649  -14.647 1.00 56.61 ? 326 GLY A CA  1 
ATOM   1241 C  C   . GLY A 1 156 ? 29.170  -4.190  -15.361 1.00 58.21 ? 326 GLY A C   1 
ATOM   1242 O  O   . GLY A 1 156 ? 29.010  -4.412  -16.563 1.00 60.97 ? 326 GLY A O   1 
HETATM 1243 C  C14 . Q51 B 2 .   ? -6.783  -8.985  3.987   1.00 11.55 ? 401 Q51 A C14 1 
HETATM 1244 C  C13 . Q51 B 2 .   ? -7.960  -9.035  3.009   1.00 12.53 ? 401 Q51 A C13 1 
HETATM 1245 C  C12 . Q51 B 2 .   ? -8.535  -7.638  2.827   1.00 12.57 ? 401 Q51 A C12 1 
HETATM 1246 C  C11 . Q51 B 2 .   ? -7.440  -6.644  2.484   1.00 11.33 ? 401 Q51 A C11 1 
HETATM 1247 C  C18 . Q51 B 2 .   ? -7.810  -5.458  1.871   1.00 12.12 ? 401 Q51 A C18 1 
HETATM 1248 C  C17 . Q51 B 2 .   ? -6.870  -4.507  1.518   1.00 12.74 ? 401 Q51 A C17 1 
HETATM 1249 CL CL1 . Q51 B 2 .   ? -7.408  -3.058  0.773   1.00 17.16 ? 401 Q51 A CL1 1 
HETATM 1250 C  C16 . Q51 B 2 .   ? -5.531  -4.729  1.788   1.00 11.76 ? 401 Q51 A C16 1 
HETATM 1251 C  C15 . Q51 B 2 .   ? -5.157  -5.904  2.401   1.00 11.26 ? 401 Q51 A C15 1 
HETATM 1252 C  C10 . Q51 B 2 .   ? -6.078  -6.867  2.758   1.00 10.80 ? 401 Q51 A C10 1 
HETATM 1253 C  C8  . Q51 B 2 .   ? -5.589  -8.158  3.439   1.00 11.13 ? 401 Q51 A C8  1 
HETATM 1254 C  C7  . Q51 B 2 .   ? -4.768  -9.013  2.448   1.00 11.09 ? 401 Q51 A C7  1 
HETATM 1255 C  C9  . Q51 B 2 .   ? -4.673  -7.832  4.627   1.00 11.05 ? 401 Q51 A C9  1 
HETATM 1256 O  O1  . Q51 B 2 .   ? -3.309  -7.620  4.200   1.00 11.10 ? 401 Q51 A O1  1 
HETATM 1257 C  C2  . Q51 B 2 .   ? -2.529  -8.751  4.193   1.00 10.88 ? 401 Q51 A C2  1 
HETATM 1258 C  C3  . Q51 B 2 .   ? -1.256  -8.576  4.746   1.00 11.61 ? 401 Q51 A C3  1 
HETATM 1259 C  C4  . Q51 B 2 .   ? -0.377  -9.644  4.831   1.00 12.37 ? 401 Q51 A C4  1 
HETATM 1260 C  C5  . Q51 B 2 .   ? -0.753  -10.901 4.389   1.00 12.76 ? 401 Q51 A C5  1 
HETATM 1261 C  C6  . Q51 B 2 .   ? -2.031  -11.064 3.832   1.00 11.57 ? 401 Q51 A C6  1 
HETATM 1262 C  C1  . Q51 B 2 .   ? -2.933  -9.999  3.705   1.00 11.05 ? 401 Q51 A C1  1 
HETATM 1263 N  N1  . Q51 B 2 .   ? -4.181  -10.164 3.154   1.00 11.03 ? 401 Q51 A N1  1 
HETATM 1264 C  C20 . Q51 B 2 .   ? -4.582  -11.509 2.602   1.00 11.41 ? 401 Q51 A C20 1 
HETATM 1265 C  C21 . Q51 B 2 .   ? -3.868  -11.927 1.291   1.00 12.28 ? 401 Q51 A C21 1 
HETATM 1266 C  C24 . Q51 B 2 .   ? -4.430  -11.337 -0.010  1.00 13.02 ? 401 Q51 A C24 1 
HETATM 1267 C  C23 . Q51 B 2 .   ? -4.296  -12.744 -0.637  1.00 13.17 ? 401 Q51 A C23 1 
HETATM 1268 C  C22 . Q51 B 2 .   ? -4.375  -13.297 0.793   1.00 13.75 ? 401 Q51 A C22 1 
HETATM 1269 C  C25 . Q51 B 2 .   ? -3.445  -14.491 1.121   1.00 15.87 ? 401 Q51 A C25 1 
HETATM 1270 O  O3  . Q51 B 2 .   ? -3.930  -15.647 0.416   1.00 17.33 ? 401 Q51 A O3  1 
HETATM 1271 C  C26 . Q51 B 2 .   ? -1.954  -14.229 0.834   1.00 18.13 ? 401 Q51 A C26 1 
HETATM 1272 C  C27 . Q51 B 2 .   ? -1.238  -14.776 -0.218  1.00 20.52 ? 401 Q51 A C27 1 
HETATM 1273 C  C30 . Q51 B 2 .   ? 0.255   -14.457 -0.446  1.00 20.29 ? 401 Q51 A C30 1 
HETATM 1274 C  C29 . Q51 B 2 .   ? 0.978   -13.897 0.790   1.00 20.63 ? 401 Q51 A C29 1 
HETATM 1275 C  C31 . Q51 B 2 .   ? 2.357   -13.312 0.412   1.00 20.75 ? 401 Q51 A C31 1 
HETATM 1276 C  C28 . Q51 B 2 .   ? 1.079   -14.950 1.900   1.00 21.84 ? 401 Q51 A C28 1 
HETATM 1277 C  C32 . Q51 B 2 .   ? 2.148   -15.989 1.617   1.00 23.77 ? 401 Q51 A C32 1 
HETATM 1278 S  S1  . Q51 B 2 .   ? 1.333   -14.144 3.521   1.00 21.94 ? 401 Q51 A S1  1 
HETATM 1279 O  O4  . Q51 B 2 .   ? 1.153   -15.125 4.627   1.00 23.91 ? 401 Q51 A O4  1 
HETATM 1280 O  O5  . Q51 B 2 .   ? 2.640   -13.401 3.676   1.00 21.55 ? 401 Q51 A O5  1 
HETATM 1281 N  N2  . Q51 B 2 .   ? 0.228   -12.950 3.564   1.00 20.20 ? 401 Q51 A N2  1 
HETATM 1282 C  C19 . Q51 B 2 .   ? 0.264   -12.033 4.517   1.00 17.04 ? 401 Q51 A C19 1 
HETATM 1283 O  O2  . Q51 B 2 .   ? 1.012   -12.081 5.507   1.00 21.49 ? 401 Q51 A O2  1 
HETATM 1284 O  O   . HOH C 3 .   ? -4.081  17.963  -5.121  1.00 27.58 ? 501 HOH A O   1 
HETATM 1285 O  O   . HOH C 3 .   ? -1.461  -12.932 -15.856 1.00 42.74 ? 502 HOH A O   1 
HETATM 1286 O  O   . HOH C 3 .   ? 5.162   13.889  6.865   1.00 31.09 ? 503 HOH A O   1 
HETATM 1287 O  O   . HOH C 3 .   ? -4.199  7.791   15.971  1.00 27.62 ? 504 HOH A O   1 
HETATM 1288 O  O   . HOH C 3 .   ? 3.650   -11.116 3.370   1.00 21.84 ? 505 HOH A O   1 
HETATM 1289 O  O   . HOH C 3 .   ? -1.544  -9.805  -10.702 1.00 25.96 ? 506 HOH A O   1 
HETATM 1290 O  O   . HOH C 3 .   ? 6.011   12.917  1.633   1.00 39.30 ? 507 HOH A O   1 
HETATM 1291 O  O   . HOH C 3 .   ? 13.779  0.539   -6.338  1.00 50.72 ? 508 HOH A O   1 
HETATM 1292 O  O   . HOH C 3 .   ? 7.881   13.991  7.493   1.00 37.17 ? 509 HOH A O   1 
HETATM 1293 O  O   . HOH C 3 .   ? 2.661   -7.364  15.408  1.00 39.58 ? 510 HOH A O   1 
HETATM 1294 O  O   . HOH C 3 .   ? 8.623   -10.475 -5.979  1.00 34.50 ? 511 HOH A O   1 
HETATM 1295 O  O   . HOH C 3 .   ? -5.361  18.864  -7.344  1.00 17.14 ? 512 HOH A O   1 
HETATM 1296 O  O   . HOH C 3 .   ? -14.403 -8.207  -5.383  1.00 32.31 ? 513 HOH A O   1 
HETATM 1297 O  O   . HOH C 3 .   ? 2.935   1.703   -10.216 1.00 27.50 ? 514 HOH A O   1 
HETATM 1298 O  O   . HOH C 3 .   ? 1.021   -14.606 7.238   1.00 43.72 ? 515 HOH A O   1 
HETATM 1299 O  O   . HOH C 3 .   ? 17.524  -5.120  -0.278  1.00 34.52 ? 516 HOH A O   1 
HETATM 1300 O  O   . HOH C 3 .   ? -8.207  -1.436  -13.549 1.00 33.40 ? 517 HOH A O   1 
HETATM 1301 O  O   . HOH C 3 .   ? 9.268   -7.148  -8.409  1.00 36.13 ? 518 HOH A O   1 
HETATM 1302 O  O   . HOH C 3 .   ? 2.401   8.634   -8.789  1.00 20.05 ? 519 HOH A O   1 
HETATM 1303 O  O   . HOH C 3 .   ? 0.010   2.241   16.781  1.00 21.80 ? 520 HOH A O   1 
HETATM 1304 O  O   . HOH C 3 .   ? 8.557   14.871  -5.202  1.00 36.32 ? 521 HOH A O   1 
HETATM 1305 O  O   . HOH C 3 .   ? -2.812  11.396  13.621  1.00 25.99 ? 522 HOH A O   1 
HETATM 1306 O  O   . HOH C 3 .   ? 6.765   -14.111 -3.054  1.00 19.42 ? 523 HOH A O   1 
HETATM 1307 O  O   . HOH C 3 .   ? -9.073  1.515   8.385   1.00 24.92 ? 524 HOH A O   1 
HETATM 1308 O  O   . HOH C 3 .   ? 4.881   -9.152  0.130   1.00 18.34 ? 525 HOH A O   1 
HETATM 1309 O  O   . HOH C 3 .   ? -12.111 0.486   4.468   1.00 36.57 ? 526 HOH A O   1 
HETATM 1310 O  O   . HOH C 3 .   ? -1.427  -4.223  16.145  1.00 26.78 ? 527 HOH A O   1 
HETATM 1311 O  O   . HOH C 3 .   ? 0.398   -17.342 -2.885  1.00 22.49 ? 528 HOH A O   1 
HETATM 1312 O  O   . HOH C 3 .   ? 3.191   -18.274 -5.452  1.00 21.55 ? 529 HOH A O   1 
HETATM 1313 O  O   . HOH C 3 .   ? -2.625  -17.853 1.395   1.00 29.18 ? 530 HOH A O   1 
HETATM 1314 O  O   . HOH C 3 .   ? -13.118 10.180  -3.172  1.00 36.34 ? 531 HOH A O   1 
HETATM 1315 O  O   . HOH C 3 .   ? 4.676   0.242   -11.814 1.00 31.78 ? 532 HOH A O   1 
HETATM 1316 O  O   . HOH C 3 .   ? -1.499  8.660   -10.431 1.00 25.81 ? 533 HOH A O   1 
HETATM 1317 O  O   . HOH C 3 .   ? -6.934  10.528  7.679   1.00 51.51 ? 534 HOH A O   1 
HETATM 1318 O  O   . HOH C 3 .   ? 10.997  1.842   -9.213  1.00 31.70 ? 535 HOH A O   1 
HETATM 1319 O  O   . HOH C 3 .   ? 9.353   17.568  -0.925  1.00 39.25 ? 536 HOH A O   1 
HETATM 1320 O  O   . HOH C 3 .   ? -0.289  -17.384 -11.241 1.00 22.30 ? 537 HOH A O   1 
HETATM 1321 O  O   . HOH C 3 .   ? -10.385 8.182   -5.354  1.00 33.74 ? 538 HOH A O   1 
HETATM 1322 O  O   . HOH C 3 .   ? -19.575 -0.825  -10.556 1.00 44.08 ? 539 HOH A O   1 
HETATM 1323 O  O   . HOH C 3 .   ? -9.379  13.491  -1.775  1.00 29.20 ? 540 HOH A O   1 
HETATM 1324 O  O   . HOH C 3 .   ? -6.321  -15.870 -0.979  1.00 21.32 ? 541 HOH A O   1 
HETATM 1325 O  O   . HOH C 3 .   ? 8.919   2.069   19.084  1.00 26.75 ? 542 HOH A O   1 
HETATM 1326 O  O   . HOH C 3 .   ? -0.189  8.591   -8.023  1.00 18.52 ? 543 HOH A O   1 
HETATM 1327 O  O   . HOH C 3 .   ? 1.637   -5.046  16.963  1.00 43.61 ? 544 HOH A O   1 
HETATM 1328 O  O   . HOH C 3 .   ? 8.842   16.696  -3.421  1.00 41.74 ? 545 HOH A O   1 
HETATM 1329 O  O   . HOH C 3 .   ? 14.629  0.627   -1.628  1.00 23.07 ? 546 HOH A O   1 
HETATM 1330 O  O   . HOH C 3 .   ? -16.114 -6.406  7.449   1.00 33.55 ? 547 HOH A O   1 
HETATM 1331 O  O   . HOH C 3 .   ? -1.187  -12.213 16.430  1.00 31.09 ? 548 HOH A O   1 
HETATM 1332 O  O   . HOH C 3 .   ? -7.551  -17.680 -8.156  1.00 27.91 ? 549 HOH A O   1 
HETATM 1333 O  O   . HOH C 3 .   ? -13.576 1.673   6.914   1.00 42.27 ? 550 HOH A O   1 
HETATM 1334 O  O   . HOH C 3 .   ? 1.363   -7.451  11.399  1.00 30.38 ? 551 HOH A O   1 
HETATM 1335 O  O   . HOH C 3 .   ? -0.765  12.951  3.219   1.00 25.05 ? 552 HOH A O   1 
HETATM 1336 O  O   . HOH C 3 .   ? -1.791  -13.253 7.011   1.00 38.71 ? 553 HOH A O   1 
HETATM 1337 O  O   . HOH C 3 .   ? -5.057  -13.364 11.526  1.00 38.58 ? 554 HOH A O   1 
HETATM 1338 O  O   . HOH C 3 .   ? -12.304 -17.471 -3.351  1.00 38.06 ? 555 HOH A O   1 
HETATM 1339 O  O   . HOH C 3 .   ? 13.776  -1.298  8.947   1.00 21.85 ? 556 HOH A O   1 
HETATM 1340 O  O   . HOH C 3 .   ? -11.362 -7.022  12.859  1.00 25.64 ? 557 HOH A O   1 
HETATM 1341 O  O   . HOH C 3 .   ? -7.273  -6.317  -9.747  1.00 19.73 ? 558 HOH A O   1 
HETATM 1342 O  O   . HOH C 3 .   ? 6.931   9.602   -8.663  1.00 41.48 ? 559 HOH A O   1 
HETATM 1343 O  O   . HOH C 3 .   ? 10.321  4.256   -10.275 1.00 40.58 ? 560 HOH A O   1 
HETATM 1344 O  O   . HOH C 3 .   ? 0.432   -9.767  16.506  1.00 36.73 ? 561 HOH A O   1 
HETATM 1345 O  O   . HOH C 3 .   ? -10.680 4.446   7.591   1.00 40.20 ? 562 HOH A O   1 
HETATM 1346 O  O   . HOH C 3 .   ? -4.301  -10.919 -11.794 1.00 36.41 ? 563 HOH A O   1 
HETATM 1347 O  O   . HOH C 3 .   ? -3.006  -13.475 9.746   1.00 35.73 ? 564 HOH A O   1 
HETATM 1348 O  O   . HOH C 3 .   ? 2.089   -16.672 -9.854  1.00 15.64 ? 565 HOH A O   1 
HETATM 1349 O  O   . HOH C 3 .   ? -6.323  8.925   0.404   1.00 33.25 ? 566 HOH A O   1 
HETATM 1350 O  O   . HOH C 3 .   ? -11.420 5.667   4.759   1.00 28.63 ? 567 HOH A O   1 
HETATM 1351 O  O   . HOH C 3 .   ? 4.238   10.485  -7.669  1.00 24.89 ? 568 HOH A O   1 
HETATM 1352 O  O   . HOH C 3 .   ? 16.023  -0.969  7.352   1.00 25.43 ? 569 HOH A O   1 
HETATM 1353 O  O   . HOH C 3 .   ? 4.565   10.980  13.388  1.00 20.66 ? 570 HOH A O   1 
HETATM 1354 O  O   . HOH C 3 .   ? -6.424  5.808   -16.629 1.00 41.14 ? 571 HOH A O   1 
HETATM 1355 O  O   . HOH C 3 .   ? -20.818 3.174   -4.544  1.00 42.83 ? 572 HOH A O   1 
HETATM 1356 O  O   . HOH C 3 .   ? 10.946  -6.761  8.448   1.00 18.67 ? 573 HOH A O   1 
HETATM 1357 O  O   . HOH C 3 .   ? -12.737 -9.636  12.440  1.00 34.63 ? 574 HOH A O   1 
HETATM 1358 O  O   . HOH C 3 .   ? -0.982  -0.264  -13.568 1.00 41.47 ? 575 HOH A O   1 
HETATM 1359 O  O   . HOH C 3 .   ? 1.983   0.636   18.051  1.00 26.76 ? 576 HOH A O   1 
HETATM 1360 O  O   . HOH C 3 .   ? 1.938   -6.263  -11.039 1.00 33.37 ? 577 HOH A O   1 
HETATM 1361 O  O   . HOH C 3 .   ? 10.938  -4.001  16.003  1.00 35.57 ? 578 HOH A O   1 
HETATM 1362 O  O   . HOH C 3 .   ? 15.823  0.325   12.765  1.00 37.20 ? 579 HOH A O   1 
HETATM 1363 O  O   . HOH C 3 .   ? -5.621  -0.390  -13.916 1.00 36.34 ? 580 HOH A O   1 
HETATM 1364 O  O   . HOH C 3 .   ? 7.394   11.223  8.622   1.00 38.39 ? 581 HOH A O   1 
HETATM 1365 O  O   . HOH C 3 .   ? -14.788 -2.515  8.394   1.00 29.29 ? 582 HOH A O   1 
HETATM 1366 O  O   . HOH C 3 .   ? 15.823  -4.319  12.450  1.00 40.92 ? 583 HOH A O   1 
HETATM 1367 O  O   . HOH C 3 .   ? 3.258   2.727   22.639  1.00 40.41 ? 584 HOH A O   1 
HETATM 1368 O  O   . HOH C 3 .   ? 5.511   -13.407 8.289   1.00 25.73 ? 585 HOH A O   1 
HETATM 1369 O  O   . HOH C 3 .   ? 15.275  11.226  6.145   1.00 36.00 ? 586 HOH A O   1 
HETATM 1370 O  O   . HOH C 3 .   ? -4.353  -17.234 -11.475 1.00 35.04 ? 587 HOH A O   1 
HETATM 1371 O  O   . HOH C 3 .   ? 5.358   8.508   14.652  1.00 19.52 ? 588 HOH A O   1 
HETATM 1372 O  O   . HOH C 3 .   ? 8.976   -11.660 10.939  1.00 28.77 ? 589 HOH A O   1 
HETATM 1373 O  O   . HOH C 3 .   ? 7.684   -3.297  -11.302 1.00 34.58 ? 590 HOH A O   1 
HETATM 1374 O  O   . HOH C 3 .   ? 2.338   17.565  11.914  1.00 44.17 ? 591 HOH A O   1 
HETATM 1375 O  O   . HOH C 3 .   ? 13.255  15.602  1.283   1.00 27.22 ? 592 HOH A O   1 
HETATM 1376 O  O   . HOH C 3 .   ? -0.132  -17.345 -8.087  1.00 19.28 ? 593 HOH A O   1 
HETATM 1377 O  O   . HOH C 3 .   ? 1.515   -13.683 11.265  1.00 25.48 ? 594 HOH A O   1 
HETATM 1378 O  O   . HOH C 3 .   ? 14.746  -5.726  -2.450  1.00 24.17 ? 595 HOH A O   1 
HETATM 1379 O  O   . HOH C 3 .   ? 1.079   1.506   -12.466 1.00 42.18 ? 596 HOH A O   1 
HETATM 1380 O  O   . HOH C 3 .   ? -14.439 5.615   -12.172 1.00 38.44 ? 597 HOH A O   1 
HETATM 1381 O  O   . HOH C 3 .   ? -9.106  7.825   -8.057  1.00 47.01 ? 598 HOH A O   1 
HETATM 1382 O  O   . HOH C 3 .   ? -16.687 -3.920  -14.992 1.00 32.30 ? 599 HOH A O   1 
HETATM 1383 O  O   . HOH C 3 .   ? 12.943  -5.057  9.457   1.00 27.72 ? 600 HOH A O   1 
HETATM 1384 O  O   . HOH C 3 .   ? -0.909  -17.513 -5.367  1.00 17.52 ? 601 HOH A O   1 
HETATM 1385 O  O   . HOH C 3 .   ? -15.835 3.599   0.866   1.00 31.61 ? 602 HOH A O   1 
HETATM 1386 O  O   . HOH C 3 .   ? 15.156  7.464   2.112   1.00 39.85 ? 603 HOH A O   1 
HETATM 1387 O  O   . HOH C 3 .   ? -22.689 1.733   -0.855  1.00 42.35 ? 604 HOH A O   1 
HETATM 1388 O  O   . HOH C 3 .   ? 6.314   -9.922  14.924  1.00 40.31 ? 605 HOH A O   1 
HETATM 1389 O  O   . HOH C 3 .   ? 16.724  5.543   3.464   1.00 40.42 ? 606 HOH A O   1 
HETATM 1390 O  O   . HOH C 3 .   ? 11.287  10.144  5.940   1.00 24.00 ? 607 HOH A O   1 
HETATM 1391 O  O   . HOH C 3 .   ? 3.604   -1.953  16.738  1.00 22.29 ? 608 HOH A O   1 
HETATM 1392 O  O   . HOH C 3 .   ? 18.144  3.942   -1.494  1.00 45.41 ? 609 HOH A O   1 
HETATM 1393 O  O   . HOH C 3 .   ? 2.963   -17.576 5.417   1.00 43.06 ? 610 HOH A O   1 
HETATM 1394 O  O   . HOH C 3 .   ? 5.074   -13.607 5.694   1.00 24.25 ? 611 HOH A O   1 
HETATM 1395 O  O   . HOH C 3 .   ? 6.953   13.487  -6.930  1.00 45.76 ? 612 HOH A O   1 
HETATM 1396 O  O   . HOH C 3 .   ? -23.973 -1.362  -5.770  1.00 45.31 ? 613 HOH A O   1 
HETATM 1397 O  O   . HOH C 3 .   ? 5.498   -7.434  15.573  1.00 41.54 ? 614 HOH A O   1 
HETATM 1398 O  O   . HOH C 3 .   ? 4.169   -4.945  16.132  1.00 38.20 ? 615 HOH A O   1 
HETATM 1399 O  O   . HOH C 3 .   ? -0.576  -7.314  -11.283 1.00 33.09 ? 616 HOH A O   1 
HETATM 1400 O  O   . HOH C 3 .   ? -20.196 3.641   -11.297 1.00 41.46 ? 617 HOH A O   1 
HETATM 1401 O  O   . HOH C 3 .   ? -6.010  -15.923 2.984   1.00 54.45 ? 618 HOH A O   1 
HETATM 1402 O  O   . HOH C 3 .   ? -12.228 -2.179  11.696  1.00 36.82 ? 619 HOH A O   1 
HETATM 1403 O  O   . HOH C 3 .   ? -8.900  -5.279  -11.921 1.00 23.45 ? 620 HOH A O   1 
HETATM 1404 O  O   . HOH C 3 .   ? 17.504  8.309   6.166   1.00 38.60 ? 621 HOH A O   1 
HETATM 1405 O  O   . HOH C 3 .   ? -1.711  -16.990 4.081   1.00 40.69 ? 622 HOH A O   1 
HETATM 1406 O  O   . HOH C 3 .   ? -10.589 10.109  0.788   1.00 31.38 ? 623 HOH A O   1 
HETATM 1407 O  O   . HOH C 3 .   ? -21.474 -9.393  -7.936  1.00 31.25 ? 624 HOH A O   1 
HETATM 1408 O  O   . HOH C 3 .   ? -25.282 -7.790  -6.532  1.00 33.02 ? 625 HOH A O   1 
HETATM 1409 O  O   . HOH C 3 .   ? -5.067  -6.410  -11.491 1.00 29.33 ? 626 HOH A O   1 
HETATM 1410 O  O   . HOH C 3 .   ? -13.834 3.151   2.889   1.00 39.70 ? 627 HOH A O   1 
HETATM 1411 O  O   . HOH C 3 .   ? 5.643   -3.232  18.401  1.00 43.26 ? 628 HOH A O   1 
HETATM 1412 O  O   . HOH C 3 .   ? -2.972  -14.408 4.898   1.00 27.14 ? 629 HOH A O   1 
HETATM 1413 O  O   . HOH C 3 .   ? 10.025  -0.090  -10.941 1.00 37.98 ? 630 HOH A O   1 
HETATM 1414 O  O   . HOH C 3 .   ? 16.189  2.526   -2.979  1.00 34.19 ? 631 HOH A O   1 
HETATM 1415 O  O   . HOH C 3 .   ? 17.756  -2.982  6.482   1.00 36.01 ? 632 HOH A O   1 
HETATM 1416 O  O   . HOH C 3 .   ? -9.866  -11.709 -9.719  1.00 39.09 ? 633 HOH A O   1 
HETATM 1417 O  O   . HOH C 3 .   ? -2.095  12.231  0.545   1.00 43.08 ? 634 HOH A O   1 
HETATM 1418 O  O   . HOH C 3 .   ? -20.533 6.021   -4.162  1.00 48.59 ? 635 HOH A O   1 
HETATM 1419 O  O   . HOH C 3 .   ? -5.472  -19.668 -4.044  1.00 43.29 ? 636 HOH A O   1 
HETATM 1420 O  O   . HOH C 3 .   ? 3.135   -14.619 9.098   1.00 30.84 ? 637 HOH A O   1 
HETATM 1421 O  O   . HOH C 3 .   ? 8.535   -3.128  17.961  1.00 40.04 ? 638 HOH A O   1 
HETATM 1422 O  O   . HOH C 3 .   ? -14.711 -9.370  -7.935  1.00 36.71 ? 639 HOH A O   1 
HETATM 1423 O  O   . HOH C 3 .   ? -2.190  -20.025 -4.720  1.00 27.63 ? 640 HOH A O   1 
HETATM 1424 O  O   . HOH C 3 .   ? 16.251  -3.465  -9.045  1.00 49.66 ? 641 HOH A O   1 
HETATM 1425 O  O   . HOH C 3 .   ? -7.354  -4.097  -14.047 1.00 43.84 ? 642 HOH A O   1 
HETATM 1426 O  O   . HOH C 3 .   ? 9.417   -0.535  20.458  1.00 45.00 ? 643 HOH A O   1 
HETATM 1427 O  O   . HOH C 3 .   ? -17.286 -4.222  9.087   1.00 40.39 ? 644 HOH A O   1 
HETATM 1428 O  O   . HOH C 3 .   ? 7.578   -14.254 11.370  1.00 47.00 ? 645 HOH A O   1 
HETATM 1429 O  O   . HOH C 3 .   ? -0.690  -18.240 -0.466  1.00 38.74 ? 646 HOH A O   1 
HETATM 1430 O  O   . HOH C 3 .   ? 5.403   6.479   18.917  1.00 41.25 ? 647 HOH A O   1 
HETATM 1431 O  O   . HOH C 3 .   ? -5.839  12.901  6.327   1.00 40.62 ? 648 HOH A O   1 
HETATM 1432 O  O   . HOH C 3 .   ? -25.969 -5.059  -5.731  1.00 43.74 ? 649 HOH A O   1 
HETATM 1433 O  O   . HOH C 3 .   ? -2.239  17.798  -11.366 1.00 28.54 ? 650 HOH A O   1 
HETATM 1434 O  O   . HOH C 3 .   ? -11.750 -4.315  13.596  1.00 31.76 ? 651 HOH A O   1 
HETATM 1435 O  O   . HOH C 3 .   ? 7.058   0.957   -13.078 1.00 41.43 ? 652 HOH A O   1 
HETATM 1436 O  O   . HOH C 3 .   ? -3.234  -19.651 -1.979  1.00 38.72 ? 653 HOH A O   1 
HETATM 1437 O  O   . HOH C 3 .   ? -2.242  14.506  4.729   1.00 34.62 ? 654 HOH A O   1 
HETATM 1438 O  O   . HOH C 3 .   ? 6.333   8.637   17.338  1.00 34.37 ? 655 HOH A O   1 
HETATM 1439 O  O   . HOH C 3 .   ? -16.165 -6.715  -14.481 1.00 30.08 ? 656 HOH A O   1 
# 
